data_8S9H
#
_entry.id   8S9H
#
_cell.length_a   98.180
_cell.length_b   138.880
_cell.length_c   149.350
_cell.angle_alpha   90.00
_cell.angle_beta   90.00
_cell.angle_gamma   90.00
#
_symmetry.space_group_name_H-M   'P 21 21 21'
#
loop_
_entity.id
_entity.type
_entity.pdbx_description
1 polymer 'Toll-like receptor 7'
2 branched beta-D-mannopyranose-(1-4)-2-acetamido-2-deoxy-beta-D-glucopyranose-(1-4)-2-acetamido-2-deoxy-beta-D-glucopyranose
3 branched 2-acetamido-2-deoxy-beta-D-glucopyranose-(1-4)-2-acetamido-2-deoxy-beta-D-glucopyranose
4 non-polymer 2-acetamido-2-deoxy-beta-D-glucopyranose
5 non-polymer (3S)-3-{[5-amino-1-({3-methoxy-5-[1-(oxan-4-yl)piperidin-4-yl]pyridin-2-yl}methyl)-1H-pyrazolo[4,3-d]pyrimidin-7-yl]amino}hexan-1-ol
6 non-polymer 'SULFATE ION'
7 water water
#
_entity_poly.entity_id   1
_entity_poly.type   'polypeptide(L)'
_entity_poly.pdbx_seq_one_letter_code
;RSPWARWFPKTLPCDVTLDVSKNHVIVDCTDKHLTEIPGGIPTNTTNLTLTINHIPDISPASFHRLVHLVEIDFRCNCVP
IRLGSKSNMCPRRLQIKPRSFSGLTYLKSLYLDGNQLLEIPQGLPPSLQLLSLEANNIFSIRKEQLTELANIEILYLGQN
CYYRNPCYVSYSIEKDAFLNLTKLKVLSLKDNNVTTVPTVLPSTLTELYLYNNMIAEIQEDDFNNLNQLQILDLSGNCPR
CYNAPFPCTPCKNNSPLQIPVNAFDALTELKVLRLHSNSLQHVPPRWFKNINNLQELDLSQNFLAKEIGDAKFLHFLPNL
IQLDLSFNFELQVYRASMNLSQAFSSLKSLKILRIRGYVFKELKSFQLSPLHNLQNLEVLDLGTNFIKIANLSMFKQFKR
LKVIDLSVNKISPSGDSSEVGFCSNARTSVESYEPQVLEQLYYFRYDKYARSCRFKNKEASFTSVQESCYKYGQTLDLSK
NSIFFIKSSDFQHLSFLKCLNLSGNLISQTLNGSEFQPLAELRYLDFSNNRLDLLHSTAFEELRKLEVLDISSNSHYFQS
EGITHMLNFTKNLKVLQKLMMNDNDISSSTSRTMESESLRTLEFRGNHLDVLWRDGDNRYLQLFKNLLKLEELDISKNSL
SFLPSGVFDGMPPNLKNLSLAKNGLKSFIWEKLRYLKNLETLDLSHNQLTTVPERLSNCSRSLKNLILKNNQIRSLTKYF
LQDAFQLRYLDLSSNKIQMIQKTSFPENVLNNLKMLLLHHNRFLCTCDAVWFVWWVQHTEVTIPYLATDVTCVGPGAHKG
QSVISLDLYTCELDLTN
;
_entity_poly.pdbx_strand_id   A,B
#
# COMPACT_ATOMS: atom_id res chain seq x y z
N ALA A 5 -20.26 25.53 -31.67
CA ALA A 5 -20.76 24.63 -32.69
C ALA A 5 -22.25 24.28 -32.46
N ARG A 6 -22.63 23.91 -31.21
CA ARG A 6 -24.02 23.59 -30.89
C ARG A 6 -24.81 24.89 -30.73
N TRP A 7 -26.04 24.93 -31.24
CA TRP A 7 -26.90 26.09 -31.10
C TRP A 7 -27.70 26.03 -29.79
N PHE A 8 -28.14 24.82 -29.39
CA PHE A 8 -28.89 24.60 -28.16
C PHE A 8 -28.09 23.72 -27.19
N PRO A 9 -27.65 24.19 -25.99
CA PRO A 9 -26.88 23.30 -25.10
C PRO A 9 -27.69 22.15 -24.50
N LYS A 10 -27.07 20.98 -24.34
CA LYS A 10 -27.71 19.81 -23.76
C LYS A 10 -27.66 19.94 -22.23
N THR A 11 -28.77 20.38 -21.62
CA THR A 11 -28.85 20.58 -20.16
C THR A 11 -29.36 19.34 -19.40
N LEU A 12 -29.81 18.27 -20.10
CA LEU A 12 -30.32 17.08 -19.43
C LEU A 12 -29.19 16.38 -18.64
N PRO A 13 -29.43 15.89 -17.39
CA PRO A 13 -28.34 15.23 -16.66
C PRO A 13 -28.06 13.78 -17.05
N CYS A 14 -28.42 13.37 -18.30
CA CYS A 14 -28.24 12.00 -18.77
C CYS A 14 -27.46 11.98 -20.08
N ASP A 15 -26.73 10.88 -20.32
CA ASP A 15 -25.96 10.71 -21.56
C ASP A 15 -26.92 10.21 -22.63
N VAL A 16 -27.14 11.01 -23.69
CA VAL A 16 -28.05 10.64 -24.78
C VAL A 16 -27.24 10.15 -25.99
N THR A 17 -27.31 8.84 -26.28
CA THR A 17 -26.60 8.21 -27.40
C THR A 17 -27.65 7.84 -28.46
N LEU A 18 -27.37 8.14 -29.73
CA LEU A 18 -28.28 7.82 -30.84
C LEU A 18 -27.71 6.64 -31.63
N ASP A 19 -28.56 5.66 -31.97
CA ASP A 19 -28.15 4.49 -32.73
C ASP A 19 -29.17 4.30 -33.86
N VAL A 20 -28.97 5.03 -34.97
CA VAL A 20 -29.87 5.00 -36.12
C VAL A 20 -29.91 3.62 -36.81
N SER A 21 -28.88 2.76 -36.62
CA SER A 21 -28.85 1.43 -37.22
C SER A 21 -29.95 0.53 -36.61
N LYS A 22 -29.98 0.38 -35.26
CA LYS A 22 -31.01 -0.39 -34.57
C LYS A 22 -32.20 0.49 -34.11
N ASN A 23 -32.28 1.76 -34.58
CA ASN A 23 -33.32 2.73 -34.26
C ASN A 23 -33.55 2.91 -32.75
N HIS A 24 -32.46 3.02 -31.97
CA HIS A 24 -32.55 3.20 -30.53
C HIS A 24 -32.00 4.55 -30.08
N VAL A 25 -32.85 5.37 -29.43
CA VAL A 25 -32.46 6.66 -28.84
C VAL A 25 -32.30 6.32 -27.36
N ILE A 26 -31.05 6.12 -26.91
CA ILE A 26 -30.75 5.69 -25.55
C ILE A 26 -30.46 6.89 -24.63
N VAL A 27 -31.17 6.95 -23.48
CA VAL A 27 -30.99 7.99 -22.48
C VAL A 27 -30.50 7.28 -21.21
N ASP A 28 -29.23 7.48 -20.82
CA ASP A 28 -28.63 6.81 -19.67
C ASP A 28 -28.44 7.78 -18.48
N CYS A 29 -29.27 7.60 -17.42
CA CYS A 29 -29.24 8.41 -16.21
C CYS A 29 -28.71 7.57 -15.03
N THR A 30 -27.74 6.68 -15.27
CA THR A 30 -27.20 5.83 -14.21
C THR A 30 -26.37 6.64 -13.21
N ASP A 31 -26.70 6.52 -11.91
CA ASP A 31 -26.01 7.20 -10.81
C ASP A 31 -25.84 8.70 -11.04
N LYS A 32 -26.96 9.43 -11.14
CA LYS A 32 -26.93 10.88 -11.36
C LYS A 32 -27.64 11.64 -10.21
N HIS A 33 -27.75 11.02 -9.00
CA HIS A 33 -28.34 11.61 -7.79
C HIS A 33 -29.65 12.35 -8.06
N LEU A 34 -30.59 11.67 -8.73
CA LEU A 34 -31.87 12.26 -9.13
C LEU A 34 -32.99 11.88 -8.16
N THR A 35 -33.74 12.89 -7.68
CA THR A 35 -34.91 12.69 -6.83
C THR A 35 -36.23 12.71 -7.66
N GLU A 36 -36.17 13.10 -8.95
CA GLU A 36 -37.30 13.14 -9.88
C GLU A 36 -36.80 12.70 -11.27
N ILE A 37 -37.72 12.25 -12.14
CA ILE A 37 -37.36 11.89 -13.51
C ILE A 37 -37.10 13.23 -14.23
N PRO A 38 -35.90 13.51 -14.80
CA PRO A 38 -35.66 14.84 -15.37
C PRO A 38 -36.55 15.22 -16.54
N GLY A 39 -36.87 16.51 -16.63
CA GLY A 39 -37.69 17.03 -17.71
C GLY A 39 -36.90 17.17 -19.00
N GLY A 40 -37.60 17.17 -20.11
CA GLY A 40 -36.97 17.31 -21.42
C GLY A 40 -36.31 16.06 -21.95
N ILE A 41 -36.78 14.86 -21.55
CA ILE A 41 -36.23 13.60 -22.09
C ILE A 41 -36.75 13.48 -23.54
N PRO A 42 -35.91 13.15 -24.56
CA PRO A 42 -36.44 13.09 -25.94
C PRO A 42 -37.69 12.25 -26.12
N THR A 43 -38.64 12.72 -26.95
CA THR A 43 -39.89 12.00 -27.21
C THR A 43 -39.62 10.65 -27.90
N ASN A 44 -38.58 10.55 -28.74
CA ASN A 44 -38.24 9.30 -29.43
C ASN A 44 -37.40 8.36 -28.57
N THR A 45 -37.34 8.53 -27.23
CA THR A 45 -36.55 7.67 -26.35
C THR A 45 -37.08 6.25 -26.33
N THR A 46 -36.22 5.28 -26.65
CA THR A 46 -36.56 3.85 -26.67
C THR A 46 -36.02 3.18 -25.41
N ASN A 47 -34.74 3.40 -25.09
CA ASN A 47 -34.08 2.82 -23.92
C ASN A 47 -33.79 3.88 -22.86
N LEU A 48 -34.62 3.93 -21.79
CA LEU A 48 -34.45 4.89 -20.70
C LEU A 48 -33.95 4.14 -19.46
N THR A 49 -32.80 4.54 -18.91
CA THR A 49 -32.21 3.91 -17.73
C THR A 49 -32.12 4.91 -16.59
N LEU A 50 -32.71 4.57 -15.44
CA LEU A 50 -32.69 5.41 -14.23
C LEU A 50 -32.19 4.57 -13.05
N THR A 51 -31.09 3.82 -13.27
CA THR A 51 -30.51 2.94 -12.26
C THR A 51 -29.68 3.75 -11.26
N ILE A 52 -29.76 3.39 -9.95
CA ILE A 52 -29.05 4.05 -8.84
C ILE A 52 -29.46 5.52 -8.76
N ASN A 53 -30.67 5.76 -8.24
CA ASN A 53 -31.24 7.10 -8.06
C ASN A 53 -32.21 7.07 -6.85
N HIS A 54 -32.75 8.23 -6.43
CA HIS A 54 -33.66 8.28 -5.30
C HIS A 54 -35.01 8.86 -5.72
N ILE A 55 -35.60 8.30 -6.79
CA ILE A 55 -36.90 8.74 -7.29
C ILE A 55 -37.93 7.99 -6.43
N PRO A 56 -38.78 8.67 -5.61
CA PRO A 56 -39.68 7.92 -4.72
C PRO A 56 -40.92 7.29 -5.33
N ASP A 57 -41.36 7.73 -6.53
CA ASP A 57 -42.58 7.18 -7.11
C ASP A 57 -42.62 7.21 -8.64
N ILE A 58 -43.43 6.30 -9.22
CA ILE A 58 -43.69 6.20 -10.65
C ILE A 58 -45.21 6.42 -10.82
N SER A 59 -45.60 7.30 -11.75
CA SER A 59 -47.01 7.64 -12.00
C SER A 59 -47.28 7.83 -13.52
N PRO A 60 -48.54 7.95 -14.02
CA PRO A 60 -48.72 8.15 -15.48
C PRO A 60 -47.99 9.38 -16.04
N ALA A 61 -47.66 10.36 -15.19
CA ALA A 61 -46.90 11.55 -15.61
C ALA A 61 -45.42 11.24 -15.90
N SER A 62 -44.87 10.16 -15.31
CA SER A 62 -43.47 9.75 -15.48
C SER A 62 -43.09 9.44 -16.94
N PHE A 63 -43.93 8.68 -17.66
CA PHE A 63 -43.66 8.32 -19.06
C PHE A 63 -44.86 8.74 -19.93
N HIS A 64 -45.39 9.94 -19.68
CA HIS A 64 -46.57 10.47 -20.39
C HIS A 64 -46.30 10.71 -21.89
N ARG A 65 -45.21 11.41 -22.22
CA ARG A 65 -44.86 11.75 -23.61
C ARG A 65 -43.95 10.70 -24.27
N LEU A 66 -43.32 9.81 -23.48
CA LEU A 66 -42.36 8.84 -24.00
C LEU A 66 -43.07 7.55 -24.46
N VAL A 67 -44.05 7.70 -25.36
CA VAL A 67 -44.83 6.54 -25.85
C VAL A 67 -44.01 5.53 -26.68
N HIS A 68 -42.82 5.92 -27.19
CA HIS A 68 -42.00 5.01 -27.99
C HIS A 68 -41.02 4.18 -27.12
N LEU A 69 -41.26 4.06 -25.80
CA LEU A 69 -40.35 3.31 -24.93
C LEU A 69 -40.41 1.81 -25.14
N VAL A 70 -39.26 1.19 -25.45
CA VAL A 70 -39.12 -0.27 -25.60
C VAL A 70 -38.47 -0.91 -24.34
N GLU A 71 -37.80 -0.10 -23.48
CA GLU A 71 -37.15 -0.61 -22.27
C GLU A 71 -37.08 0.48 -21.20
N ILE A 72 -37.43 0.13 -19.95
CA ILE A 72 -37.32 1.01 -18.79
C ILE A 72 -36.44 0.24 -17.82
N ASP A 73 -35.26 0.78 -17.49
CA ASP A 73 -34.35 0.14 -16.55
C ASP A 73 -34.33 0.99 -15.28
N PHE A 74 -35.37 0.83 -14.44
CA PHE A 74 -35.58 1.57 -13.20
C PHE A 74 -35.11 0.72 -12.00
N ARG A 75 -33.84 0.30 -12.02
CA ARG A 75 -33.28 -0.53 -10.96
C ARG A 75 -32.66 0.27 -9.81
N CYS A 76 -32.59 -0.37 -8.62
CA CYS A 76 -31.95 0.13 -7.42
C CYS A 76 -32.26 1.58 -7.06
N ASN A 77 -33.56 1.90 -6.96
CA ASN A 77 -34.03 3.21 -6.51
C ASN A 77 -34.41 3.16 -5.01
N CYS A 78 -34.76 1.96 -4.48
CA CYS A 78 -35.01 1.73 -3.06
C CYS A 78 -34.46 0.34 -2.71
N VAL A 79 -33.17 0.13 -3.01
CA VAL A 79 -32.45 -1.14 -2.75
C VAL A 79 -32.63 -1.61 -1.27
N PRO A 80 -32.88 -2.92 -0.96
CA PRO A 80 -33.06 -3.30 0.46
C PRO A 80 -31.96 -2.83 1.39
N ILE A 81 -32.31 -2.49 2.65
CA ILE A 81 -31.39 -1.95 3.67
C ILE A 81 -30.03 -2.70 3.76
N ARG A 82 -30.02 -4.04 3.72
CA ARG A 82 -28.79 -4.83 3.83
C ARG A 82 -27.93 -4.83 2.56
N LEU A 83 -28.56 -4.77 1.37
CA LEU A 83 -27.84 -4.76 0.10
C LEU A 83 -27.35 -3.36 -0.31
N GLY A 84 -28.09 -2.33 0.06
CA GLY A 84 -27.77 -0.96 -0.31
C GLY A 84 -26.84 -0.21 0.63
N SER A 85 -26.62 1.07 0.31
CA SER A 85 -25.75 1.95 1.10
C SER A 85 -26.42 2.30 2.43
N LYS A 86 -25.59 2.59 3.45
CA LYS A 86 -26.05 2.95 4.79
C LYS A 86 -26.02 4.47 5.02
N SER A 87 -25.18 5.21 4.27
CA SER A 87 -25.14 6.67 4.37
C SER A 87 -26.42 7.28 3.79
N ASN A 88 -26.92 6.73 2.67
CA ASN A 88 -28.15 7.21 2.05
C ASN A 88 -29.12 6.02 1.93
N MET A 89 -29.72 5.63 3.06
CA MET A 89 -30.69 4.53 3.10
C MET A 89 -32.04 5.00 2.55
N CYS A 90 -32.80 4.08 1.96
CA CYS A 90 -34.11 4.42 1.39
C CYS A 90 -35.14 4.59 2.52
N PRO A 91 -35.87 5.72 2.61
CA PRO A 91 -36.86 5.86 3.70
C PRO A 91 -38.14 5.04 3.51
N ARG A 92 -38.69 5.02 2.29
CA ARG A 92 -39.93 4.29 1.98
C ARG A 92 -39.78 3.54 0.64
N ARG A 93 -40.50 2.41 0.50
CA ARG A 93 -40.46 1.61 -0.73
C ARG A 93 -41.00 2.37 -1.94
N LEU A 94 -40.60 1.96 -3.16
CA LEU A 94 -41.02 2.61 -4.39
C LEU A 94 -42.54 2.47 -4.56
N GLN A 95 -43.24 3.59 -4.81
CA GLN A 95 -44.69 3.61 -4.98
C GLN A 95 -45.03 3.72 -6.47
N ILE A 96 -45.65 2.66 -7.04
CA ILE A 96 -46.07 2.68 -8.44
C ILE A 96 -47.58 2.92 -8.46
N LYS A 97 -48.02 4.10 -8.92
CA LYS A 97 -49.46 4.42 -8.98
C LYS A 97 -50.15 3.71 -10.17
N PRO A 98 -51.49 3.51 -10.19
CA PRO A 98 -52.11 2.79 -11.33
C PRO A 98 -51.95 3.50 -12.68
N ARG A 99 -52.08 2.72 -13.77
CA ARG A 99 -51.96 3.19 -15.16
C ARG A 99 -50.61 3.85 -15.47
N SER A 100 -49.52 3.35 -14.86
CA SER A 100 -48.18 3.89 -15.06
C SER A 100 -47.53 3.33 -16.33
N PHE A 101 -47.68 2.03 -16.59
CA PHE A 101 -47.09 1.36 -17.75
C PHE A 101 -48.12 0.92 -18.81
N SER A 102 -49.44 1.00 -18.52
CA SER A 102 -50.47 0.55 -19.46
C SER A 102 -50.47 1.34 -20.79
N GLY A 103 -50.16 2.62 -20.75
CA GLY A 103 -50.13 3.45 -21.95
C GLY A 103 -48.93 3.22 -22.87
N LEU A 104 -47.89 2.53 -22.39
CA LEU A 104 -46.68 2.26 -23.17
C LEU A 104 -46.85 0.96 -23.94
N THR A 105 -47.55 1.02 -25.07
CA THR A 105 -47.86 -0.17 -25.88
C THR A 105 -46.65 -0.81 -26.59
N TYR A 106 -45.46 -0.15 -26.61
CA TYR A 106 -44.25 -0.71 -27.25
C TYR A 106 -43.22 -1.25 -26.22
N LEU A 107 -43.55 -1.29 -24.92
CA LEU A 107 -42.61 -1.72 -23.88
C LEU A 107 -42.33 -3.23 -23.96
N LYS A 108 -41.06 -3.61 -24.21
CA LYS A 108 -40.61 -5.00 -24.32
C LYS A 108 -39.83 -5.46 -23.09
N SER A 109 -39.12 -4.56 -22.38
CA SER A 109 -38.34 -4.92 -21.20
C SER A 109 -38.60 -3.93 -20.06
N LEU A 110 -38.67 -4.45 -18.83
CA LEU A 110 -38.90 -3.62 -17.65
C LEU A 110 -38.17 -4.22 -16.46
N TYR A 111 -37.13 -3.53 -15.96
CA TYR A 111 -36.37 -3.97 -14.81
C TYR A 111 -36.76 -3.09 -13.62
N LEU A 112 -37.40 -3.67 -12.60
CA LEU A 112 -37.78 -2.96 -11.38
C LEU A 112 -37.14 -3.67 -10.18
N ASP A 113 -35.85 -4.00 -10.30
CA ASP A 113 -35.08 -4.71 -9.28
C ASP A 113 -34.62 -3.75 -8.19
N GLY A 114 -34.44 -4.27 -6.98
CA GLY A 114 -33.97 -3.50 -5.85
C GLY A 114 -34.79 -2.27 -5.55
N ASN A 115 -36.10 -2.43 -5.37
CA ASN A 115 -37.01 -1.32 -5.08
C ASN A 115 -37.96 -1.60 -3.88
N GLN A 116 -37.78 -2.73 -3.16
CA GLN A 116 -38.61 -3.12 -2.02
C GLN A 116 -40.11 -3.19 -2.35
N LEU A 117 -40.46 -3.66 -3.56
CA LEU A 117 -41.86 -3.77 -3.97
C LEU A 117 -42.47 -4.98 -3.26
N LEU A 118 -43.68 -4.82 -2.70
CA LEU A 118 -44.34 -5.91 -1.98
C LEU A 118 -45.10 -6.86 -2.90
N GLU A 119 -45.62 -6.36 -4.04
CA GLU A 119 -46.40 -7.16 -5.00
C GLU A 119 -45.90 -6.96 -6.44
N ILE A 120 -46.35 -7.81 -7.38
CA ILE A 120 -45.96 -7.70 -8.79
C ILE A 120 -46.69 -6.47 -9.36
N PRO A 121 -46.02 -5.47 -9.97
CA PRO A 121 -46.77 -4.31 -10.50
C PRO A 121 -47.84 -4.70 -11.52
N GLN A 122 -49.09 -4.28 -11.30
CA GLN A 122 -50.20 -4.58 -12.19
C GLN A 122 -50.42 -3.46 -13.22
N GLY A 123 -51.15 -3.77 -14.28
CA GLY A 123 -51.43 -2.82 -15.35
C GLY A 123 -50.26 -2.66 -16.32
N LEU A 124 -49.53 -3.76 -16.57
CA LEU A 124 -48.39 -3.74 -17.49
C LEU A 124 -48.90 -3.97 -18.93
N PRO A 125 -48.20 -3.50 -20.00
CA PRO A 125 -48.72 -3.70 -21.36
C PRO A 125 -48.62 -5.15 -21.86
N PRO A 126 -49.44 -5.58 -22.85
CA PRO A 126 -49.33 -6.97 -23.33
C PRO A 126 -48.11 -7.26 -24.19
N SER A 127 -47.35 -6.22 -24.62
CA SER A 127 -46.16 -6.39 -25.43
C SER A 127 -44.89 -6.69 -24.60
N LEU A 128 -44.99 -6.79 -23.26
CA LEU A 128 -43.81 -7.01 -22.42
C LEU A 128 -43.27 -8.43 -22.56
N GLN A 129 -41.99 -8.56 -22.93
CA GLN A 129 -41.29 -9.83 -23.12
C GLN A 129 -40.34 -10.15 -21.97
N LEU A 130 -39.84 -9.14 -21.23
CA LEU A 130 -38.92 -9.35 -20.10
C LEU A 130 -39.37 -8.52 -18.89
N LEU A 131 -39.44 -9.16 -17.71
CA LEU A 131 -39.82 -8.49 -16.47
C LEU A 131 -38.89 -8.99 -15.36
N SER A 132 -38.11 -8.09 -14.75
CA SER A 132 -37.18 -8.45 -13.68
C SER A 132 -37.62 -7.77 -12.40
N LEU A 133 -37.80 -8.55 -11.32
CA LEU A 133 -38.23 -8.07 -10.01
C LEU A 133 -37.34 -8.67 -8.91
N GLU A 134 -36.01 -8.69 -9.13
CA GLU A 134 -35.07 -9.22 -8.14
C GLU A 134 -34.87 -8.23 -6.98
N ALA A 135 -34.37 -8.72 -5.83
CA ALA A 135 -34.11 -7.90 -4.64
C ALA A 135 -35.30 -7.03 -4.20
N ASN A 136 -36.50 -7.62 -4.19
CA ASN A 136 -37.75 -6.97 -3.77
C ASN A 136 -38.37 -7.80 -2.59
N ASN A 137 -39.58 -7.46 -2.12
CA ASN A 137 -40.24 -8.20 -1.05
C ASN A 137 -41.50 -8.91 -1.58
N ILE A 138 -41.36 -9.61 -2.72
CA ILE A 138 -42.45 -10.37 -3.35
C ILE A 138 -42.15 -11.84 -3.05
N PHE A 139 -42.84 -12.43 -2.06
CA PHE A 139 -42.62 -13.81 -1.64
C PHE A 139 -43.90 -14.67 -1.67
N SER A 140 -44.85 -14.31 -2.56
CA SER A 140 -46.10 -15.04 -2.74
C SER A 140 -46.60 -14.82 -4.17
N ILE A 141 -46.48 -15.84 -5.02
CA ILE A 141 -46.86 -15.78 -6.43
C ILE A 141 -48.25 -16.39 -6.61
N ARG A 142 -49.22 -15.59 -7.09
CA ARG A 142 -50.58 -16.04 -7.33
C ARG A 142 -50.90 -15.98 -8.83
N LYS A 143 -51.73 -16.93 -9.30
CA LYS A 143 -52.10 -17.05 -10.72
C LYS A 143 -52.78 -15.79 -11.27
N GLU A 144 -53.64 -15.13 -10.46
CA GLU A 144 -54.33 -13.91 -10.87
C GLU A 144 -53.35 -12.75 -11.14
N GLN A 145 -52.25 -12.68 -10.37
CA GLN A 145 -51.25 -11.61 -10.54
C GLN A 145 -50.45 -11.79 -11.85
N LEU A 146 -50.32 -13.04 -12.36
CA LEU A 146 -49.60 -13.35 -13.59
C LEU A 146 -50.50 -13.33 -14.85
N THR A 147 -51.81 -13.03 -14.73
CA THR A 147 -52.69 -13.00 -15.91
C THR A 147 -52.27 -11.94 -16.92
N GLU A 148 -51.84 -10.75 -16.45
CA GLU A 148 -51.36 -9.68 -17.31
C GLU A 148 -50.08 -10.04 -18.11
N LEU A 149 -49.31 -11.04 -17.66
CA LEU A 149 -48.04 -11.42 -18.29
C LEU A 149 -48.23 -12.53 -19.34
N ALA A 150 -49.35 -12.50 -20.10
CA ALA A 150 -49.65 -13.52 -21.11
C ALA A 150 -48.53 -13.77 -22.13
N ASN A 151 -47.87 -12.72 -22.62
CA ASN A 151 -46.80 -12.87 -23.63
C ASN A 151 -45.39 -12.69 -23.08
N ILE A 152 -45.16 -12.94 -21.77
CA ILE A 152 -43.82 -12.78 -21.18
C ILE A 152 -42.93 -13.97 -21.59
N GLU A 153 -41.66 -13.69 -21.89
CA GLU A 153 -40.68 -14.70 -22.30
C GLU A 153 -39.58 -14.88 -21.25
N ILE A 154 -39.17 -13.79 -20.58
CA ILE A 154 -38.12 -13.85 -19.56
C ILE A 154 -38.68 -13.23 -18.28
N LEU A 155 -38.54 -13.91 -17.13
CA LEU A 155 -39.10 -13.45 -15.86
C LEU A 155 -38.17 -13.79 -14.69
N TYR A 156 -37.50 -12.78 -14.11
CA TYR A 156 -36.60 -12.98 -12.96
C TYR A 156 -37.32 -12.57 -11.68
N LEU A 157 -37.51 -13.51 -10.74
CA LEU A 157 -38.16 -13.24 -9.45
C LEU A 157 -37.26 -13.61 -8.24
N GLY A 158 -35.96 -13.82 -8.46
CA GLY A 158 -35.04 -14.23 -7.40
C GLY A 158 -34.59 -13.14 -6.46
N GLN A 159 -33.84 -13.54 -5.41
CA GLN A 159 -33.29 -12.64 -4.39
C GLN A 159 -34.36 -11.86 -3.61
N ASN A 160 -35.57 -12.43 -3.48
CA ASN A 160 -36.67 -11.81 -2.76
C ASN A 160 -36.82 -12.32 -1.31
N CYS A 161 -36.16 -13.45 -0.96
CA CYS A 161 -36.21 -13.98 0.40
C CYS A 161 -34.96 -14.83 0.70
N TYR A 162 -33.88 -14.18 1.12
CA TYR A 162 -32.62 -14.83 1.48
C TYR A 162 -31.88 -14.04 2.59
N TYR A 163 -30.68 -14.48 3.06
CA TYR A 163 -30.01 -13.81 4.19
C TYR A 163 -29.80 -12.29 4.00
N ARG A 164 -29.48 -11.82 2.77
CA ARG A 164 -29.29 -10.39 2.50
C ARG A 164 -30.62 -9.62 2.34
N ASN A 165 -31.75 -10.31 2.16
CA ASN A 165 -33.07 -9.68 1.99
C ASN A 165 -34.14 -10.65 2.52
N PRO A 166 -34.26 -10.85 3.85
CA PRO A 166 -35.23 -11.85 4.35
C PRO A 166 -36.70 -11.50 4.28
N CYS A 167 -37.53 -12.55 4.22
CA CYS A 167 -39.00 -12.47 4.25
C CYS A 167 -39.58 -13.19 5.50
N TYR A 168 -38.75 -13.98 6.24
CA TYR A 168 -39.09 -14.68 7.48
C TYR A 168 -40.16 -15.79 7.33
N VAL A 169 -40.63 -16.06 6.10
CA VAL A 169 -41.61 -17.12 5.81
C VAL A 169 -41.16 -17.88 4.53
N SER A 170 -41.71 -19.09 4.29
CA SER A 170 -41.38 -19.84 3.09
C SER A 170 -41.99 -19.17 1.86
N TYR A 171 -41.34 -19.33 0.69
CA TYR A 171 -41.85 -18.75 -0.55
C TYR A 171 -43.06 -19.55 -0.98
N SER A 172 -44.18 -18.88 -1.30
CA SER A 172 -45.41 -19.53 -1.71
C SER A 172 -45.65 -19.32 -3.20
N ILE A 173 -46.01 -20.39 -3.92
CA ILE A 173 -46.34 -20.33 -5.34
C ILE A 173 -47.64 -21.10 -5.50
N GLU A 174 -48.69 -20.48 -6.05
CA GLU A 174 -49.98 -21.14 -6.25
C GLU A 174 -49.82 -22.25 -7.32
N LYS A 175 -50.63 -23.32 -7.24
CA LYS A 175 -50.53 -24.42 -8.20
C LYS A 175 -50.87 -23.91 -9.61
N ASP A 176 -50.06 -24.30 -10.61
CA ASP A 176 -50.21 -23.89 -12.02
C ASP A 176 -50.17 -22.36 -12.19
N ALA A 177 -49.31 -21.65 -11.43
CA ALA A 177 -49.23 -20.19 -11.53
C ALA A 177 -48.63 -19.76 -12.88
N PHE A 178 -47.52 -20.39 -13.30
CA PHE A 178 -46.84 -20.07 -14.56
C PHE A 178 -47.33 -20.93 -15.74
N LEU A 179 -48.26 -21.89 -15.54
CA LEU A 179 -48.72 -22.79 -16.59
C LEU A 179 -49.33 -22.09 -17.81
N ASN A 180 -50.21 -21.10 -17.61
CA ASN A 180 -50.85 -20.40 -18.73
C ASN A 180 -49.95 -19.35 -19.42
N LEU A 181 -48.67 -19.23 -19.01
CA LEU A 181 -47.74 -18.31 -19.65
C LEU A 181 -47.13 -19.12 -20.80
N THR A 182 -47.87 -19.18 -21.92
CA THR A 182 -47.54 -20.01 -23.09
C THR A 182 -46.29 -19.60 -23.88
N LYS A 183 -45.63 -18.48 -23.54
CA LYS A 183 -44.39 -18.04 -24.20
C LYS A 183 -43.19 -17.96 -23.24
N LEU A 184 -43.35 -18.36 -21.96
CA LEU A 184 -42.29 -18.27 -20.95
C LEU A 184 -41.11 -19.19 -21.23
N LYS A 185 -39.98 -18.61 -21.66
CA LYS A 185 -38.75 -19.34 -21.96
C LYS A 185 -37.80 -19.37 -20.76
N VAL A 186 -37.55 -18.23 -20.11
CA VAL A 186 -36.63 -18.16 -18.97
C VAL A 186 -37.39 -17.82 -17.68
N LEU A 187 -37.21 -18.63 -16.62
CA LEU A 187 -37.81 -18.40 -15.31
C LEU A 187 -36.74 -18.62 -14.25
N SER A 188 -36.61 -17.68 -13.31
CA SER A 188 -35.60 -17.77 -12.25
C SER A 188 -36.21 -17.45 -10.89
N LEU A 189 -36.30 -18.46 -10.02
CA LEU A 189 -36.79 -18.33 -8.64
C LEU A 189 -35.62 -18.62 -7.67
N LYS A 190 -34.42 -18.11 -8.00
CA LYS A 190 -33.22 -18.32 -7.19
C LYS A 190 -33.26 -17.52 -5.90
N ASP A 191 -32.51 -17.95 -4.86
CA ASP A 191 -32.37 -17.24 -3.58
C ASP A 191 -33.72 -16.73 -3.03
N ASN A 192 -34.74 -17.62 -2.92
CA ASN A 192 -36.10 -17.25 -2.52
C ASN A 192 -36.74 -18.06 -1.37
N ASN A 193 -36.05 -19.03 -0.74
CA ASN A 193 -36.64 -19.83 0.35
C ASN A 193 -37.79 -20.72 -0.20
N VAL A 194 -37.60 -21.27 -1.42
CA VAL A 194 -38.59 -22.12 -2.10
C VAL A 194 -38.45 -23.54 -1.57
N THR A 195 -39.58 -24.17 -1.13
CA THR A 195 -39.55 -25.52 -0.55
C THR A 195 -39.79 -26.65 -1.57
N THR A 196 -40.61 -26.43 -2.60
CA THR A 196 -40.88 -27.46 -3.63
C THR A 196 -40.78 -26.86 -5.03
N VAL A 197 -40.51 -27.71 -6.04
CA VAL A 197 -40.42 -27.24 -7.43
C VAL A 197 -41.85 -26.86 -7.87
N PRO A 198 -42.13 -25.61 -8.33
CA PRO A 198 -43.51 -25.26 -8.69
C PRO A 198 -44.00 -26.07 -9.89
N THR A 199 -45.21 -26.62 -9.80
CA THR A 199 -45.81 -27.42 -10.87
C THR A 199 -47.26 -26.94 -11.14
N VAL A 200 -47.81 -27.01 -12.38
CA VAL A 200 -47.18 -27.50 -13.62
C VAL A 200 -46.55 -26.29 -14.32
N LEU A 201 -45.27 -26.37 -14.66
CA LEU A 201 -44.60 -25.27 -15.36
C LEU A 201 -44.90 -25.34 -16.88
N PRO A 202 -44.80 -24.23 -17.67
CA PRO A 202 -45.11 -24.34 -19.10
C PRO A 202 -44.05 -25.11 -19.88
N SER A 203 -44.47 -25.94 -20.84
CA SER A 203 -43.56 -26.77 -21.65
C SER A 203 -42.53 -25.98 -22.46
N THR A 204 -42.84 -24.72 -22.82
CA THR A 204 -41.93 -23.89 -23.61
C THR A 204 -40.69 -23.36 -22.83
N LEU A 205 -40.44 -23.79 -21.57
CA LEU A 205 -39.27 -23.31 -20.82
C LEU A 205 -37.95 -23.83 -21.40
N THR A 206 -37.00 -22.92 -21.66
CA THR A 206 -35.65 -23.21 -22.15
C THR A 206 -34.63 -23.11 -20.99
N GLU A 207 -34.85 -22.24 -20.00
CA GLU A 207 -33.93 -22.07 -18.86
C GLU A 207 -34.73 -21.99 -17.56
N LEU A 208 -34.31 -22.76 -16.53
CA LEU A 208 -34.98 -22.77 -15.24
C LEU A 208 -33.92 -22.75 -14.14
N TYR A 209 -34.03 -21.78 -13.21
CA TYR A 209 -33.07 -21.60 -12.13
C TYR A 209 -33.78 -21.63 -10.77
N LEU A 210 -33.56 -22.69 -9.99
CA LEU A 210 -34.16 -22.86 -8.66
C LEU A 210 -33.05 -23.05 -7.62
N TYR A 211 -31.90 -22.35 -7.78
CA TYR A 211 -30.77 -22.53 -6.86
C TYR A 211 -30.83 -21.66 -5.61
N ASN A 212 -30.18 -22.15 -4.53
CA ASN A 212 -30.13 -21.53 -3.20
C ASN A 212 -31.53 -21.36 -2.62
N ASN A 213 -32.21 -22.49 -2.39
CA ASN A 213 -33.57 -22.57 -1.86
C ASN A 213 -33.67 -23.73 -0.82
N MET A 214 -34.85 -23.94 -0.19
CA MET A 214 -35.06 -25.03 0.77
C MET A 214 -35.73 -26.24 0.11
N ILE A 215 -35.40 -26.53 -1.16
CA ILE A 215 -35.98 -27.69 -1.84
C ILE A 215 -35.19 -28.89 -1.34
N ALA A 216 -35.83 -29.74 -0.52
CA ALA A 216 -35.18 -30.92 0.06
C ALA A 216 -35.35 -32.17 -0.82
N GLU A 217 -36.43 -32.24 -1.61
CA GLU A 217 -36.69 -33.41 -2.44
C GLU A 217 -37.37 -33.01 -3.74
N ILE A 218 -36.96 -33.64 -4.85
CA ILE A 218 -37.53 -33.43 -6.18
C ILE A 218 -38.48 -34.61 -6.43
N GLN A 219 -39.67 -34.33 -6.97
CA GLN A 219 -40.63 -35.38 -7.32
C GLN A 219 -40.37 -35.83 -8.76
N GLU A 220 -40.70 -37.08 -9.10
CA GLU A 220 -40.49 -37.60 -10.46
C GLU A 220 -41.31 -36.86 -11.54
N ASP A 221 -42.42 -36.19 -11.15
CA ASP A 221 -43.28 -35.45 -12.09
C ASP A 221 -42.85 -33.99 -12.31
N ASP A 222 -41.98 -33.42 -11.46
CA ASP A 222 -41.60 -32.00 -11.50
C ASP A 222 -41.15 -31.47 -12.88
N PHE A 223 -40.45 -32.29 -13.69
CA PHE A 223 -39.99 -31.85 -15.02
C PHE A 223 -40.47 -32.81 -16.13
N ASN A 224 -41.66 -33.40 -15.98
CA ASN A 224 -42.21 -34.35 -16.97
C ASN A 224 -42.66 -33.71 -18.29
N ASN A 225 -42.94 -32.40 -18.33
CA ASN A 225 -43.38 -31.75 -19.56
C ASN A 225 -42.40 -30.72 -20.11
N LEU A 226 -41.19 -30.58 -19.54
CA LEU A 226 -40.22 -29.59 -20.00
C LEU A 226 -39.32 -30.17 -21.10
N ASN A 227 -39.93 -30.60 -22.21
CA ASN A 227 -39.20 -31.18 -23.34
C ASN A 227 -38.27 -30.21 -24.10
N GLN A 228 -38.42 -28.88 -23.92
CA GLN A 228 -37.57 -27.89 -24.58
C GLN A 228 -36.54 -27.25 -23.62
N LEU A 229 -36.29 -27.86 -22.43
CA LEU A 229 -35.36 -27.28 -21.45
C LEU A 229 -33.90 -27.51 -21.83
N GLN A 230 -33.10 -26.43 -21.82
CA GLN A 230 -31.68 -26.44 -22.15
C GLN A 230 -30.82 -26.25 -20.90
N ILE A 231 -31.21 -25.34 -19.99
CA ILE A 231 -30.45 -25.07 -18.77
C ILE A 231 -31.31 -25.35 -17.53
N LEU A 232 -30.82 -26.21 -16.62
CA LEU A 232 -31.49 -26.52 -15.36
C LEU A 232 -30.47 -26.34 -14.24
N ASP A 233 -30.81 -25.55 -13.22
CA ASP A 233 -29.90 -25.27 -12.11
C ASP A 233 -30.63 -25.49 -10.77
N LEU A 234 -30.36 -26.64 -10.11
CA LEU A 234 -30.93 -26.96 -8.81
C LEU A 234 -29.85 -26.89 -7.72
N SER A 235 -28.86 -25.99 -7.85
CA SER A 235 -27.77 -25.85 -6.88
C SER A 235 -28.21 -25.27 -5.52
N GLY A 236 -27.36 -25.36 -4.51
CA GLY A 236 -27.64 -24.80 -3.19
C GLY A 236 -28.92 -25.27 -2.50
N ASN A 237 -29.34 -26.51 -2.74
CA ASN A 237 -30.52 -27.13 -2.14
C ASN A 237 -29.94 -28.29 -1.36
N CYS A 238 -29.95 -28.22 -0.02
CA CYS A 238 -29.24 -29.14 0.87
C CYS A 238 -27.74 -28.85 0.64
N PRO A 239 -27.25 -27.63 0.97
CA PRO A 239 -25.87 -27.28 0.62
C PRO A 239 -24.77 -27.86 1.51
N ARG A 240 -23.54 -27.89 0.97
CA ARG A 240 -22.34 -28.30 1.70
C ARG A 240 -21.88 -27.01 2.38
N CYS A 241 -21.94 -26.94 3.71
CA CYS A 241 -21.64 -25.73 4.46
C CYS A 241 -20.24 -25.62 5.04
N TYR A 242 -19.32 -26.58 4.77
CA TYR A 242 -17.98 -26.48 5.34
C TYR A 242 -17.24 -25.28 4.72
N ASN A 243 -16.80 -24.33 5.57
CA ASN A 243 -16.12 -23.07 5.20
C ASN A 243 -16.95 -22.20 4.25
N ALA A 244 -18.27 -22.15 4.45
CA ALA A 244 -19.13 -21.32 3.62
C ALA A 244 -18.97 -19.86 4.08
N PRO A 245 -18.63 -18.89 3.22
CA PRO A 245 -18.52 -17.49 3.68
C PRO A 245 -19.86 -16.74 3.71
N PHE A 246 -20.98 -17.47 3.90
CA PHE A 246 -22.32 -16.92 3.99
C PHE A 246 -23.17 -17.80 4.95
N PRO A 247 -24.27 -17.30 5.59
CA PRO A 247 -25.07 -18.19 6.44
C PRO A 247 -25.58 -19.40 5.66
N CYS A 248 -25.16 -20.60 6.07
CA CYS A 248 -25.46 -21.84 5.37
C CYS A 248 -26.11 -22.86 6.31
N THR A 249 -27.34 -23.29 5.99
CA THR A 249 -28.08 -24.27 6.78
C THR A 249 -28.20 -25.57 5.95
N PRO A 250 -27.50 -26.67 6.30
CA PRO A 250 -27.64 -27.90 5.49
C PRO A 250 -28.92 -28.66 5.79
N CYS A 251 -29.28 -29.62 4.93
CA CYS A 251 -30.47 -30.45 5.15
C CYS A 251 -30.22 -31.36 6.36
N LYS A 252 -31.30 -31.67 7.11
CA LYS A 252 -31.21 -32.51 8.30
C LYS A 252 -30.60 -33.88 8.01
N ASN A 253 -29.91 -34.45 9.02
CA ASN A 253 -29.26 -35.76 8.95
C ASN A 253 -28.20 -35.84 7.83
N ASN A 254 -27.62 -34.68 7.42
CA ASN A 254 -26.64 -34.58 6.32
C ASN A 254 -27.14 -35.26 5.03
N SER A 255 -28.48 -35.26 4.80
CA SER A 255 -29.05 -35.91 3.62
C SER A 255 -28.87 -35.04 2.37
N PRO A 256 -28.68 -35.64 1.18
CA PRO A 256 -28.55 -34.81 -0.04
C PRO A 256 -29.90 -34.40 -0.63
N LEU A 257 -29.88 -33.61 -1.73
CA LEU A 257 -31.10 -33.27 -2.46
C LEU A 257 -31.58 -34.57 -3.10
N GLN A 258 -32.74 -35.09 -2.67
CA GLN A 258 -33.22 -36.37 -3.17
C GLN A 258 -33.80 -36.21 -4.57
N ILE A 259 -33.08 -36.73 -5.58
CA ILE A 259 -33.53 -36.65 -6.98
C ILE A 259 -33.86 -38.06 -7.48
N PRO A 260 -35.13 -38.38 -7.86
CA PRO A 260 -35.41 -39.72 -8.41
C PRO A 260 -34.56 -40.05 -9.63
N VAL A 261 -34.32 -41.34 -9.86
CA VAL A 261 -33.49 -41.77 -10.99
C VAL A 261 -34.09 -41.41 -12.36
N ASN A 262 -35.43 -41.28 -12.45
CA ASN A 262 -36.12 -40.95 -13.70
C ASN A 262 -36.64 -39.50 -13.73
N ALA A 263 -36.05 -38.59 -12.94
CA ALA A 263 -36.50 -37.20 -12.88
C ALA A 263 -36.19 -36.39 -14.13
N PHE A 264 -35.07 -36.69 -14.81
CA PHE A 264 -34.65 -35.95 -16.01
C PHE A 264 -34.96 -36.71 -17.32
N ASP A 265 -35.95 -37.62 -17.32
CA ASP A 265 -36.28 -38.39 -18.54
C ASP A 265 -36.84 -37.55 -19.67
N ALA A 266 -37.68 -36.56 -19.36
CA ALA A 266 -38.27 -35.69 -20.38
C ALA A 266 -37.32 -34.59 -20.86
N LEU A 267 -36.15 -34.40 -20.22
CA LEU A 267 -35.22 -33.34 -20.58
C LEU A 267 -34.24 -33.80 -21.67
N THR A 268 -34.78 -34.11 -22.87
CA THR A 268 -33.98 -34.61 -23.99
C THR A 268 -33.09 -33.54 -24.63
N GLU A 269 -33.48 -32.25 -24.54
CA GLU A 269 -32.68 -31.16 -25.12
C GLU A 269 -31.83 -30.45 -24.05
N LEU A 270 -31.50 -31.11 -22.91
CA LEU A 270 -30.72 -30.47 -21.86
C LEU A 270 -29.24 -30.37 -22.24
N LYS A 271 -28.68 -29.16 -22.12
CA LYS A 271 -27.29 -28.88 -22.41
C LYS A 271 -26.51 -28.58 -21.12
N VAL A 272 -27.10 -27.82 -20.18
CA VAL A 272 -26.43 -27.46 -18.92
C VAL A 272 -27.22 -27.99 -17.72
N LEU A 273 -26.56 -28.77 -16.85
CA LEU A 273 -27.16 -29.28 -15.61
C LEU A 273 -26.21 -28.88 -14.49
N ARG A 274 -26.65 -28.01 -13.58
CA ARG A 274 -25.80 -27.55 -12.48
C ARG A 274 -26.33 -28.08 -11.15
N LEU A 275 -25.60 -29.03 -10.56
CA LEU A 275 -25.92 -29.62 -9.27
C LEU A 275 -24.79 -29.29 -8.28
N HIS A 276 -24.49 -27.99 -8.16
CA HIS A 276 -23.45 -27.48 -7.27
C HIS A 276 -24.01 -27.39 -5.84
N SER A 277 -23.22 -27.76 -4.84
CA SER A 277 -23.61 -27.67 -3.43
C SER A 277 -24.98 -28.30 -3.12
N ASN A 278 -25.12 -29.60 -3.38
CA ASN A 278 -26.33 -30.37 -3.09
C ASN A 278 -26.04 -31.58 -2.15
N SER A 279 -24.82 -31.64 -1.55
CA SER A 279 -24.39 -32.70 -0.63
C SER A 279 -24.59 -34.11 -1.20
N LEU A 280 -24.46 -34.27 -2.52
CA LEU A 280 -24.67 -35.56 -3.18
C LEU A 280 -23.51 -36.49 -2.83
N GLN A 281 -23.84 -37.74 -2.48
CA GLN A 281 -22.85 -38.77 -2.16
C GLN A 281 -22.64 -39.70 -3.36
N HIS A 282 -23.71 -39.97 -4.15
CA HIS A 282 -23.66 -40.81 -5.35
C HIS A 282 -24.29 -40.06 -6.54
N VAL A 283 -23.85 -40.38 -7.77
CA VAL A 283 -24.41 -39.82 -9.00
C VAL A 283 -24.91 -41.05 -9.80
N PRO A 284 -26.21 -41.41 -9.76
CA PRO A 284 -26.63 -42.64 -10.46
C PRO A 284 -26.53 -42.54 -11.99
N PRO A 285 -25.95 -43.54 -12.72
CA PRO A 285 -25.91 -43.44 -14.18
C PRO A 285 -27.28 -43.30 -14.85
N ARG A 286 -28.34 -43.83 -14.20
CA ARG A 286 -29.71 -43.77 -14.71
C ARG A 286 -30.23 -42.32 -14.92
N TRP A 287 -29.70 -41.32 -14.19
CA TRP A 287 -30.11 -39.91 -14.39
C TRP A 287 -29.92 -39.46 -15.84
N PHE A 288 -28.81 -39.84 -16.49
CA PHE A 288 -28.46 -39.43 -17.85
C PHE A 288 -28.83 -40.49 -18.91
N LYS A 289 -29.96 -41.19 -18.73
CA LYS A 289 -30.38 -42.23 -19.69
C LYS A 289 -30.88 -41.56 -20.98
N ASN A 290 -31.83 -40.60 -20.86
CA ASN A 290 -32.39 -39.89 -22.01
C ASN A 290 -31.69 -38.53 -22.26
N ILE A 291 -30.52 -38.26 -21.64
CA ILE A 291 -29.80 -37.00 -21.84
C ILE A 291 -28.50 -37.29 -22.57
N ASN A 292 -28.55 -37.30 -23.91
CA ASN A 292 -27.37 -37.58 -24.73
C ASN A 292 -26.62 -36.31 -25.14
N ASN A 293 -27.30 -35.14 -25.21
CA ASN A 293 -26.67 -33.89 -25.64
C ASN A 293 -26.18 -33.01 -24.47
N LEU A 294 -25.92 -33.57 -23.26
CA LEU A 294 -25.45 -32.76 -22.13
C LEU A 294 -24.03 -32.27 -22.39
N GLN A 295 -23.83 -30.95 -22.38
CA GLN A 295 -22.55 -30.28 -22.65
C GLN A 295 -21.85 -29.77 -21.39
N GLU A 296 -22.59 -29.30 -20.37
CA GLU A 296 -21.99 -28.79 -19.14
C GLU A 296 -22.62 -29.49 -17.94
N LEU A 297 -21.79 -29.95 -16.98
CA LEU A 297 -22.26 -30.61 -15.77
C LEU A 297 -21.40 -30.16 -14.60
N ASP A 298 -21.98 -29.38 -13.68
CA ASP A 298 -21.29 -28.89 -12.50
C ASP A 298 -21.69 -29.70 -11.27
N LEU A 299 -20.79 -30.56 -10.78
CA LEU A 299 -21.02 -31.38 -9.58
C LEU A 299 -20.05 -30.94 -8.47
N SER A 300 -19.79 -29.63 -8.34
CA SER A 300 -18.90 -29.11 -7.32
C SER A 300 -19.61 -28.96 -5.96
N GLN A 301 -18.82 -28.92 -4.86
CA GLN A 301 -19.30 -28.77 -3.49
C GLN A 301 -20.30 -29.86 -3.06
N ASN A 302 -19.97 -31.12 -3.33
CA ASN A 302 -20.78 -32.27 -2.93
C ASN A 302 -19.84 -33.22 -2.11
N PHE A 303 -20.29 -34.44 -1.78
CA PHE A 303 -19.46 -35.41 -1.07
C PHE A 303 -19.23 -36.60 -2.01
N LEU A 304 -18.64 -36.30 -3.18
CA LEU A 304 -18.40 -37.29 -4.25
C LEU A 304 -16.93 -37.72 -4.36
N ALA A 305 -16.16 -37.76 -3.26
CA ALA A 305 -14.76 -38.19 -3.32
C ALA A 305 -14.65 -39.67 -3.71
N LYS A 306 -15.45 -40.56 -3.09
CA LYS A 306 -15.44 -41.98 -3.41
C LYS A 306 -16.05 -42.23 -4.79
N GLU A 307 -17.08 -41.45 -5.17
CA GLU A 307 -17.73 -41.57 -6.47
C GLU A 307 -16.77 -41.22 -7.62
N ILE A 308 -15.79 -40.30 -7.42
CA ILE A 308 -14.81 -39.98 -8.48
C ILE A 308 -14.02 -41.26 -8.89
N GLY A 309 -13.78 -42.16 -7.95
CA GLY A 309 -13.09 -43.42 -8.21
C GLY A 309 -13.87 -44.48 -8.96
N ASP A 310 -15.22 -44.38 -9.00
CA ASP A 310 -16.07 -45.36 -9.69
C ASP A 310 -16.74 -44.71 -10.92
N ALA A 311 -17.47 -43.59 -10.70
CA ALA A 311 -18.14 -42.74 -11.69
C ALA A 311 -18.64 -43.46 -12.96
N LYS A 312 -19.51 -44.47 -12.80
CA LYS A 312 -20.08 -45.18 -13.96
C LYS A 312 -20.98 -44.29 -14.83
N PHE A 313 -21.50 -43.18 -14.29
CA PHE A 313 -22.34 -42.24 -15.04
C PHE A 313 -21.64 -41.54 -16.20
N LEU A 314 -20.29 -41.52 -16.22
CA LEU A 314 -19.54 -40.85 -17.29
C LEU A 314 -19.63 -41.59 -18.64
N HIS A 315 -20.00 -42.89 -18.63
CA HIS A 315 -20.20 -43.66 -19.87
C HIS A 315 -21.44 -43.18 -20.66
N PHE A 316 -22.43 -42.58 -19.96
CA PHE A 316 -23.65 -42.04 -20.57
C PHE A 316 -23.49 -40.56 -20.99
N LEU A 317 -22.25 -40.01 -21.01
CA LEU A 317 -22.02 -38.60 -21.34
C LEU A 317 -20.88 -38.43 -22.40
N PRO A 318 -21.08 -38.91 -23.66
CA PRO A 318 -20.01 -38.75 -24.67
C PRO A 318 -19.88 -37.35 -25.28
N ASN A 319 -20.95 -36.53 -25.25
CA ASN A 319 -20.91 -35.17 -25.82
C ASN A 319 -20.66 -34.08 -24.75
N LEU A 320 -20.14 -34.44 -23.57
CA LEU A 320 -19.90 -33.47 -22.50
C LEU A 320 -18.63 -32.66 -22.78
N ILE A 321 -18.72 -31.33 -22.73
CA ILE A 321 -17.62 -30.41 -23.00
C ILE A 321 -16.96 -29.99 -21.68
N GLN A 322 -17.77 -29.59 -20.68
CA GLN A 322 -17.29 -29.10 -19.37
C GLN A 322 -17.74 -30.03 -18.25
N LEU A 323 -16.78 -30.48 -17.41
CA LEU A 323 -17.09 -31.31 -16.24
C LEU A 323 -16.38 -30.68 -15.04
N ASP A 324 -17.12 -30.42 -13.96
CA ASP A 324 -16.57 -29.83 -12.75
C ASP A 324 -16.89 -30.74 -11.56
N LEU A 325 -15.86 -31.20 -10.87
CA LEU A 325 -15.98 -32.06 -9.69
C LEU A 325 -15.09 -31.46 -8.59
N SER A 326 -15.21 -30.14 -8.36
CA SER A 326 -14.39 -29.44 -7.37
C SER A 326 -14.98 -29.48 -5.97
N PHE A 327 -14.10 -29.41 -4.95
CA PHE A 327 -14.43 -29.41 -3.54
C PHE A 327 -15.41 -30.51 -3.15
N ASN A 328 -15.01 -31.76 -3.43
CA ASN A 328 -15.74 -32.98 -3.08
C ASN A 328 -14.99 -33.80 -1.99
N PHE A 329 -13.92 -33.26 -1.37
CA PHE A 329 -13.12 -33.94 -0.37
C PHE A 329 -13.89 -34.38 0.86
N GLU A 330 -13.42 -35.45 1.51
CA GLU A 330 -13.98 -35.92 2.76
C GLU A 330 -13.40 -34.96 3.80
N LEU A 331 -14.26 -34.22 4.52
CA LEU A 331 -13.89 -33.18 5.48
C LEU A 331 -12.62 -33.43 6.33
N GLN A 332 -12.40 -34.66 6.83
CA GLN A 332 -11.24 -34.94 7.68
C GLN A 332 -10.33 -36.07 7.17
N VAL A 333 -10.07 -36.13 5.84
CA VAL A 333 -9.19 -37.15 5.25
C VAL A 333 -8.24 -36.47 4.27
N TYR A 334 -6.93 -36.61 4.47
CA TYR A 334 -5.93 -36.07 3.55
C TYR A 334 -5.42 -37.28 2.76
N ARG A 335 -6.09 -37.60 1.64
CA ARG A 335 -5.76 -38.75 0.79
C ARG A 335 -4.30 -38.76 0.35
N ALA A 336 -3.75 -39.95 0.10
CA ALA A 336 -2.37 -40.10 -0.34
C ALA A 336 -2.24 -39.85 -1.84
N SER A 337 -3.26 -40.19 -2.64
CA SER A 337 -3.24 -40.05 -4.09
C SER A 337 -4.64 -39.83 -4.68
N MET A 338 -4.71 -39.33 -5.92
CA MET A 338 -5.99 -39.11 -6.60
C MET A 338 -6.36 -40.34 -7.40
N ASN A 339 -7.56 -40.90 -7.15
CA ASN A 339 -8.06 -42.08 -7.84
C ASN A 339 -9.16 -41.67 -8.82
N LEU A 340 -8.81 -41.50 -10.11
CA LEU A 340 -9.77 -41.18 -11.15
C LEU A 340 -10.21 -42.47 -11.79
N SER A 341 -11.52 -42.67 -11.97
CA SER A 341 -12.04 -43.88 -12.59
C SER A 341 -11.64 -43.98 -14.05
N GLN A 342 -11.55 -45.21 -14.58
CA GLN A 342 -11.25 -45.41 -16.00
C GLN A 342 -12.42 -44.93 -16.90
N ALA A 343 -13.63 -44.71 -16.33
CA ALA A 343 -14.78 -44.19 -17.08
C ALA A 343 -14.54 -42.78 -17.63
N PHE A 344 -13.58 -42.01 -17.06
CA PHE A 344 -13.23 -40.69 -17.59
C PHE A 344 -12.72 -40.78 -19.04
N SER A 345 -12.18 -41.94 -19.47
CA SER A 345 -11.72 -42.16 -20.85
C SER A 345 -12.88 -42.16 -21.86
N SER A 346 -14.12 -42.46 -21.41
CA SER A 346 -15.29 -42.46 -22.28
C SER A 346 -15.85 -41.04 -22.56
N LEU A 347 -15.19 -39.96 -22.06
CA LEU A 347 -15.64 -38.58 -22.28
C LEU A 347 -14.94 -38.00 -23.52
N LYS A 348 -15.24 -38.59 -24.69
CA LYS A 348 -14.64 -38.22 -25.99
C LYS A 348 -14.61 -36.71 -26.33
N SER A 349 -15.69 -35.97 -26.05
CA SER A 349 -15.78 -34.54 -26.40
C SER A 349 -15.38 -33.57 -25.28
N LEU A 350 -14.70 -34.03 -24.20
CA LEU A 350 -14.37 -33.14 -23.08
C LEU A 350 -13.24 -32.17 -23.38
N LYS A 351 -13.47 -30.87 -23.10
CA LYS A 351 -12.50 -29.80 -23.30
C LYS A 351 -12.02 -29.24 -21.96
N ILE A 352 -12.90 -29.08 -20.97
CA ILE A 352 -12.52 -28.54 -19.66
C ILE A 352 -12.85 -29.54 -18.57
N LEU A 353 -11.88 -29.87 -17.71
CA LEU A 353 -12.07 -30.77 -16.57
C LEU A 353 -11.47 -30.08 -15.35
N ARG A 354 -12.30 -29.77 -14.34
CA ARG A 354 -11.84 -29.11 -13.14
C ARG A 354 -12.11 -30.01 -11.94
N ILE A 355 -11.07 -30.35 -11.17
CA ILE A 355 -11.18 -31.19 -9.97
C ILE A 355 -10.36 -30.51 -8.88
N ARG A 356 -10.76 -29.29 -8.50
CA ARG A 356 -10.12 -28.58 -7.40
C ARG A 356 -10.62 -29.22 -6.08
N GLY A 357 -10.03 -28.88 -4.94
CA GLY A 357 -10.47 -29.37 -3.64
C GLY A 357 -10.75 -30.86 -3.50
N TYR A 358 -10.01 -31.71 -4.22
CA TYR A 358 -10.07 -33.16 -4.06
C TYR A 358 -9.25 -33.52 -2.80
N VAL A 359 -8.10 -32.83 -2.58
CA VAL A 359 -7.20 -32.93 -1.42
C VAL A 359 -6.46 -34.27 -1.40
N PHE A 360 -5.23 -34.27 -1.91
CA PHE A 360 -4.36 -35.45 -1.96
C PHE A 360 -2.89 -35.05 -1.90
N LYS A 361 -2.07 -35.90 -1.29
CA LYS A 361 -0.65 -35.64 -1.03
C LYS A 361 0.28 -35.78 -2.23
N GLU A 362 0.01 -36.73 -3.14
CA GLU A 362 0.94 -37.02 -4.22
C GLU A 362 0.25 -37.33 -5.55
N LEU A 363 0.68 -36.65 -6.63
CA LEU A 363 0.16 -36.86 -7.98
C LEU A 363 1.20 -37.69 -8.76
N LYS A 364 0.73 -38.70 -9.52
CA LYS A 364 1.59 -39.57 -10.33
C LYS A 364 1.10 -39.63 -11.77
N SER A 365 2.02 -39.91 -12.70
CA SER A 365 1.74 -39.97 -14.13
C SER A 365 0.62 -40.97 -14.50
N PHE A 366 0.63 -42.17 -13.90
CA PHE A 366 -0.39 -43.17 -14.20
C PHE A 366 -1.79 -42.78 -13.67
N GLN A 367 -1.88 -41.90 -12.66
CA GLN A 367 -3.18 -41.50 -12.11
C GLN A 367 -4.00 -40.65 -13.10
N LEU A 368 -3.35 -40.00 -14.07
CA LEU A 368 -4.04 -39.23 -15.12
C LEU A 368 -4.14 -40.04 -16.43
N SER A 369 -3.96 -41.38 -16.40
CA SER A 369 -4.05 -42.22 -17.60
C SER A 369 -5.47 -42.24 -18.21
N PRO A 370 -6.60 -42.23 -17.44
CA PRO A 370 -7.91 -42.14 -18.10
C PRO A 370 -8.08 -40.88 -18.96
N LEU A 371 -7.23 -39.85 -18.77
CA LEU A 371 -7.28 -38.60 -19.53
C LEU A 371 -6.28 -38.54 -20.69
N HIS A 372 -5.51 -39.62 -20.96
CA HIS A 372 -4.50 -39.61 -22.02
C HIS A 372 -5.07 -39.55 -23.45
N ASN A 373 -6.09 -40.36 -23.77
CA ASN A 373 -6.67 -40.37 -25.12
C ASN A 373 -7.89 -39.45 -25.29
N LEU A 374 -8.07 -38.43 -24.42
CA LEU A 374 -9.16 -37.47 -24.59
C LEU A 374 -8.59 -36.39 -25.49
N GLN A 375 -8.77 -36.56 -26.81
CA GLN A 375 -8.15 -35.70 -27.82
C GLN A 375 -8.57 -34.22 -27.77
N ASN A 376 -9.80 -33.92 -27.33
CA ASN A 376 -10.26 -32.52 -27.27
C ASN A 376 -9.96 -31.84 -25.92
N LEU A 377 -9.21 -32.48 -24.99
CA LEU A 377 -8.94 -31.89 -23.69
C LEU A 377 -8.04 -30.66 -23.84
N GLU A 378 -8.47 -29.54 -23.25
CA GLU A 378 -7.80 -28.25 -23.29
C GLU A 378 -7.39 -27.77 -21.89
N VAL A 379 -8.30 -27.84 -20.90
CA VAL A 379 -8.02 -27.39 -19.54
C VAL A 379 -8.12 -28.54 -18.53
N LEU A 380 -7.05 -28.77 -17.75
CA LEU A 380 -7.03 -29.73 -16.65
C LEU A 380 -6.69 -28.89 -15.44
N ASP A 381 -7.66 -28.67 -14.55
CA ASP A 381 -7.45 -27.83 -13.38
C ASP A 381 -7.50 -28.65 -12.09
N LEU A 382 -6.32 -28.85 -11.47
CA LEU A 382 -6.19 -29.58 -10.21
C LEU A 382 -5.65 -28.63 -9.13
N GLY A 383 -6.23 -27.43 -9.06
CA GLY A 383 -5.85 -26.44 -8.07
C GLY A 383 -6.41 -26.71 -6.69
N THR A 384 -5.95 -25.97 -5.67
CA THR A 384 -6.39 -26.07 -4.27
C THR A 384 -6.52 -27.54 -3.80
N ASN A 385 -5.47 -28.34 -3.99
CA ASN A 385 -5.46 -29.76 -3.60
C ASN A 385 -4.42 -30.10 -2.52
N PHE A 386 -3.49 -29.17 -2.20
CA PHE A 386 -2.43 -29.41 -1.22
C PHE A 386 -1.55 -30.59 -1.65
N ILE A 387 -1.19 -30.63 -2.95
CA ILE A 387 -0.34 -31.67 -3.51
C ILE A 387 1.08 -31.34 -3.07
N LYS A 388 1.76 -32.25 -2.37
CA LYS A 388 3.12 -32.01 -1.90
C LYS A 388 4.17 -32.48 -2.91
N ILE A 389 3.93 -33.61 -3.61
CA ILE A 389 4.87 -34.20 -4.56
C ILE A 389 4.22 -34.40 -5.94
N ALA A 390 4.86 -33.90 -7.02
CA ALA A 390 4.36 -34.05 -8.38
C ALA A 390 5.50 -33.90 -9.39
N ASN A 391 5.85 -34.97 -10.13
CA ASN A 391 6.90 -34.88 -11.15
C ASN A 391 6.31 -34.08 -12.30
N LEU A 392 6.80 -32.86 -12.55
CA LEU A 392 6.26 -32.00 -13.61
C LEU A 392 6.42 -32.58 -15.01
N SER A 393 7.40 -33.48 -15.23
CA SER A 393 7.58 -34.11 -16.53
C SER A 393 6.42 -35.04 -16.93
N MET A 394 5.47 -35.35 -16.01
CA MET A 394 4.31 -36.18 -16.37
C MET A 394 3.40 -35.49 -17.41
N PHE A 395 3.42 -34.14 -17.46
CA PHE A 395 2.61 -33.41 -18.42
C PHE A 395 3.16 -33.43 -19.85
N LYS A 396 4.21 -34.23 -20.12
CA LYS A 396 4.73 -34.40 -21.49
C LYS A 396 3.67 -35.11 -22.38
N GLN A 397 2.77 -35.92 -21.77
CA GLN A 397 1.67 -36.59 -22.48
C GLN A 397 0.39 -35.69 -22.54
N PHE A 398 0.54 -34.36 -22.31
CA PHE A 398 -0.57 -33.41 -22.32
C PHE A 398 -0.11 -32.14 -23.08
N LYS A 399 0.58 -32.32 -24.22
CA LYS A 399 1.06 -31.21 -25.05
C LYS A 399 -0.09 -30.48 -25.73
N ARG A 400 -1.16 -31.21 -26.08
CA ARG A 400 -2.34 -30.62 -26.73
C ARG A 400 -3.11 -29.64 -25.82
N LEU A 401 -2.90 -29.69 -24.50
CA LEU A 401 -3.64 -28.83 -23.57
C LEU A 401 -3.22 -27.38 -23.62
N LYS A 402 -4.19 -26.47 -23.47
CA LYS A 402 -3.96 -25.03 -23.45
C LYS A 402 -3.52 -24.58 -22.06
N VAL A 403 -4.20 -25.06 -20.98
CA VAL A 403 -3.89 -24.69 -19.60
C VAL A 403 -3.85 -25.93 -18.70
N ILE A 404 -2.79 -26.07 -17.87
CA ILE A 404 -2.64 -27.11 -16.86
C ILE A 404 -2.54 -26.30 -15.57
N ASP A 405 -3.63 -26.22 -14.79
CA ASP A 405 -3.65 -25.40 -13.59
C ASP A 405 -3.38 -26.19 -12.30
N LEU A 406 -2.22 -25.94 -11.67
CA LEU A 406 -1.83 -26.54 -10.39
C LEU A 406 -1.64 -25.42 -9.34
N SER A 407 -2.44 -24.34 -9.42
CA SER A 407 -2.33 -23.21 -8.50
C SER A 407 -2.80 -23.59 -7.10
N VAL A 408 -2.27 -22.88 -6.08
CA VAL A 408 -2.61 -23.10 -4.66
C VAL A 408 -2.36 -24.56 -4.26
N ASN A 409 -1.09 -24.96 -4.20
CA ASN A 409 -0.68 -26.32 -3.83
C ASN A 409 0.62 -26.25 -2.98
N LYS A 410 1.15 -27.39 -2.50
CA LYS A 410 2.37 -27.41 -1.70
C LYS A 410 3.51 -28.19 -2.40
N ILE A 411 3.53 -28.23 -3.75
CA ILE A 411 4.58 -28.93 -4.51
C ILE A 411 5.93 -28.26 -4.20
N SER A 412 6.93 -29.05 -3.78
CA SER A 412 8.25 -28.57 -3.39
C SER A 412 9.36 -29.57 -3.84
N PRO A 413 10.63 -29.15 -4.03
CA PRO A 413 11.66 -30.12 -4.44
C PRO A 413 12.08 -31.05 -3.30
N LEU A 441 -13.02 -15.64 -5.57
CA LEU A 441 -14.17 -16.31 -4.98
C LEU A 441 -15.11 -16.76 -6.11
N TYR A 442 -15.16 -18.08 -6.38
CA TYR A 442 -15.97 -18.68 -7.44
C TYR A 442 -16.78 -19.89 -6.91
N TYR A 443 -16.12 -20.91 -6.34
CA TYR A 443 -16.78 -22.09 -5.80
C TYR A 443 -17.40 -21.89 -4.44
N PHE A 444 -16.95 -20.88 -3.68
CA PHE A 444 -17.45 -20.63 -2.33
C PHE A 444 -18.39 -19.45 -2.22
N ARG A 445 -18.48 -18.56 -3.24
CA ARG A 445 -19.44 -17.44 -3.16
C ARG A 445 -20.88 -17.95 -3.29
N TYR A 446 -21.80 -17.29 -2.57
CA TYR A 446 -23.21 -17.69 -2.50
C TYR A 446 -23.89 -17.78 -3.88
N ASP A 447 -23.74 -16.74 -4.71
CA ASP A 447 -24.33 -16.71 -6.04
C ASP A 447 -23.33 -16.04 -6.97
N LYS A 448 -22.66 -16.83 -7.82
CA LYS A 448 -21.66 -16.28 -8.75
C LYS A 448 -22.31 -15.50 -9.91
N TYR A 449 -23.61 -15.67 -10.17
CA TYR A 449 -24.33 -14.92 -11.21
C TYR A 449 -25.19 -13.82 -10.57
N ALA A 450 -24.73 -13.22 -9.45
CA ALA A 450 -25.49 -12.18 -8.77
C ALA A 450 -25.39 -10.88 -9.54
N ARG A 451 -26.53 -10.26 -9.82
CA ARG A 451 -26.60 -9.01 -10.59
C ARG A 451 -26.32 -7.82 -9.69
N SER A 452 -25.46 -6.89 -10.14
CA SER A 452 -25.12 -5.68 -9.40
C SER A 452 -25.92 -4.48 -9.96
N CYS A 453 -26.08 -3.43 -9.13
CA CYS A 453 -26.82 -2.24 -9.53
C CYS A 453 -26.06 -1.50 -10.64
N SER A 468 -2.71 -11.91 -18.02
CA SER A 468 -2.83 -13.31 -18.39
C SER A 468 -1.89 -13.68 -19.54
N CYS A 469 -1.52 -14.98 -19.65
CA CYS A 469 -0.59 -15.48 -20.66
C CYS A 469 -1.14 -16.66 -21.47
N TYR A 470 -2.45 -16.97 -21.40
CA TYR A 470 -2.99 -18.12 -22.11
C TYR A 470 -2.94 -17.95 -23.64
N LYS A 471 -2.94 -16.70 -24.14
CA LYS A 471 -2.86 -16.42 -25.58
C LYS A 471 -1.53 -16.86 -26.19
N TYR A 472 -0.45 -16.92 -25.39
CA TYR A 472 0.86 -17.35 -25.87
C TYR A 472 0.90 -18.84 -26.23
N GLY A 473 0.11 -19.66 -25.53
CA GLY A 473 0.00 -21.08 -25.83
C GLY A 473 -0.11 -21.97 -24.60
N GLN A 474 0.61 -23.09 -24.62
CA GLN A 474 0.60 -24.08 -23.52
C GLN A 474 1.06 -23.44 -22.22
N THR A 475 0.16 -23.33 -21.24
CA THR A 475 0.42 -22.71 -19.94
C THR A 475 0.46 -23.77 -18.84
N LEU A 476 1.47 -23.71 -17.97
CA LEU A 476 1.60 -24.60 -16.81
C LEU A 476 1.65 -23.67 -15.61
N ASP A 477 0.52 -23.56 -14.88
CA ASP A 477 0.43 -22.66 -13.74
C ASP A 477 0.81 -23.34 -12.44
N LEU A 478 1.96 -22.97 -11.87
CA LEU A 478 2.45 -23.46 -10.58
C LEU A 478 2.41 -22.31 -9.55
N SER A 479 1.46 -21.37 -9.67
CA SER A 479 1.39 -20.24 -8.76
C SER A 479 0.90 -20.62 -7.38
N LYS A 480 1.29 -19.81 -6.37
CA LYS A 480 0.94 -20.02 -4.96
C LYS A 480 1.30 -21.43 -4.50
N ASN A 481 2.58 -21.76 -4.62
CA ASN A 481 3.13 -23.08 -4.30
C ASN A 481 4.35 -22.95 -3.36
N SER A 482 4.84 -24.09 -2.81
CA SER A 482 5.98 -24.09 -1.90
C SER A 482 7.31 -24.45 -2.60
N ILE A 483 7.51 -24.03 -3.85
CA ILE A 483 8.76 -24.33 -4.57
C ILE A 483 9.81 -23.33 -4.08
N PHE A 484 10.88 -23.82 -3.43
CA PHE A 484 11.96 -22.98 -2.89
C PHE A 484 13.24 -23.04 -3.74
N PHE A 485 13.47 -24.14 -4.46
CA PHE A 485 14.66 -24.31 -5.29
C PHE A 485 14.26 -24.91 -6.64
N ILE A 486 14.91 -24.48 -7.72
CA ILE A 486 14.64 -24.99 -9.08
C ILE A 486 15.92 -25.38 -9.81
N LYS A 487 15.81 -26.35 -10.71
CA LYS A 487 16.93 -26.85 -11.52
C LYS A 487 16.40 -27.33 -12.88
N SER A 488 17.30 -27.50 -13.86
CA SER A 488 16.93 -27.93 -15.21
C SER A 488 16.10 -29.22 -15.25
N SER A 489 16.47 -30.23 -14.45
CA SER A 489 15.77 -31.51 -14.42
C SER A 489 14.30 -31.41 -13.98
N ASP A 490 13.91 -30.35 -13.25
CA ASP A 490 12.53 -30.18 -12.80
C ASP A 490 11.60 -29.93 -13.99
N PHE A 491 12.07 -29.19 -15.01
CA PHE A 491 11.28 -28.89 -16.21
C PHE A 491 11.69 -29.76 -17.40
N GLN A 492 12.17 -30.99 -17.15
CA GLN A 492 12.57 -31.90 -18.23
C GLN A 492 11.33 -32.40 -18.99
N HIS A 493 11.47 -32.60 -20.31
CA HIS A 493 10.38 -33.05 -21.19
C HIS A 493 9.22 -32.05 -21.31
N LEU A 494 9.42 -30.76 -20.95
CA LEU A 494 8.39 -29.74 -21.07
C LEU A 494 8.88 -28.59 -21.97
N SER A 495 9.60 -28.93 -23.06
CA SER A 495 10.10 -27.92 -24.00
C SER A 495 8.95 -27.23 -24.75
N PHE A 496 7.80 -27.91 -24.93
CA PHE A 496 6.62 -27.38 -25.60
C PHE A 496 5.94 -26.19 -24.93
N LEU A 497 6.22 -25.92 -23.63
CA LEU A 497 5.53 -24.85 -22.91
C LEU A 497 5.80 -23.46 -23.45
N LYS A 498 4.74 -22.65 -23.57
CA LYS A 498 4.83 -21.26 -24.04
C LYS A 498 4.70 -20.27 -22.87
N CYS A 499 4.08 -20.67 -21.74
CA CYS A 499 4.00 -19.84 -20.54
C CYS A 499 4.12 -20.70 -19.30
N LEU A 500 4.84 -20.20 -18.29
CA LEU A 500 5.02 -20.87 -17.01
C LEU A 500 4.81 -19.82 -15.93
N ASN A 501 3.80 -20.00 -15.08
CA ASN A 501 3.52 -19.04 -14.02
C ASN A 501 4.02 -19.58 -12.67
N LEU A 502 5.23 -19.16 -12.24
CA LEU A 502 5.80 -19.51 -10.94
C LEU A 502 5.52 -18.38 -9.91
N SER A 503 4.44 -17.58 -10.09
CA SER A 503 4.15 -16.48 -9.17
C SER A 503 3.77 -16.98 -7.79
N GLY A 504 4.16 -16.24 -6.76
CA GLY A 504 3.82 -16.60 -5.39
C GLY A 504 4.47 -17.87 -4.89
N ASN A 505 5.78 -18.02 -5.13
CA ASN A 505 6.54 -19.18 -4.69
C ASN A 505 7.67 -18.73 -3.70
N LEU A 506 8.47 -19.69 -3.18
CA LEU A 506 9.51 -19.40 -2.19
C LEU A 506 10.92 -19.43 -2.82
N ILE A 507 11.06 -19.07 -4.11
CA ILE A 507 12.35 -19.16 -4.80
C ILE A 507 13.29 -18.02 -4.36
N SER A 508 14.29 -18.34 -3.52
N SER A 508 14.29 -18.35 -3.53
CA SER A 508 15.29 -17.40 -3.00
CA SER A 508 15.28 -17.43 -2.99
C SER A 508 16.67 -17.85 -3.51
C SER A 508 16.65 -17.89 -3.49
N GLN A 509 16.79 -18.00 -4.83
CA GLN A 509 17.98 -18.52 -5.49
C GLN A 509 18.71 -17.48 -6.35
N THR A 510 20.04 -17.63 -6.50
CA THR A 510 20.87 -16.79 -7.36
C THR A 510 20.85 -17.47 -8.73
N LEU A 511 19.94 -17.06 -9.60
CA LEU A 511 19.80 -17.68 -10.92
C LEU A 511 21.02 -17.33 -11.78
N ASN A 512 21.62 -18.34 -12.44
CA ASN A 512 22.82 -18.18 -13.25
C ASN A 512 22.66 -18.60 -14.73
N GLY A 513 21.44 -18.85 -15.18
CA GLY A 513 21.19 -19.26 -16.56
C GLY A 513 21.25 -20.75 -16.81
N SER A 514 20.85 -21.56 -15.81
CA SER A 514 20.83 -23.02 -15.94
C SER A 514 19.62 -23.68 -15.24
N GLU A 515 18.64 -22.91 -14.77
CA GLU A 515 17.48 -23.45 -14.05
C GLU A 515 16.29 -23.78 -14.98
N PHE A 516 16.27 -23.24 -16.21
CA PHE A 516 15.19 -23.47 -17.16
C PHE A 516 15.75 -23.89 -18.54
N GLN A 517 16.85 -24.67 -18.57
CA GLN A 517 17.46 -25.08 -19.85
C GLN A 517 16.47 -25.82 -20.79
N PRO A 518 15.60 -26.77 -20.33
CA PRO A 518 14.67 -27.40 -21.29
C PRO A 518 13.56 -26.51 -21.82
N LEU A 519 13.26 -25.38 -21.14
CA LEU A 519 12.19 -24.48 -21.59
C LEU A 519 12.63 -23.57 -22.75
N ALA A 520 12.84 -24.16 -23.93
CA ALA A 520 13.29 -23.45 -25.12
C ALA A 520 12.21 -22.63 -25.82
N GLU A 521 10.95 -23.12 -25.88
CA GLU A 521 9.86 -22.41 -26.55
C GLU A 521 9.11 -21.42 -25.64
N LEU A 522 9.59 -21.17 -24.41
CA LEU A 522 8.87 -20.31 -23.47
C LEU A 522 8.89 -18.84 -23.90
N ARG A 523 7.69 -18.24 -23.98
CA ARG A 523 7.49 -16.84 -24.35
C ARG A 523 7.12 -15.96 -23.15
N TYR A 524 6.55 -16.54 -22.07
CA TYR A 524 6.12 -15.77 -20.90
C TYR A 524 6.51 -16.52 -19.62
N LEU A 525 7.18 -15.82 -18.69
CA LEU A 525 7.54 -16.38 -17.39
C LEU A 525 7.09 -15.40 -16.33
N ASP A 526 6.13 -15.80 -15.48
CA ASP A 526 5.67 -14.95 -14.40
C ASP A 526 6.38 -15.39 -13.12
N PHE A 527 7.44 -14.68 -12.75
CA PHE A 527 8.24 -14.95 -11.55
C PHE A 527 7.91 -13.93 -10.43
N SER A 528 6.67 -13.37 -10.41
CA SER A 528 6.30 -12.39 -9.39
C SER A 528 6.10 -13.02 -8.00
N ASN A 529 6.17 -12.19 -6.94
CA ASN A 529 6.02 -12.62 -5.54
C ASN A 529 6.94 -13.78 -5.20
N ASN A 530 8.24 -13.59 -5.46
CA ASN A 530 9.32 -14.53 -5.17
C ASN A 530 10.48 -13.73 -4.50
N ARG A 531 11.67 -14.33 -4.32
CA ARG A 531 12.82 -13.64 -3.73
C ARG A 531 13.98 -13.74 -4.71
N LEU A 532 13.82 -13.15 -5.90
CA LEU A 532 14.84 -13.18 -6.94
C LEU A 532 16.11 -12.48 -6.45
N ASP A 533 17.26 -13.15 -6.64
CA ASP A 533 18.56 -12.61 -6.25
C ASP A 533 19.40 -12.43 -7.52
N LEU A 534 19.53 -11.18 -8.01
CA LEU A 534 20.31 -10.90 -9.21
C LEU A 534 21.79 -10.72 -8.87
N LEU A 535 22.44 -11.79 -8.43
CA LEU A 535 23.88 -11.79 -8.16
C LEU A 535 24.60 -11.87 -9.51
N HIS A 536 24.15 -12.76 -10.41
CA HIS A 536 24.74 -12.96 -11.73
C HIS A 536 23.90 -12.27 -12.79
N SER A 537 24.56 -11.57 -13.73
CA SER A 537 23.86 -10.94 -14.85
C SER A 537 23.38 -11.98 -15.90
N THR A 538 23.74 -13.27 -15.76
CA THR A 538 23.33 -14.33 -16.66
C THR A 538 21.96 -14.94 -16.27
N ALA A 539 21.20 -14.32 -15.34
CA ALA A 539 19.91 -14.84 -14.92
C ALA A 539 18.92 -14.78 -16.09
N PHE A 540 18.12 -15.84 -16.27
CA PHE A 540 17.11 -15.97 -17.34
C PHE A 540 17.67 -16.07 -18.78
N GLU A 541 19.01 -16.03 -18.99
CA GLU A 541 19.57 -16.09 -20.35
C GLU A 541 19.26 -17.38 -21.13
N GLU A 542 19.04 -18.51 -20.44
CA GLU A 542 18.71 -19.77 -21.11
C GLU A 542 17.34 -19.74 -21.81
N LEU A 543 16.42 -18.85 -21.35
CA LEU A 543 15.10 -18.70 -21.96
C LEU A 543 15.27 -17.77 -23.16
N ARG A 544 15.73 -18.33 -24.28
CA ARG A 544 16.07 -17.56 -25.48
C ARG A 544 14.89 -17.00 -26.27
N LYS A 545 13.71 -17.66 -26.25
CA LYS A 545 12.53 -17.13 -26.96
C LYS A 545 11.59 -16.36 -26.02
N LEU A 546 12.10 -15.84 -24.87
CA LEU A 546 11.27 -15.14 -23.89
C LEU A 546 10.90 -13.74 -24.35
N GLU A 547 9.59 -13.49 -24.50
CA GLU A 547 9.06 -12.21 -24.92
C GLU A 547 8.60 -11.37 -23.73
N VAL A 548 8.06 -12.00 -22.67
CA VAL A 548 7.58 -11.25 -21.50
C VAL A 548 8.15 -11.88 -20.22
N LEU A 549 8.71 -11.04 -19.32
CA LEU A 549 9.26 -11.50 -18.04
C LEU A 549 8.67 -10.61 -16.94
N ASP A 550 8.03 -11.22 -15.93
CA ASP A 550 7.50 -10.48 -14.80
C ASP A 550 8.31 -10.87 -13.57
N ILE A 551 9.05 -9.93 -13.01
CA ILE A 551 9.82 -10.15 -11.77
C ILE A 551 9.38 -9.12 -10.72
N SER A 552 8.07 -8.78 -10.69
CA SER A 552 7.50 -7.82 -9.75
C SER A 552 7.34 -8.43 -8.36
N SER A 553 7.34 -7.59 -7.33
CA SER A 553 7.20 -8.01 -5.93
C SER A 553 8.25 -9.05 -5.52
N ASN A 554 9.52 -8.80 -5.89
CA ASN A 554 10.69 -9.59 -5.52
C ASN A 554 11.61 -8.61 -4.77
N SER A 555 11.06 -7.89 -3.77
CA SER A 555 11.76 -6.85 -3.02
C SER A 555 12.72 -7.33 -1.96
N HIS A 556 12.58 -8.58 -1.47
CA HIS A 556 13.40 -9.12 -0.38
C HIS A 556 14.90 -8.72 -0.38
N TYR A 557 15.67 -9.07 -1.41
CA TYR A 557 17.11 -8.76 -1.45
C TYR A 557 17.40 -7.28 -1.73
N PHE A 558 16.47 -6.55 -2.38
CA PHE A 558 16.68 -5.12 -2.62
C PHE A 558 16.48 -4.28 -1.34
N GLN A 559 15.82 -4.83 -0.29
CA GLN A 559 15.58 -4.10 0.96
C GLN A 559 16.80 -4.06 1.88
N SER A 560 17.70 -5.05 1.81
CA SER A 560 18.90 -5.10 2.66
C SER A 560 20.12 -4.50 1.96
N GLU A 561 20.85 -3.60 2.65
CA GLU A 561 22.02 -2.91 2.10
C GLU A 561 23.22 -3.82 1.76
N GLY A 562 24.08 -3.32 0.87
CA GLY A 562 25.31 -4.01 0.48
C GLY A 562 25.20 -5.24 -0.38
N ILE A 563 23.99 -5.63 -0.77
CA ILE A 563 23.78 -6.82 -1.60
C ILE A 563 23.93 -6.43 -3.07
N THR A 564 24.72 -7.20 -3.84
CA THR A 564 24.94 -6.96 -5.27
C THR A 564 23.65 -7.22 -6.06
N HIS A 565 23.28 -6.28 -6.97
CA HIS A 565 22.10 -6.43 -7.83
C HIS A 565 22.53 -6.08 -9.26
N MET A 566 22.41 -7.04 -10.18
CA MET A 566 22.80 -6.85 -11.58
C MET A 566 21.56 -6.62 -12.43
N LEU A 567 21.17 -5.35 -12.63
CA LEU A 567 20.01 -5.04 -13.46
C LEU A 567 20.32 -5.12 -14.97
N ASN A 568 21.62 -5.26 -15.37
CA ASN A 568 22.01 -5.40 -16.77
C ASN A 568 21.76 -6.81 -17.36
N PHE A 569 21.01 -7.67 -16.64
CA PHE A 569 20.69 -9.03 -17.11
C PHE A 569 19.86 -9.07 -18.41
N THR A 570 19.24 -7.94 -18.81
CA THR A 570 18.39 -7.86 -19.99
C THR A 570 19.14 -7.97 -21.32
N LYS A 571 20.45 -7.68 -21.36
CA LYS A 571 21.24 -7.71 -22.59
C LYS A 571 21.24 -9.11 -23.25
N ASN A 572 21.29 -10.18 -22.45
CA ASN A 572 21.32 -11.54 -22.98
C ASN A 572 19.97 -12.00 -23.55
N LEU A 573 18.85 -11.36 -23.17
CA LEU A 573 17.52 -11.72 -23.69
C LEU A 573 17.30 -10.93 -24.98
N LYS A 574 17.47 -11.59 -26.13
CA LYS A 574 17.43 -10.93 -27.44
C LYS A 574 16.05 -10.69 -28.06
N VAL A 575 14.98 -11.33 -27.57
CA VAL A 575 13.63 -11.11 -28.11
C VAL A 575 12.64 -10.65 -27.01
N LEU A 576 13.13 -10.10 -25.88
CA LEU A 576 12.28 -9.64 -24.80
C LEU A 576 11.59 -8.35 -25.23
N GLN A 577 10.26 -8.31 -25.17
CA GLN A 577 9.43 -7.18 -25.57
C GLN A 577 8.92 -6.40 -24.35
N LYS A 578 8.58 -7.11 -23.25
CA LYS A 578 8.02 -6.49 -22.05
C LYS A 578 8.67 -7.04 -20.79
N LEU A 579 9.07 -6.15 -19.87
CA LEU A 579 9.68 -6.52 -18.59
C LEU A 579 8.98 -5.73 -17.50
N MET A 580 8.58 -6.41 -16.42
CA MET A 580 7.93 -5.75 -15.30
C MET A 580 8.76 -6.05 -14.06
N MET A 581 9.19 -5.00 -13.36
CA MET A 581 9.93 -5.13 -12.12
C MET A 581 9.32 -4.13 -11.13
N ASN A 582 7.99 -4.24 -10.97
CA ASN A 582 7.21 -3.38 -10.09
C ASN A 582 7.35 -3.79 -8.64
N ASP A 583 7.11 -2.85 -7.72
CA ASP A 583 7.12 -3.09 -6.28
C ASP A 583 8.31 -3.93 -5.77
N ASN A 584 9.52 -3.64 -6.27
CA ASN A 584 10.76 -4.32 -5.87
C ASN A 584 11.59 -3.48 -4.87
N ASP A 585 11.19 -2.21 -4.58
CA ASP A 585 11.89 -1.34 -3.65
C ASP A 585 13.38 -1.19 -4.04
N ILE A 586 13.67 -1.03 -5.34
CA ILE A 586 15.04 -0.93 -5.83
C ILE A 586 15.60 0.45 -5.50
N SER A 587 16.55 0.51 -4.56
CA SER A 587 17.22 1.74 -4.15
C SER A 587 18.73 1.74 -4.53
N SER A 588 19.30 0.57 -4.93
CA SER A 588 20.70 0.46 -5.29
C SER A 588 20.88 -0.56 -6.43
N SER A 589 21.99 -0.44 -7.18
CA SER A 589 22.30 -1.33 -8.29
C SER A 589 23.81 -1.33 -8.54
N THR A 590 24.38 -2.52 -8.79
CA THR A 590 25.81 -2.63 -9.07
C THR A 590 26.09 -2.11 -10.49
N SER A 591 25.22 -2.45 -11.46
CA SER A 591 25.34 -2.00 -12.83
C SER A 591 24.66 -0.64 -13.01
N ARG A 592 25.32 0.28 -13.75
CA ARG A 592 24.78 1.62 -14.00
C ARG A 592 23.87 1.70 -15.22
N THR A 593 23.92 0.72 -16.14
CA THR A 593 23.10 0.73 -17.35
C THR A 593 22.37 -0.58 -17.61
N MET A 594 21.11 -0.49 -18.07
CA MET A 594 20.29 -1.64 -18.48
C MET A 594 20.32 -1.57 -20.01
N GLU A 595 20.79 -2.64 -20.67
CA GLU A 595 20.90 -2.66 -22.13
C GLU A 595 19.95 -3.69 -22.74
N SER A 596 19.34 -3.37 -23.88
CA SER A 596 18.45 -4.27 -24.63
C SER A 596 18.14 -3.71 -26.01
N GLU A 597 18.32 -4.52 -27.06
CA GLU A 597 18.04 -4.11 -28.44
C GLU A 597 16.61 -4.49 -28.88
N SER A 598 15.75 -5.03 -27.96
CA SER A 598 14.40 -5.46 -28.30
C SER A 598 13.30 -5.02 -27.32
N LEU A 599 13.64 -4.66 -26.07
CA LEU A 599 12.63 -4.29 -25.09
C LEU A 599 11.85 -3.05 -25.49
N ARG A 600 10.52 -3.17 -25.56
CA ARG A 600 9.60 -2.09 -25.94
C ARG A 600 8.84 -1.52 -24.73
N THR A 601 8.65 -2.30 -23.65
CA THR A 601 7.90 -1.85 -22.48
C THR A 601 8.62 -2.25 -21.20
N LEU A 602 8.84 -1.28 -20.29
CA LEU A 602 9.48 -1.54 -18.99
C LEU A 602 8.64 -0.89 -17.91
N GLU A 603 8.19 -1.69 -16.93
CA GLU A 603 7.42 -1.16 -15.81
C GLU A 603 8.32 -1.19 -14.57
N PHE A 604 8.75 0.00 -14.10
CA PHE A 604 9.61 0.16 -12.94
C PHE A 604 8.85 0.90 -11.82
N ARG A 605 7.56 0.58 -11.65
CA ARG A 605 6.71 1.19 -10.61
C ARG A 605 7.08 0.63 -9.22
N GLY A 606 6.80 1.38 -8.16
CA GLY A 606 7.03 0.93 -6.79
C GLY A 606 8.47 0.65 -6.42
N ASN A 607 9.40 1.48 -6.90
CA ASN A 607 10.83 1.36 -6.61
C ASN A 607 11.35 2.69 -5.99
N HIS A 608 12.66 2.84 -5.76
CA HIS A 608 13.20 4.07 -5.18
C HIS A 608 14.19 4.74 -6.13
N LEU A 609 13.69 5.23 -7.27
CA LEU A 609 14.54 5.98 -8.21
C LEU A 609 14.96 7.33 -7.61
N ASP A 610 14.25 7.85 -6.59
CA ASP A 610 14.67 9.07 -5.90
C ASP A 610 16.02 8.85 -5.17
N VAL A 611 16.31 7.61 -4.72
CA VAL A 611 17.56 7.27 -4.04
C VAL A 611 18.65 7.06 -5.10
N LEU A 612 18.36 6.31 -6.18
CA LEU A 612 19.33 6.10 -7.26
C LEU A 612 19.71 7.43 -7.94
N TRP A 613 18.71 8.28 -8.22
CA TRP A 613 18.93 9.59 -8.81
C TRP A 613 18.97 10.68 -7.72
N ARG A 614 19.79 10.45 -6.69
CA ARG A 614 19.97 11.44 -5.61
C ARG A 614 20.71 12.63 -6.22
N ASP A 615 20.31 13.88 -5.89
CA ASP A 615 20.95 15.06 -6.49
C ASP A 615 22.44 15.09 -6.16
N GLY A 616 23.27 15.18 -7.19
CA GLY A 616 24.72 15.11 -7.05
C GLY A 616 25.29 13.77 -7.48
N ASP A 617 24.45 12.70 -7.52
CA ASP A 617 24.84 11.37 -7.96
C ASP A 617 24.38 11.18 -9.41
N ASN A 618 25.29 11.44 -10.36
CA ASN A 618 25.02 11.34 -11.81
C ASN A 618 25.26 9.95 -12.40
N ARG A 619 25.42 8.91 -11.56
CA ARG A 619 25.78 7.58 -12.01
C ARG A 619 24.65 6.79 -12.67
N TYR A 620 23.41 6.88 -12.17
CA TYR A 620 22.28 6.12 -12.71
C TYR A 620 21.30 6.95 -13.55
N LEU A 621 21.72 8.12 -14.05
CA LEU A 621 20.84 8.95 -14.87
C LEU A 621 20.64 8.39 -16.30
N GLN A 622 21.51 7.47 -16.75
CA GLN A 622 21.40 6.83 -18.06
C GLN A 622 21.09 5.33 -17.88
N LEU A 623 20.25 4.99 -16.88
CA LEU A 623 19.88 3.61 -16.55
C LEU A 623 19.01 2.99 -17.65
N PHE A 624 18.05 3.74 -18.18
CA PHE A 624 17.14 3.26 -19.22
C PHE A 624 17.51 3.73 -20.64
N LYS A 625 18.65 4.45 -20.82
CA LYS A 625 19.03 5.00 -22.12
C LYS A 625 19.39 3.95 -23.18
N ASN A 626 20.16 2.92 -22.81
CA ASN A 626 20.58 1.90 -23.78
C ASN A 626 19.49 0.87 -24.12
N LEU A 627 18.24 1.08 -23.67
CA LEU A 627 17.10 0.25 -24.04
C LEU A 627 16.62 1.01 -25.29
N LEU A 628 17.29 0.78 -26.42
CA LEU A 628 17.08 1.56 -27.65
C LEU A 628 15.68 1.49 -28.27
N LYS A 629 15.01 0.34 -28.20
CA LYS A 629 13.66 0.21 -28.76
C LYS A 629 12.56 0.41 -27.69
N LEU A 630 12.88 1.07 -26.55
CA LEU A 630 11.90 1.26 -25.48
C LEU A 630 10.91 2.36 -25.84
N GLU A 631 9.62 1.99 -25.88
CA GLU A 631 8.52 2.91 -26.21
C GLU A 631 7.68 3.25 -24.99
N GLU A 632 7.61 2.38 -23.97
CA GLU A 632 6.79 2.63 -22.77
C GLU A 632 7.63 2.43 -21.52
N LEU A 633 7.65 3.44 -20.63
CA LEU A 633 8.37 3.36 -19.36
C LEU A 633 7.47 3.90 -18.27
N ASP A 634 7.09 3.05 -17.31
CA ASP A 634 6.25 3.45 -16.19
C ASP A 634 7.13 3.59 -14.95
N ILE A 635 7.49 4.83 -14.60
CA ILE A 635 8.31 5.10 -13.41
C ILE A 635 7.47 5.86 -12.36
N SER A 636 6.22 5.42 -12.17
CA SER A 636 5.32 5.98 -11.18
C SER A 636 5.57 5.33 -9.81
N LYS A 637 5.10 5.97 -8.73
CA LYS A 637 5.28 5.48 -7.35
C LYS A 637 6.77 5.22 -7.03
N ASN A 638 7.63 6.20 -7.32
CA ASN A 638 9.07 6.10 -7.07
C ASN A 638 9.59 7.20 -6.11
N SER A 639 8.68 7.86 -5.34
CA SER A 639 9.01 8.94 -4.39
C SER A 639 9.80 10.09 -5.03
N LEU A 640 9.60 10.34 -6.33
CA LEU A 640 10.31 11.39 -7.04
C LEU A 640 9.63 12.74 -6.84
N SER A 641 10.00 13.46 -5.78
CA SER A 641 9.46 14.80 -5.51
C SER A 641 9.91 15.82 -6.59
N PHE A 642 11.06 15.57 -7.23
CA PHE A 642 11.62 16.37 -8.32
C PHE A 642 12.41 15.42 -9.26
N LEU A 643 12.62 15.83 -10.51
CA LEU A 643 13.43 15.04 -11.45
C LEU A 643 14.76 15.76 -11.65
N PRO A 644 15.94 15.20 -11.24
CA PRO A 644 17.20 15.93 -11.46
C PRO A 644 17.52 16.17 -12.93
N SER A 645 18.42 17.13 -13.18
CA SER A 645 18.85 17.45 -14.54
C SER A 645 19.66 16.26 -15.07
N GLY A 646 19.31 15.79 -16.27
CA GLY A 646 19.96 14.65 -16.90
C GLY A 646 19.08 13.42 -17.04
N VAL A 647 17.90 13.41 -16.37
CA VAL A 647 16.97 12.28 -16.47
C VAL A 647 16.36 12.29 -17.88
N PHE A 648 15.93 13.46 -18.36
CA PHE A 648 15.34 13.60 -19.70
C PHE A 648 16.37 13.32 -20.80
N ASP A 649 17.60 13.84 -20.65
CA ASP A 649 18.67 13.59 -21.63
C ASP A 649 19.06 12.10 -21.65
N GLY A 650 19.04 11.45 -20.48
CA GLY A 650 19.37 10.04 -20.35
C GLY A 650 18.23 9.07 -20.64
N MET A 651 17.12 9.55 -21.24
CA MET A 651 16.00 8.66 -21.60
C MET A 651 16.27 8.02 -22.97
N PRO A 652 15.69 6.84 -23.30
CA PRO A 652 15.95 6.25 -24.62
C PRO A 652 15.35 7.06 -25.78
N PRO A 653 15.84 6.93 -27.04
CA PRO A 653 15.37 7.81 -28.12
C PRO A 653 13.93 7.62 -28.61
N ASN A 654 13.43 6.38 -28.68
CA ASN A 654 12.07 6.11 -29.19
C ASN A 654 11.03 6.02 -28.06
N LEU A 655 11.23 6.74 -26.94
CA LEU A 655 10.29 6.70 -25.83
C LEU A 655 9.02 7.47 -26.19
N LYS A 656 7.86 6.80 -26.17
CA LYS A 656 6.57 7.39 -26.54
C LYS A 656 5.68 7.64 -25.30
N ASN A 657 5.45 6.63 -24.44
CA ASN A 657 4.60 6.78 -23.25
C ASN A 657 5.47 6.76 -22.00
N LEU A 658 5.39 7.82 -21.18
CA LEU A 658 6.12 7.90 -19.92
C LEU A 658 5.14 8.25 -18.81
N SER A 659 5.21 7.54 -17.68
CA SER A 659 4.33 7.83 -16.54
C SER A 659 5.15 8.17 -15.30
N LEU A 660 4.94 9.39 -14.77
CA LEU A 660 5.54 9.90 -13.54
C LEU A 660 4.40 10.11 -12.51
N ALA A 661 3.39 9.23 -12.49
CA ALA A 661 2.24 9.33 -11.61
C ALA A 661 2.54 8.94 -10.16
N LYS A 662 1.71 9.41 -9.21
CA LYS A 662 1.83 9.09 -7.78
C LYS A 662 3.27 9.18 -7.25
N ASN A 663 3.98 10.27 -7.59
CA ASN A 663 5.37 10.50 -7.17
C ASN A 663 5.53 11.63 -6.14
N GLY A 664 4.51 12.48 -5.99
CA GLY A 664 4.59 13.64 -5.11
C GLY A 664 5.45 14.73 -5.70
N LEU A 665 5.40 14.89 -7.04
CA LEU A 665 6.19 15.89 -7.75
C LEU A 665 5.70 17.27 -7.41
N LYS A 666 6.57 18.08 -6.78
CA LYS A 666 6.24 19.46 -6.41
C LYS A 666 6.64 20.45 -7.52
N SER A 667 7.59 20.08 -8.41
CA SER A 667 8.06 20.91 -9.51
C SER A 667 8.41 20.05 -10.72
N PHE A 668 8.36 20.63 -11.92
CA PHE A 668 8.66 19.93 -13.16
C PHE A 668 9.12 20.93 -14.22
N ILE A 669 10.38 20.82 -14.70
CA ILE A 669 10.88 21.73 -15.72
C ILE A 669 10.31 21.23 -17.04
N TRP A 670 9.17 21.80 -17.46
CA TRP A 670 8.48 21.42 -18.70
C TRP A 670 9.34 21.57 -19.95
N GLU A 671 10.26 22.55 -19.97
CA GLU A 671 11.15 22.79 -21.12
C GLU A 671 12.04 21.58 -21.42
N LYS A 672 12.31 20.72 -20.42
CA LYS A 672 13.16 19.53 -20.60
C LYS A 672 12.49 18.44 -21.45
N LEU A 673 11.19 18.56 -21.79
CA LEU A 673 10.52 17.57 -22.63
C LEU A 673 11.01 17.59 -24.11
N ARG A 674 11.83 18.59 -24.49
CA ARG A 674 12.39 18.69 -25.85
C ARG A 674 13.33 17.52 -26.15
N TYR A 675 14.02 16.99 -25.12
CA TYR A 675 14.92 15.84 -25.28
C TYR A 675 14.13 14.61 -25.70
N LEU A 676 12.92 14.41 -25.16
CA LEU A 676 12.06 13.29 -25.51
C LEU A 676 11.34 13.63 -26.83
N LYS A 677 12.04 13.46 -27.96
CA LYS A 677 11.53 13.83 -29.29
C LYS A 677 10.36 12.99 -29.82
N ASN A 678 10.18 11.74 -29.36
CA ASN A 678 9.06 10.90 -29.83
C ASN A 678 7.99 10.74 -28.73
N LEU A 679 7.85 11.71 -27.82
CA LEU A 679 6.88 11.62 -26.73
C LEU A 679 5.47 11.82 -27.24
N GLU A 680 4.57 10.87 -26.96
CA GLU A 680 3.17 10.95 -27.34
C GLU A 680 2.29 11.08 -26.08
N THR A 681 2.52 10.23 -25.06
CA THR A 681 1.73 10.25 -23.83
C THR A 681 2.62 10.61 -22.63
N LEU A 682 2.17 11.54 -21.78
CA LEU A 682 2.88 11.94 -20.57
C LEU A 682 1.87 11.94 -19.44
N ASP A 683 2.02 11.02 -18.47
CA ASP A 683 1.10 10.90 -17.35
C ASP A 683 1.71 11.43 -16.05
N LEU A 684 1.27 12.61 -15.61
CA LEU A 684 1.73 13.25 -14.37
C LEU A 684 0.58 13.32 -13.36
N SER A 685 -0.27 12.28 -13.30
CA SER A 685 -1.41 12.27 -12.39
C SER A 685 -1.00 12.02 -10.93
N HIS A 686 -1.84 12.46 -9.99
CA HIS A 686 -1.65 12.28 -8.54
C HIS A 686 -0.29 12.79 -8.08
N ASN A 687 -0.01 14.07 -8.34
CA ASN A 687 1.21 14.75 -7.96
C ASN A 687 0.87 16.10 -7.27
N GLN A 688 1.88 16.90 -6.86
CA GLN A 688 1.63 18.19 -6.20
C GLN A 688 2.07 19.34 -7.10
N LEU A 689 1.84 19.25 -8.42
CA LEU A 689 2.24 20.30 -9.36
C LEU A 689 1.27 21.45 -9.27
N THR A 690 1.78 22.69 -9.19
CA THR A 690 0.96 23.88 -9.04
C THR A 690 0.77 24.67 -10.35
N THR A 691 1.73 24.60 -11.28
CA THR A 691 1.66 25.35 -12.54
C THR A 691 1.78 24.46 -13.80
N VAL A 692 1.29 24.98 -14.95
CA VAL A 692 1.35 24.36 -16.28
C VAL A 692 2.38 25.16 -17.15
N PRO A 693 2.95 24.64 -18.27
CA PRO A 693 3.93 25.46 -19.02
C PRO A 693 3.34 26.71 -19.67
N GLU A 694 4.19 27.73 -19.91
CA GLU A 694 3.75 28.97 -20.55
C GLU A 694 3.19 28.70 -21.94
N ARG A 695 3.91 27.90 -22.74
CA ARG A 695 3.49 27.48 -24.07
C ARG A 695 3.86 26.01 -24.24
N LEU A 696 2.87 25.11 -24.15
CA LEU A 696 3.07 23.66 -24.25
C LEU A 696 3.74 23.26 -25.57
N SER A 697 3.37 23.90 -26.69
CA SER A 697 3.95 23.62 -28.00
C SER A 697 5.47 23.88 -28.03
N ASN A 698 5.95 24.87 -27.25
CA ASN A 698 7.37 25.19 -27.16
C ASN A 698 8.17 24.17 -26.30
N CYS A 699 7.48 23.28 -25.55
CA CYS A 699 8.10 22.26 -24.70
C CYS A 699 8.19 20.92 -25.43
N SER A 700 7.18 20.59 -26.25
CA SER A 700 7.15 19.32 -26.96
C SER A 700 6.40 19.46 -28.28
N ARG A 701 7.06 19.13 -29.41
CA ARG A 701 6.45 19.21 -30.74
C ARG A 701 5.57 17.98 -31.05
N SER A 702 5.77 16.85 -30.33
CA SER A 702 5.08 15.58 -30.59
C SER A 702 4.01 15.17 -29.57
N LEU A 703 4.00 15.76 -28.36
CA LEU A 703 3.05 15.37 -27.31
C LEU A 703 1.59 15.40 -27.77
N LYS A 704 0.91 14.24 -27.69
CA LYS A 704 -0.48 14.06 -28.09
C LYS A 704 -1.42 14.02 -26.87
N ASN A 705 -1.07 13.21 -25.85
CA ASN A 705 -1.91 13.00 -24.67
C ASN A 705 -1.20 13.49 -23.41
N LEU A 706 -1.82 14.42 -22.66
CA LEU A 706 -1.26 14.98 -21.44
C LEU A 706 -2.25 14.78 -20.30
N ILE A 707 -1.86 14.00 -19.28
CA ILE A 707 -2.73 13.73 -18.13
C ILE A 707 -2.17 14.45 -16.90
N LEU A 708 -2.89 15.49 -16.43
CA LEU A 708 -2.52 16.28 -15.26
C LEU A 708 -3.60 16.17 -14.15
N LYS A 709 -4.36 15.07 -14.10
CA LYS A 709 -5.41 14.91 -13.09
C LYS A 709 -4.83 14.77 -11.67
N ASN A 710 -5.60 15.23 -10.67
CA ASN A 710 -5.24 15.17 -9.25
C ASN A 710 -3.92 15.86 -8.94
N ASN A 711 -3.88 17.19 -9.16
CA ASN A 711 -2.73 18.06 -8.90
C ASN A 711 -3.22 19.36 -8.20
N GLN A 712 -2.30 20.26 -7.82
CA GLN A 712 -2.63 21.51 -7.14
C GLN A 712 -2.65 22.71 -8.12
N ILE A 713 -3.04 22.50 -9.39
CA ILE A 713 -3.04 23.58 -10.38
C ILE A 713 -4.22 24.50 -10.09
N ARG A 714 -3.93 25.78 -9.76
CA ARG A 714 -4.96 26.78 -9.45
C ARG A 714 -5.31 27.68 -10.65
N SER A 715 -4.37 27.84 -11.61
CA SER A 715 -4.62 28.66 -12.80
C SER A 715 -3.74 28.19 -13.95
N LEU A 716 -4.23 28.38 -15.18
CA LEU A 716 -3.49 28.04 -16.40
C LEU A 716 -2.77 29.28 -16.90
N THR A 717 -1.66 29.09 -17.63
CA THR A 717 -0.90 30.21 -18.17
C THR A 717 -1.67 30.92 -19.29
N LYS A 718 -1.34 32.19 -19.57
CA LYS A 718 -2.04 33.00 -20.56
C LYS A 718 -2.21 32.32 -21.93
N TYR A 719 -1.14 31.72 -22.48
CA TYR A 719 -1.18 31.07 -23.80
C TYR A 719 -0.75 29.60 -23.68
N PHE A 720 -1.37 28.86 -22.75
CA PHE A 720 -1.05 27.46 -22.45
C PHE A 720 -1.05 26.53 -23.70
N LEU A 721 -2.18 26.40 -24.40
CA LEU A 721 -2.28 25.50 -25.56
C LEU A 721 -2.18 26.22 -26.91
N GLN A 722 -1.43 27.33 -27.00
CA GLN A 722 -1.28 28.06 -28.26
C GLN A 722 -0.40 27.26 -29.22
N ASP A 723 -0.95 26.91 -30.41
CA ASP A 723 -0.27 26.16 -31.46
C ASP A 723 0.09 24.72 -31.06
N ALA A 724 -0.59 24.11 -30.08
CA ALA A 724 -0.33 22.72 -29.71
C ALA A 724 -1.12 21.83 -30.67
N PHE A 725 -0.67 21.77 -31.93
CA PHE A 725 -1.37 21.06 -33.00
C PHE A 725 -1.39 19.54 -32.86
N GLN A 726 -0.37 18.94 -32.22
CA GLN A 726 -0.35 17.49 -32.03
C GLN A 726 -1.22 17.02 -30.85
N LEU A 727 -1.70 17.93 -29.99
CA LEU A 727 -2.50 17.56 -28.82
C LEU A 727 -3.89 17.05 -29.21
N ARG A 728 -4.25 15.85 -28.70
CA ARG A 728 -5.52 15.18 -28.95
C ARG A 728 -6.27 14.78 -27.66
N TYR A 729 -5.64 14.92 -26.47
CA TYR A 729 -6.27 14.51 -25.20
C TYR A 729 -5.61 15.26 -24.05
N LEU A 730 -6.42 15.96 -23.22
CA LEU A 730 -5.92 16.72 -22.08
C LEU A 730 -6.82 16.48 -20.88
N ASP A 731 -6.23 16.11 -19.73
CA ASP A 731 -6.96 15.87 -18.50
C ASP A 731 -6.51 16.86 -17.44
N LEU A 732 -7.40 17.79 -17.04
CA LEU A 732 -7.15 18.75 -15.96
C LEU A 732 -8.19 18.57 -14.85
N SER A 733 -8.70 17.33 -14.65
CA SER A 733 -9.70 17.05 -13.63
C SER A 733 -9.08 16.94 -12.25
N SER A 734 -9.91 17.09 -11.19
CA SER A 734 -9.47 17.03 -9.80
C SER A 734 -8.30 17.96 -9.51
N ASN A 735 -8.42 19.21 -9.97
CA ASN A 735 -7.45 20.29 -9.76
C ASN A 735 -8.19 21.46 -9.07
N LYS A 736 -7.50 22.59 -8.79
CA LYS A 736 -8.12 23.73 -8.12
C LYS A 736 -8.19 24.95 -9.06
N ILE A 737 -8.52 24.71 -10.35
CA ILE A 737 -8.59 25.78 -11.36
C ILE A 737 -9.87 26.58 -11.17
N GLN A 738 -9.76 27.91 -11.07
CA GLN A 738 -10.90 28.81 -10.89
C GLN A 738 -11.37 29.42 -12.21
N MET A 739 -10.43 29.93 -13.04
CA MET A 739 -10.72 30.59 -14.30
C MET A 739 -9.97 29.99 -15.47
N ILE A 740 -10.59 29.96 -16.66
CA ILE A 740 -9.98 29.52 -17.93
C ILE A 740 -10.40 30.55 -18.97
N GLN A 741 -9.43 31.23 -19.61
CA GLN A 741 -9.71 32.26 -20.62
C GLN A 741 -9.50 31.73 -22.06
N LYS A 742 -10.03 32.47 -23.06
CA LYS A 742 -9.96 32.12 -24.49
C LYS A 742 -8.51 32.00 -25.01
N THR A 743 -7.57 32.80 -24.48
CA THR A 743 -6.18 32.76 -24.94
C THR A 743 -5.50 31.43 -24.57
N SER A 744 -5.80 30.88 -23.38
CA SER A 744 -5.21 29.62 -22.93
C SER A 744 -5.70 28.41 -23.73
N PHE A 745 -6.98 28.43 -24.15
CA PHE A 745 -7.61 27.35 -24.92
C PHE A 745 -8.00 27.87 -26.32
N PRO A 746 -7.09 27.92 -27.33
CA PRO A 746 -7.51 28.39 -28.66
C PRO A 746 -8.40 27.40 -29.39
N GLU A 747 -9.41 27.88 -30.11
CA GLU A 747 -10.37 27.06 -30.83
C GLU A 747 -9.73 26.07 -31.81
N ASN A 748 -8.71 26.50 -32.57
CA ASN A 748 -8.03 25.62 -33.54
C ASN A 748 -7.38 24.38 -32.88
N VAL A 749 -7.05 24.44 -31.59
CA VAL A 749 -6.46 23.33 -30.85
C VAL A 749 -7.57 22.51 -30.17
N LEU A 750 -8.60 23.19 -29.61
CA LEU A 750 -9.72 22.50 -28.96
C LEU A 750 -10.51 21.60 -29.92
N ASN A 751 -10.75 22.06 -31.15
CA ASN A 751 -11.53 21.26 -32.12
C ASN A 751 -10.86 19.94 -32.49
N ASN A 752 -9.52 19.84 -32.43
CA ASN A 752 -8.81 18.58 -32.72
C ASN A 752 -8.79 17.63 -31.49
N LEU A 753 -9.27 18.06 -30.31
CA LEU A 753 -9.25 17.21 -29.13
C LEU A 753 -10.33 16.13 -29.16
N LYS A 754 -9.93 14.89 -28.92
CA LYS A 754 -10.83 13.75 -28.83
C LYS A 754 -11.60 13.79 -27.50
N MET A 755 -10.93 14.21 -26.41
CA MET A 755 -11.54 14.33 -25.09
C MET A 755 -10.78 15.37 -24.25
N LEU A 756 -11.52 16.14 -23.43
CA LEU A 756 -10.98 17.14 -22.53
C LEU A 756 -11.72 16.97 -21.21
N LEU A 757 -11.01 16.63 -20.12
CA LEU A 757 -11.63 16.42 -18.82
C LEU A 757 -11.37 17.62 -17.91
N LEU A 758 -12.45 18.27 -17.44
CA LEU A 758 -12.37 19.45 -16.58
C LEU A 758 -13.18 19.27 -15.27
N HIS A 759 -13.63 18.06 -14.93
CA HIS A 759 -14.46 17.84 -13.74
C HIS A 759 -13.70 17.95 -12.42
N HIS A 760 -14.43 18.19 -11.32
CA HIS A 760 -13.92 18.32 -9.96
C HIS A 760 -12.87 19.43 -9.83
N ASN A 761 -13.21 20.63 -10.32
CA ASN A 761 -12.36 21.83 -10.24
C ASN A 761 -13.07 22.90 -9.38
N ARG A 762 -12.35 23.98 -9.00
CA ARG A 762 -12.89 25.03 -8.14
C ARG A 762 -13.35 26.23 -8.98
N PHE A 763 -14.21 25.98 -10.00
CA PHE A 763 -14.66 27.04 -10.93
C PHE A 763 -15.48 28.16 -10.30
N LEU A 764 -15.02 29.40 -10.43
CA LEU A 764 -15.72 30.57 -9.93
C LEU A 764 -16.53 31.09 -11.13
N CYS A 765 -17.86 31.15 -10.98
CA CYS A 765 -18.76 31.54 -12.08
C CYS A 765 -19.26 32.96 -11.97
N THR A 766 -18.36 33.93 -12.20
CA THR A 766 -18.65 35.36 -12.20
C THR A 766 -18.72 35.86 -13.68
N CYS A 767 -18.92 37.17 -13.93
CA CYS A 767 -18.96 37.70 -15.29
C CYS A 767 -17.60 37.58 -16.01
N ASP A 768 -16.48 37.39 -15.29
CA ASP A 768 -15.17 37.17 -15.91
C ASP A 768 -15.11 35.79 -16.59
N ALA A 769 -15.90 34.80 -16.10
CA ALA A 769 -15.98 33.46 -16.67
C ALA A 769 -17.10 33.40 -17.73
N VAL A 770 -17.33 34.49 -18.48
CA VAL A 770 -18.39 34.55 -19.50
C VAL A 770 -17.97 33.70 -20.72
N TRP A 771 -16.68 33.71 -21.10
CA TRP A 771 -16.21 32.92 -22.23
C TRP A 771 -16.27 31.43 -21.93
N PHE A 772 -15.78 30.99 -20.76
CA PHE A 772 -15.74 29.58 -20.42
C PHE A 772 -17.12 28.95 -20.32
N VAL A 773 -18.07 29.64 -19.68
CA VAL A 773 -19.43 29.12 -19.55
C VAL A 773 -20.07 29.00 -20.94
N TRP A 774 -19.92 30.03 -21.80
CA TRP A 774 -20.47 29.98 -23.16
C TRP A 774 -19.81 28.85 -23.99
N TRP A 775 -18.49 28.71 -23.92
CA TRP A 775 -17.79 27.70 -24.70
C TRP A 775 -18.20 26.28 -24.26
N VAL A 776 -18.20 25.99 -22.95
CA VAL A 776 -18.56 24.66 -22.42
C VAL A 776 -19.97 24.26 -22.88
N GLN A 777 -20.92 25.19 -22.81
CA GLN A 777 -22.30 24.94 -23.20
C GLN A 777 -22.46 24.67 -24.71
N HIS A 778 -21.78 25.45 -25.57
CA HIS A 778 -21.93 25.32 -27.02
C HIS A 778 -20.83 24.54 -27.77
N THR A 779 -19.91 23.84 -27.06
CA THR A 779 -18.85 23.09 -27.76
C THR A 779 -19.25 21.66 -28.08
N GLU A 780 -18.62 21.09 -29.13
CA GLU A 780 -18.83 19.70 -29.55
C GLU A 780 -17.72 18.75 -29.03
N VAL A 781 -16.79 19.24 -28.18
CA VAL A 781 -15.69 18.46 -27.64
C VAL A 781 -16.23 17.56 -26.52
N THR A 782 -15.78 16.28 -26.47
CA THR A 782 -16.22 15.36 -25.44
C THR A 782 -15.63 15.76 -24.08
N ILE A 783 -16.48 16.25 -23.16
CA ILE A 783 -16.09 16.64 -21.81
C ILE A 783 -16.90 15.71 -20.88
N PRO A 784 -16.34 14.65 -20.29
CA PRO A 784 -17.17 13.76 -19.45
C PRO A 784 -17.61 14.41 -18.13
N TYR A 785 -18.73 13.92 -17.57
CA TYR A 785 -19.32 14.38 -16.30
C TYR A 785 -19.73 15.87 -16.30
N LEU A 786 -20.22 16.40 -17.43
CA LEU A 786 -20.61 17.81 -17.52
C LEU A 786 -21.76 18.21 -16.58
N ALA A 787 -22.85 17.43 -16.60
CA ALA A 787 -24.04 17.72 -15.79
C ALA A 787 -24.06 16.92 -14.47
N THR A 788 -22.90 16.73 -13.84
CA THR A 788 -22.80 16.02 -12.55
C THR A 788 -21.56 16.41 -11.73
N ASP A 789 -20.41 16.75 -12.36
CA ASP A 789 -19.20 17.11 -11.62
C ASP A 789 -18.40 18.29 -12.25
N VAL A 790 -19.02 19.14 -13.10
CA VAL A 790 -18.39 20.36 -13.62
C VAL A 790 -19.26 21.45 -13.00
N THR A 791 -18.92 21.80 -11.73
CA THR A 791 -19.71 22.68 -10.86
C THR A 791 -19.07 24.02 -10.48
N CYS A 792 -19.92 25.05 -10.26
CA CYS A 792 -19.52 26.37 -9.80
C CYS A 792 -19.37 26.31 -8.28
N VAL A 793 -18.19 26.61 -7.74
CA VAL A 793 -18.02 26.67 -6.28
C VAL A 793 -18.56 28.01 -5.70
N GLY A 794 -18.64 29.06 -6.52
CA GLY A 794 -19.16 30.36 -6.13
C GLY A 794 -19.43 31.26 -7.33
N PRO A 795 -19.94 32.51 -7.15
CA PRO A 795 -20.33 33.18 -5.89
C PRO A 795 -21.69 32.70 -5.35
N GLY A 796 -21.96 33.02 -4.08
CA GLY A 796 -23.18 32.68 -3.35
C GLY A 796 -24.30 31.93 -4.04
N ALA A 797 -25.02 32.61 -4.95
CA ALA A 797 -26.16 32.04 -5.67
C ALA A 797 -25.84 30.79 -6.50
N HIS A 798 -24.72 30.81 -7.25
CA HIS A 798 -24.34 29.69 -8.11
C HIS A 798 -23.53 28.59 -7.39
N LYS A 799 -23.43 28.61 -6.05
CA LYS A 799 -22.68 27.58 -5.33
C LYS A 799 -23.39 26.22 -5.47
N GLY A 800 -22.68 25.22 -5.97
CA GLY A 800 -23.23 23.89 -6.17
C GLY A 800 -24.00 23.69 -7.46
N GLN A 801 -24.10 24.74 -8.31
CA GLN A 801 -24.82 24.68 -9.59
C GLN A 801 -23.88 24.26 -10.72
N SER A 802 -24.38 23.48 -11.69
CA SER A 802 -23.59 23.05 -12.83
C SER A 802 -23.36 24.21 -13.80
N VAL A 803 -22.20 24.25 -14.49
CA VAL A 803 -21.91 25.33 -15.45
C VAL A 803 -22.75 25.17 -16.74
N ILE A 804 -23.18 23.94 -17.07
CA ILE A 804 -24.00 23.68 -18.27
C ILE A 804 -25.39 24.35 -18.14
N SER A 805 -25.96 24.43 -16.92
CA SER A 805 -27.27 25.03 -16.68
C SER A 805 -27.16 26.47 -16.14
N LEU A 806 -26.12 27.22 -16.54
CA LEU A 806 -25.93 28.60 -16.08
C LEU A 806 -26.44 29.60 -17.13
N ASP A 807 -26.91 30.77 -16.69
CA ASP A 807 -27.43 31.82 -17.57
C ASP A 807 -26.86 33.16 -17.14
N LEU A 808 -25.79 33.61 -17.81
CA LEU A 808 -25.11 34.87 -17.49
C LEU A 808 -25.59 36.02 -18.40
N TYR A 809 -26.92 36.15 -18.59
CA TYR A 809 -27.46 37.25 -19.40
C TYR A 809 -27.28 38.61 -18.67
N THR A 810 -27.18 38.60 -17.33
CA THR A 810 -26.96 39.81 -16.53
C THR A 810 -25.60 40.46 -16.85
N CYS A 811 -24.60 39.66 -17.27
CA CYS A 811 -23.28 40.15 -17.65
C CYS A 811 -23.26 40.84 -19.04
N GLU A 812 -24.43 41.06 -19.68
CA GLU A 812 -24.52 41.69 -20.99
C GLU A 812 -25.85 42.43 -21.15
N LEU A 813 -25.96 43.61 -20.53
CA LEU A 813 -27.16 44.45 -20.58
C LEU A 813 -26.82 45.83 -21.14
N ALA B 5 -8.19 32.17 29.99
CA ALA B 5 -8.67 33.42 29.39
C ALA B 5 -7.54 34.46 29.35
N ARG B 6 -6.78 34.49 28.25
CA ARG B 6 -5.68 35.44 28.09
C ARG B 6 -6.24 36.84 27.81
N TRP B 7 -5.58 37.88 28.31
CA TRP B 7 -6.00 39.26 28.05
C TRP B 7 -5.43 39.76 26.72
N PHE B 8 -4.19 39.36 26.39
CA PHE B 8 -3.51 39.76 25.15
C PHE B 8 -3.25 38.52 24.29
N PRO B 9 -3.84 38.35 23.07
CA PRO B 9 -3.55 37.14 22.27
C PRO B 9 -2.12 37.07 21.76
N LYS B 10 -1.55 35.85 21.71
CA LYS B 10 -0.20 35.64 21.20
C LYS B 10 -0.25 35.58 19.68
N THR B 11 0.08 36.69 19.01
CA THR B 11 0.05 36.76 17.54
C THR B 11 1.39 36.38 16.88
N LEU B 12 2.48 36.16 17.66
CA LEU B 12 3.79 35.81 17.09
C LEU B 12 3.70 34.45 16.39
N PRO B 13 4.28 34.25 15.19
CA PRO B 13 4.18 32.93 14.54
C PRO B 13 5.17 31.88 15.06
N CYS B 14 5.65 32.00 16.32
CA CYS B 14 6.61 31.09 16.91
C CYS B 14 6.11 30.53 18.25
N ASP B 15 6.54 29.32 18.60
CA ASP B 15 6.17 28.69 19.86
C ASP B 15 7.09 29.23 20.96
N VAL B 16 6.53 29.96 21.93
CA VAL B 16 7.32 30.55 23.02
C VAL B 16 7.17 29.70 24.29
N THR B 17 8.25 29.02 24.70
CA THR B 17 8.29 28.18 25.90
C THR B 17 9.16 28.89 26.94
N LEU B 18 8.69 28.94 28.19
CA LEU B 18 9.42 29.61 29.28
C LEU B 18 10.04 28.54 30.19
N ASP B 19 11.31 28.76 30.58
CA ASP B 19 12.06 27.86 31.45
C ASP B 19 12.73 28.73 32.53
N VAL B 20 11.97 29.07 33.58
CA VAL B 20 12.45 29.92 34.69
C VAL B 20 13.61 29.27 35.48
N SER B 21 13.79 27.94 35.39
CA SER B 21 14.88 27.26 36.10
C SER B 21 16.25 27.69 35.55
N LYS B 22 16.44 27.61 34.21
CA LYS B 22 17.70 28.01 33.58
C LYS B 22 17.59 29.40 32.90
N ASN B 23 16.63 30.25 33.34
CA ASN B 23 16.39 31.60 32.79
C ASN B 23 16.20 31.63 31.27
N HIS B 24 15.95 30.48 30.63
CA HIS B 24 15.82 30.42 29.18
C HIS B 24 14.40 30.67 28.69
N VAL B 25 14.22 31.69 27.84
CA VAL B 25 12.96 32.03 27.19
C VAL B 25 13.17 31.60 25.75
N ILE B 26 12.65 30.41 25.40
CA ILE B 26 12.85 29.78 24.09
C ILE B 26 11.78 30.21 23.09
N VAL B 27 12.20 30.73 21.92
CA VAL B 27 11.31 31.14 20.84
C VAL B 27 11.64 30.23 19.65
N ASP B 28 10.73 29.32 19.29
CA ASP B 28 10.96 28.36 18.20
C ASP B 28 10.13 28.70 16.94
N CYS B 29 10.80 29.18 15.89
CA CYS B 29 10.19 29.55 14.61
C CYS B 29 10.59 28.55 13.51
N THR B 30 10.70 27.24 13.86
CA THR B 30 11.10 26.24 12.88
C THR B 30 10.01 25.99 11.85
N ASP B 31 10.35 26.09 10.55
CA ASP B 31 9.45 25.88 9.41
C ASP B 31 8.14 26.65 9.53
N LYS B 32 8.23 27.99 9.55
CA LYS B 32 7.06 28.86 9.65
C LYS B 32 6.92 29.80 8.43
N HIS B 33 7.52 29.43 7.27
CA HIS B 33 7.45 30.18 6.01
C HIS B 33 7.64 31.68 6.18
N LEU B 34 8.72 32.07 6.88
CA LEU B 34 9.00 33.47 7.18
C LEU B 34 10.01 34.07 6.23
N THR B 35 9.69 35.24 5.64
CA THR B 35 10.58 36.00 4.77
C THR B 35 11.33 37.12 5.57
N GLU B 36 10.92 37.40 6.83
CA GLU B 36 11.54 38.38 7.72
C GLU B 36 11.53 37.82 9.15
N ILE B 37 12.41 38.34 10.02
CA ILE B 37 12.42 37.93 11.43
C ILE B 37 11.17 38.58 12.04
N PRO B 38 10.20 37.82 12.63
CA PRO B 38 8.97 38.46 13.09
C PRO B 38 9.14 39.49 14.21
N GLY B 39 8.31 40.52 14.19
CA GLY B 39 8.34 41.56 15.19
C GLY B 39 7.68 41.10 16.48
N GLY B 40 8.05 41.75 17.57
CA GLY B 40 7.51 41.41 18.88
C GLY B 40 8.10 40.17 19.53
N ILE B 41 9.35 39.79 19.21
CA ILE B 41 10.00 38.65 19.85
C ILE B 41 10.35 39.09 21.29
N PRO B 42 10.07 38.30 22.36
CA PRO B 42 10.37 38.78 23.73
C PRO B 42 11.80 39.30 23.94
N THR B 43 11.96 40.38 24.70
CA THR B 43 13.28 40.96 24.97
C THR B 43 14.16 39.98 25.77
N ASN B 44 13.56 39.16 26.65
CA ASN B 44 14.32 38.19 27.45
C ASN B 44 14.60 36.88 26.69
N THR B 45 14.52 36.87 25.35
CA THR B 45 14.77 35.65 24.57
C THR B 45 16.23 35.23 24.66
N THR B 46 16.48 33.97 25.05
CA THR B 46 17.83 33.41 25.16
C THR B 46 18.08 32.49 23.95
N ASN B 47 17.16 31.54 23.67
CA ASN B 47 17.28 30.59 22.58
C ASN B 47 16.28 30.95 21.46
N LEU B 48 16.79 31.54 20.36
CA LEU B 48 15.95 31.90 19.21
C LEU B 48 16.30 30.98 18.05
N THR B 49 15.31 30.26 17.50
CA THR B 49 15.52 29.33 16.39
C THR B 49 14.71 29.78 15.18
N LEU B 50 15.38 29.96 14.03
CA LEU B 50 14.75 30.38 12.77
C LEU B 50 15.16 29.39 11.68
N THR B 51 15.10 28.08 11.98
CA THR B 51 15.48 27.02 11.06
C THR B 51 14.38 26.77 10.01
N ILE B 52 14.77 26.53 8.75
CA ILE B 52 13.87 26.27 7.61
C ILE B 52 12.95 27.48 7.41
N ASN B 53 13.50 28.55 6.83
CA ASN B 53 12.79 29.80 6.54
C ASN B 53 13.43 30.46 5.30
N HIS B 54 12.85 31.57 4.79
CA HIS B 54 13.41 32.27 3.62
C HIS B 54 13.73 33.71 3.96
N ILE B 55 14.49 33.92 5.05
CA ILE B 55 14.92 35.26 5.48
C ILE B 55 16.16 35.57 4.64
N PRO B 56 16.17 36.60 3.76
CA PRO B 56 17.33 36.81 2.89
C PRO B 56 18.56 37.47 3.51
N ASP B 57 18.42 38.15 4.67
CA ASP B 57 19.57 38.85 5.25
C ASP B 57 19.51 39.00 6.77
N ILE B 58 20.71 39.13 7.39
CA ILE B 58 20.89 39.37 8.83
C ILE B 58 21.62 40.73 8.93
N SER B 59 21.12 41.63 9.78
CA SER B 59 21.68 42.97 9.96
C SER B 59 21.64 43.40 11.46
N PRO B 60 22.29 44.52 11.91
CA PRO B 60 22.18 44.89 13.33
C PRO B 60 20.73 45.07 13.83
N ALA B 61 19.77 45.35 12.92
CA ALA B 61 18.36 45.49 13.28
C ALA B 61 17.71 44.13 13.64
N SER B 62 18.26 43.00 13.13
CA SER B 62 17.73 41.66 13.39
C SER B 62 17.68 41.28 14.87
N PHE B 63 18.78 41.53 15.62
CA PHE B 63 18.87 41.20 17.05
C PHE B 63 19.23 42.46 17.84
N HIS B 64 18.60 43.60 17.50
CA HIS B 64 18.86 44.90 18.13
C HIS B 64 18.48 44.94 19.61
N ARG B 65 17.27 44.52 19.95
CA ARG B 65 16.78 44.56 21.34
C ARG B 65 16.82 43.19 22.04
N LEU B 66 17.34 42.13 21.38
CA LEU B 66 17.43 40.79 21.99
C LEU B 66 18.86 40.60 22.53
N VAL B 67 19.33 41.54 23.35
CA VAL B 67 20.69 41.51 23.91
C VAL B 67 20.97 40.30 24.83
N HIS B 68 19.94 39.60 25.33
CA HIS B 68 20.13 38.45 26.21
C HIS B 68 20.18 37.12 25.43
N LEU B 69 20.56 37.14 24.13
CA LEU B 69 20.60 35.91 23.33
C LEU B 69 21.83 35.06 23.61
N VAL B 70 21.62 33.82 24.07
CA VAL B 70 22.71 32.86 24.32
C VAL B 70 22.87 31.87 23.13
N GLU B 71 21.86 31.75 22.23
CA GLU B 71 21.93 30.85 21.09
C GLU B 71 21.05 31.37 19.95
N ILE B 72 21.59 31.37 18.71
CA ILE B 72 20.85 31.73 17.51
C ILE B 72 20.99 30.49 16.62
N ASP B 73 19.86 29.86 16.28
CA ASP B 73 19.86 28.69 15.43
C ASP B 73 19.21 29.10 14.10
N PHE B 74 20.01 29.77 13.24
CA PHE B 74 19.59 30.30 11.94
C PHE B 74 20.04 29.33 10.82
N ARG B 75 19.59 28.07 10.90
CA ARG B 75 19.97 27.06 9.93
C ARG B 75 19.01 26.96 8.73
N CYS B 76 19.51 26.44 7.61
CA CYS B 76 18.78 26.15 6.39
C CYS B 76 17.83 27.25 5.92
N ASN B 77 18.36 28.47 5.75
CA ASN B 77 17.61 29.60 5.19
C ASN B 77 17.94 29.76 3.69
N CYS B 78 19.13 29.29 3.24
CA CYS B 78 19.51 29.26 1.84
C CYS B 78 20.29 27.96 1.60
N VAL B 79 19.68 26.82 1.96
CA VAL B 79 20.26 25.48 1.81
C VAL B 79 20.81 25.24 0.36
N PRO B 80 22.01 24.64 0.14
CA PRO B 80 22.48 24.45 -1.25
C PRO B 80 21.47 23.78 -2.19
N ILE B 81 21.47 24.19 -3.47
CA ILE B 81 20.52 23.71 -4.49
C ILE B 81 20.30 22.17 -4.48
N ARG B 82 21.37 21.36 -4.35
CA ARG B 82 21.25 19.90 -4.36
C ARG B 82 20.69 19.31 -3.07
N LEU B 83 20.97 19.92 -1.91
CA LEU B 83 20.48 19.44 -0.61
C LEU B 83 19.05 19.91 -0.30
N GLY B 84 18.70 21.10 -0.77
CA GLY B 84 17.40 21.69 -0.49
C GLY B 84 16.28 21.32 -1.45
N SER B 85 15.11 21.94 -1.22
CA SER B 85 13.92 21.72 -2.04
C SER B 85 14.08 22.37 -3.42
N LYS B 86 13.40 21.81 -4.42
CA LYS B 86 13.43 22.30 -5.81
C LYS B 86 12.21 23.18 -6.13
N SER B 87 11.09 23.00 -5.42
CA SER B 87 9.90 23.83 -5.62
C SER B 87 10.16 25.25 -5.14
N ASN B 88 10.85 25.41 -4.00
CA ASN B 88 11.21 26.72 -3.45
C ASN B 88 12.73 26.79 -3.27
N MET B 89 13.44 26.96 -4.39
CA MET B 89 14.91 27.07 -4.38
C MET B 89 15.33 28.46 -3.91
N CYS B 90 16.50 28.57 -3.27
CA CYS B 90 16.99 29.85 -2.77
C CYS B 90 17.52 30.70 -3.95
N PRO B 91 17.07 31.95 -4.13
CA PRO B 91 17.59 32.75 -5.26
C PRO B 91 19.01 33.30 -5.06
N ARG B 92 19.31 33.80 -3.85
CA ARG B 92 20.62 34.37 -3.53
C ARG B 92 21.08 33.91 -2.14
N ARG B 93 22.39 33.80 -1.93
CA ARG B 93 22.97 33.38 -0.65
C ARG B 93 22.64 34.35 0.50
N LEU B 94 22.68 33.86 1.74
CA LEU B 94 22.38 34.68 2.92
C LEU B 94 23.40 35.81 3.06
N GLN B 95 22.92 37.05 3.20
CA GLN B 95 23.78 38.23 3.32
C GLN B 95 23.84 38.68 4.78
N ILE B 96 25.01 38.58 5.42
CA ILE B 96 25.21 39.01 6.81
C ILE B 96 25.94 40.36 6.76
N LYS B 97 25.24 41.46 7.12
CA LYS B 97 25.84 42.79 7.11
C LYS B 97 26.79 42.99 8.33
N PRO B 98 27.76 43.94 8.31
CA PRO B 98 28.65 44.08 9.49
C PRO B 98 27.94 44.48 10.79
N ARG B 99 28.60 44.19 11.93
CA ARG B 99 28.10 44.46 13.29
C ARG B 99 26.75 43.81 13.58
N SER B 100 26.51 42.59 13.05
CA SER B 100 25.26 41.87 13.25
C SER B 100 25.26 41.10 14.57
N PHE B 101 26.38 40.45 14.93
CA PHE B 101 26.52 39.67 16.15
C PHE B 101 27.45 40.29 17.20
N SER B 102 28.19 41.36 16.87
CA SER B 102 29.12 41.99 17.81
C SER B 102 28.45 42.54 19.08
N GLY B 103 27.24 43.07 18.96
CA GLY B 103 26.51 43.62 20.09
C GLY B 103 25.94 42.58 21.06
N LEU B 104 25.88 41.31 20.66
CA LEU B 104 25.33 40.24 21.50
C LEU B 104 26.45 39.64 22.36
N THR B 105 26.77 40.31 23.46
CA THR B 105 27.88 39.89 24.34
C THR B 105 27.63 38.59 25.14
N TYR B 106 26.40 38.04 25.14
CA TYR B 106 26.08 36.79 25.85
C TYR B 106 25.94 35.57 24.89
N LEU B 107 26.22 35.73 23.58
CA LEU B 107 26.05 34.64 22.62
C LEU B 107 27.06 33.52 22.80
N LYS B 108 26.59 32.30 23.13
CA LYS B 108 27.44 31.12 23.34
C LYS B 108 27.38 30.12 22.16
N SER B 109 26.25 30.07 21.43
CA SER B 109 26.13 29.15 20.30
C SER B 109 25.53 29.86 19.08
N LEU B 110 26.03 29.53 17.89
CA LEU B 110 25.56 30.13 16.65
C LEU B 110 25.64 29.11 15.53
N TYR B 111 24.48 28.66 15.02
CA TYR B 111 24.42 27.72 13.92
C TYR B 111 24.00 28.48 12.67
N LEU B 112 24.89 28.57 11.66
CA LEU B 112 24.60 29.22 10.39
C LEU B 112 24.83 28.20 9.26
N ASP B 113 24.30 26.98 9.46
CA ASP B 113 24.45 25.88 8.51
C ASP B 113 23.45 26.02 7.36
N GLY B 114 23.80 25.47 6.20
CA GLY B 114 22.95 25.48 5.02
C GLY B 114 22.46 26.85 4.61
N ASN B 115 23.39 27.79 4.41
CA ASN B 115 23.06 29.17 4.01
C ASN B 115 23.90 29.68 2.80
N GLN B 116 24.72 28.81 2.16
CA GLN B 116 25.58 29.15 1.03
C GLN B 116 26.53 30.33 1.32
N LEU B 117 27.06 30.41 2.55
CA LEU B 117 27.98 31.50 2.92
C LEU B 117 29.34 31.21 2.29
N LEU B 118 29.96 32.23 1.68
CA LEU B 118 31.25 32.06 1.01
C LEU B 118 32.43 32.16 1.99
N GLU B 119 32.31 32.96 3.07
CA GLU B 119 33.37 33.16 4.05
C GLU B 119 32.85 32.98 5.50
N ILE B 120 33.77 32.89 6.48
CA ILE B 120 33.40 32.75 7.89
C ILE B 120 32.83 34.10 8.34
N PRO B 121 31.61 34.20 8.91
CA PRO B 121 31.11 35.52 9.33
C PRO B 121 32.03 36.21 10.34
N GLN B 122 32.44 37.45 10.06
CA GLN B 122 33.33 38.22 10.93
C GLN B 122 32.53 39.13 11.87
N GLY B 123 33.18 39.60 12.94
CA GLY B 123 32.55 40.45 13.93
C GLY B 123 31.69 39.68 14.91
N LEU B 124 32.11 38.46 15.27
CA LEU B 124 31.37 37.62 16.22
C LEU B 124 31.81 37.99 17.65
N PRO B 125 30.97 37.77 18.70
CA PRO B 125 31.39 38.16 20.06
C PRO B 125 32.46 37.25 20.66
N PRO B 126 33.26 37.72 21.65
CA PRO B 126 34.29 36.83 22.23
C PRO B 126 33.74 35.73 23.16
N SER B 127 32.46 35.79 23.53
CA SER B 127 31.84 34.78 24.39
C SER B 127 31.34 33.53 23.62
N LEU B 128 31.53 33.46 22.28
CA LEU B 128 31.03 32.34 21.51
C LEU B 128 31.84 31.06 21.76
N GLN B 129 31.16 29.98 22.16
CA GLN B 129 31.74 28.69 22.47
C GLN B 129 31.47 27.65 21.37
N LEU B 130 30.39 27.81 20.58
CA LEU B 130 30.05 26.87 19.50
C LEU B 130 29.71 27.65 18.23
N LEU B 131 30.30 27.25 17.09
CA LEU B 131 30.04 27.87 15.79
C LEU B 131 29.93 26.76 14.74
N SER B 132 28.76 26.62 14.10
CA SER B 132 28.54 25.60 13.09
C SER B 132 28.30 26.28 11.74
N LEU B 133 29.08 25.88 10.72
CA LEU B 133 28.99 26.42 9.37
C LEU B 133 28.99 25.28 8.34
N GLU B 134 28.19 24.23 8.61
CA GLU B 134 28.08 23.09 7.69
C GLU B 134 27.22 23.45 6.47
N ALA B 135 27.35 22.69 5.37
CA ALA B 135 26.59 22.87 4.13
C ALA B 135 26.62 24.33 3.60
N ASN B 136 27.81 24.93 3.57
CA ASN B 136 28.06 26.28 3.07
C ASN B 136 29.14 26.21 1.95
N ASN B 137 29.62 27.36 1.42
CA ASN B 137 30.64 27.36 0.38
C ASN B 137 31.95 27.98 0.92
N ILE B 138 32.38 27.52 2.10
CA ILE B 138 33.61 27.97 2.76
C ILE B 138 34.62 26.83 2.57
N PHE B 139 35.53 26.98 1.60
CA PHE B 139 36.52 25.95 1.27
C PHE B 139 37.97 26.47 1.33
N SER B 140 38.21 27.49 2.16
CA SER B 140 39.55 28.06 2.36
C SER B 140 39.62 28.69 3.75
N ILE B 141 40.34 28.05 4.67
CA ILE B 141 40.46 28.49 6.05
C ILE B 141 41.78 29.24 6.25
N ARG B 142 41.70 30.52 6.63
CA ARG B 142 42.88 31.36 6.86
C ARG B 142 42.97 31.75 8.34
N LYS B 143 44.20 31.87 8.85
CA LYS B 143 44.47 32.19 10.26
C LYS B 143 43.85 33.52 10.69
N GLU B 144 43.87 34.55 9.83
CA GLU B 144 43.29 35.86 10.13
C GLU B 144 41.78 35.79 10.34
N GLN B 145 41.08 34.90 9.61
CA GLN B 145 39.62 34.74 9.75
C GLN B 145 39.24 34.09 11.08
N LEU B 146 40.11 33.24 11.65
CA LEU B 146 39.83 32.58 12.93
C LEU B 146 40.39 33.37 14.14
N THR B 147 40.86 34.62 13.95
CA THR B 147 41.38 35.44 15.05
C THR B 147 40.27 35.74 16.06
N GLU B 148 39.08 36.12 15.54
CA GLU B 148 37.90 36.42 16.36
C GLU B 148 37.40 35.25 17.23
N LEU B 149 37.75 34.00 16.88
CA LEU B 149 37.27 32.80 17.56
C LEU B 149 38.25 32.37 18.68
N ALA B 150 38.84 33.32 19.41
CA ALA B 150 39.80 33.02 20.48
C ALA B 150 39.29 32.04 21.55
N ASN B 151 38.03 32.17 21.99
CA ASN B 151 37.47 31.29 23.03
C ASN B 151 36.50 30.24 22.50
N ILE B 152 36.61 29.82 21.23
CA ILE B 152 35.70 28.81 20.67
C ILE B 152 36.10 27.41 21.18
N GLU B 153 35.11 26.58 21.50
CA GLU B 153 35.30 25.23 22.01
C GLU B 153 34.83 24.17 21.01
N ILE B 154 33.73 24.44 20.28
CA ILE B 154 33.19 23.50 19.30
C ILE B 154 33.08 24.24 17.96
N LEU B 155 33.59 23.65 16.86
CA LEU B 155 33.59 24.29 15.55
C LEU B 155 33.36 23.26 14.43
N TYR B 156 32.16 23.28 13.80
CA TYR B 156 31.82 22.38 12.70
C TYR B 156 31.98 23.12 11.36
N LEU B 157 32.87 22.64 10.49
CA LEU B 157 33.10 23.23 9.17
C LEU B 157 32.90 22.22 8.02
N GLY B 158 32.28 21.08 8.29
CA GLY B 158 32.10 20.02 7.30
C GLY B 158 30.98 20.25 6.31
N GLN B 159 30.90 19.35 5.30
CA GLN B 159 29.89 19.36 4.23
C GLN B 159 29.93 20.64 3.38
N ASN B 160 31.11 21.26 3.25
CA ASN B 160 31.31 22.47 2.45
C ASN B 160 31.85 22.17 1.03
N CYS B 161 32.38 20.95 0.78
CA CYS B 161 32.88 20.58 -0.54
C CYS B 161 32.83 19.06 -0.74
N TYR B 162 31.66 18.55 -1.17
CA TYR B 162 31.44 17.12 -1.44
C TYR B 162 30.41 16.93 -2.59
N TYR B 163 30.06 15.69 -2.98
CA TYR B 163 29.15 15.48 -4.12
C TYR B 163 27.81 16.23 -4.03
N ARG B 164 27.20 16.34 -2.83
CA ARG B 164 25.93 17.06 -2.66
C ARG B 164 26.11 18.59 -2.59
N ASN B 165 27.34 19.10 -2.40
CA ASN B 165 27.62 20.53 -2.32
C ASN B 165 29.06 20.79 -2.81
N PRO B 166 29.34 20.67 -4.13
CA PRO B 166 30.72 20.81 -4.59
C PRO B 166 31.33 22.20 -4.59
N CYS B 167 32.67 22.24 -4.48
CA CYS B 167 33.47 23.46 -4.57
C CYS B 167 34.44 23.42 -5.78
N TYR B 168 34.61 22.23 -6.44
CA TYR B 168 35.41 22.01 -7.64
C TYR B 168 36.94 22.22 -7.46
N VAL B 169 37.40 22.51 -6.22
CA VAL B 169 38.82 22.67 -5.89
C VAL B 169 39.11 21.96 -4.55
N SER B 170 40.39 21.69 -4.25
CA SER B 170 40.76 21.05 -2.99
C SER B 170 40.55 22.01 -1.82
N TYR B 171 40.24 21.48 -0.63
CA TYR B 171 40.04 22.31 0.55
C TYR B 171 41.40 22.83 1.00
N SER B 172 41.51 24.14 1.24
CA SER B 172 42.77 24.77 1.66
C SER B 172 42.68 25.19 3.11
N ILE B 173 43.73 24.89 3.90
CA ILE B 173 43.82 25.28 5.30
C ILE B 173 45.23 25.87 5.47
N GLU B 174 45.33 27.12 5.94
CA GLU B 174 46.63 27.75 6.15
C GLU B 174 47.37 27.05 7.30
N LYS B 175 48.71 27.06 7.27
CA LYS B 175 49.50 26.39 8.31
C LYS B 175 49.26 27.05 9.67
N ASP B 176 49.04 26.23 10.72
CA ASP B 176 48.75 26.69 12.09
C ASP B 176 47.50 27.60 12.16
N ALA B 177 46.45 27.27 11.39
CA ALA B 177 45.22 28.08 11.39
C ALA B 177 44.47 27.94 12.71
N PHE B 178 44.28 26.71 13.21
CA PHE B 178 43.59 26.44 14.47
C PHE B 178 44.52 26.39 15.69
N LEU B 179 45.85 26.55 15.52
CA LEU B 179 46.81 26.45 16.62
C LEU B 179 46.57 27.43 17.78
N ASN B 180 46.31 28.71 17.47
CA ASN B 180 46.10 29.71 18.54
C ASN B 180 44.70 29.66 19.17
N LEU B 181 43.84 28.69 18.80
CA LEU B 181 42.52 28.53 19.40
C LEU B 181 42.77 27.64 20.62
N THR B 182 43.22 28.27 21.72
CA THR B 182 43.64 27.58 22.95
C THR B 182 42.53 26.87 23.75
N LYS B 183 41.25 27.00 23.35
CA LYS B 183 40.14 26.32 24.02
C LYS B 183 39.38 25.34 23.10
N LEU B 184 39.85 25.15 21.84
CA LEU B 184 39.17 24.29 20.85
C LEU B 184 39.20 22.81 21.24
N LYS B 185 38.05 22.29 21.68
CA LYS B 185 37.89 20.88 22.06
C LYS B 185 37.39 20.03 20.88
N VAL B 186 36.33 20.47 20.16
CA VAL B 186 35.77 19.70 19.04
C VAL B 186 36.00 20.42 17.72
N LEU B 187 36.58 19.72 16.72
CA LEU B 187 36.81 20.26 15.38
C LEU B 187 36.38 19.21 14.37
N SER B 188 35.58 19.60 13.37
CA SER B 188 35.09 18.67 12.36
C SER B 188 35.24 19.27 10.96
N LEU B 189 36.14 18.67 10.15
CA LEU B 189 36.37 19.06 8.76
C LEU B 189 35.94 17.88 7.85
N LYS B 190 34.81 17.25 8.17
CA LYS B 190 34.27 16.11 7.42
C LYS B 190 33.70 16.54 6.07
N ASP B 191 33.65 15.61 5.10
CA ASP B 191 33.03 15.83 3.78
C ASP B 191 33.46 17.19 3.14
N ASN B 192 34.78 17.46 3.08
CA ASN B 192 35.32 18.74 2.61
C ASN B 192 36.39 18.70 1.49
N ASN B 193 36.77 17.53 0.96
CA ASN B 193 37.81 17.45 -0.11
C ASN B 193 39.19 17.87 0.46
N VAL B 194 39.47 17.48 1.73
CA VAL B 194 40.72 17.80 2.44
C VAL B 194 41.80 16.82 2.00
N THR B 195 42.97 17.30 1.57
CA THR B 195 44.06 16.45 1.08
C THR B 195 45.08 16.02 2.16
N THR B 196 45.36 16.88 3.16
CA THR B 196 46.30 16.56 4.25
C THR B 196 45.71 16.92 5.60
N VAL B 197 46.18 16.27 6.67
CA VAL B 197 45.71 16.57 8.03
C VAL B 197 46.25 17.96 8.39
N PRO B 198 45.40 18.96 8.76
CA PRO B 198 45.95 20.30 9.06
C PRO B 198 46.84 20.29 10.30
N THR B 199 48.02 20.93 10.21
CA THR B 199 48.98 21.00 11.32
C THR B 199 49.45 22.46 11.51
N VAL B 200 49.79 22.93 12.73
CA VAL B 200 49.76 22.22 14.02
C VAL B 200 48.40 22.48 14.65
N LEU B 201 47.68 21.43 15.05
CA LEU B 201 46.37 21.60 15.68
C LEU B 201 46.55 21.88 17.20
N PRO B 202 45.58 22.53 17.91
CA PRO B 202 45.80 22.80 19.33
C PRO B 202 45.75 21.54 20.19
N SER B 203 46.63 21.44 21.19
CA SER B 203 46.72 20.27 22.08
C SER B 203 45.44 19.98 22.87
N THR B 204 44.61 21.00 23.13
CA THR B 204 43.37 20.81 23.90
C THR B 204 42.23 20.08 23.12
N LEU B 205 42.47 19.55 21.90
CA LEU B 205 41.42 18.85 21.16
C LEU B 205 41.02 17.52 21.82
N THR B 206 39.72 17.32 22.03
CA THR B 206 39.13 16.10 22.57
C THR B 206 38.47 15.27 21.46
N GLU B 207 37.94 15.91 20.40
CA GLU B 207 37.30 15.20 19.29
C GLU B 207 37.76 15.80 17.96
N LEU B 208 38.16 14.94 17.01
CA LEU B 208 38.62 15.38 15.68
C LEU B 208 38.00 14.48 14.62
N TYR B 209 37.32 15.08 13.63
CA TYR B 209 36.64 14.35 12.57
C TYR B 209 37.13 14.82 11.20
N LEU B 210 37.88 13.96 10.49
CA LEU B 210 38.42 14.25 9.16
C LEU B 210 37.94 13.17 8.17
N TYR B 211 36.69 12.69 8.32
CA TYR B 211 36.19 11.61 7.46
C TYR B 211 35.58 12.11 6.15
N ASN B 212 35.61 11.22 5.12
CA ASN B 212 35.13 11.47 3.76
C ASN B 212 35.86 12.64 3.13
N ASN B 213 37.17 12.50 2.96
CA ASN B 213 38.07 13.50 2.38
C ASN B 213 39.09 12.83 1.41
N MET B 214 39.99 13.62 0.77
CA MET B 214 41.01 13.08 -0.13
C MET B 214 42.38 12.94 0.59
N ILE B 215 42.36 12.58 1.89
CA ILE B 215 43.61 12.39 2.63
C ILE B 215 44.12 11.01 2.22
N ALA B 216 45.20 10.95 1.44
CA ALA B 216 45.76 9.70 0.96
C ALA B 216 46.85 9.16 1.91
N GLU B 217 47.51 10.04 2.67
CA GLU B 217 48.62 9.67 3.53
C GLU B 217 48.66 10.49 4.82
N ILE B 218 48.85 9.83 5.97
CA ILE B 218 48.99 10.49 7.27
C ILE B 218 50.48 10.58 7.57
N GLN B 219 50.97 11.73 8.05
CA GLN B 219 52.38 11.89 8.44
C GLN B 219 52.51 11.49 9.92
N GLU B 220 53.70 11.04 10.32
CA GLU B 220 53.95 10.64 11.72
C GLU B 220 53.82 11.81 12.71
N ASP B 221 53.96 13.08 12.27
CA ASP B 221 53.85 14.27 13.12
C ASP B 221 52.41 14.81 13.26
N ASP B 222 51.47 14.40 12.39
CA ASP B 222 50.10 14.94 12.37
C ASP B 222 49.36 14.99 13.73
N PHE B 223 49.56 14.00 14.60
CA PHE B 223 48.89 13.98 15.91
C PHE B 223 49.90 13.85 17.06
N ASN B 224 51.10 14.46 16.92
CA ASN B 224 52.16 14.39 17.94
C ASN B 224 51.87 15.20 19.22
N ASN B 225 50.98 16.21 19.16
CA ASN B 225 50.69 17.04 20.33
C ASN B 225 49.24 16.90 20.84
N LEU B 226 48.44 15.98 20.29
CA LEU B 226 47.05 15.81 20.73
C LEU B 226 46.94 14.82 21.87
N ASN B 227 47.60 15.13 23.00
CA ASN B 227 47.59 14.26 24.19
C ASN B 227 46.23 14.15 24.91
N GLN B 228 45.26 15.05 24.64
CA GLN B 228 43.94 15.00 25.25
C GLN B 228 42.84 14.49 24.28
N LEU B 229 43.22 13.85 23.16
CA LEU B 229 42.24 13.40 22.17
C LEU B 229 41.54 12.12 22.60
N GLN B 230 40.20 12.12 22.55
CA GLN B 230 39.35 10.99 22.92
C GLN B 230 38.73 10.34 21.69
N ILE B 231 38.26 11.14 20.71
CA ILE B 231 37.62 10.61 19.50
C ILE B 231 38.41 11.06 18.26
N LEU B 232 38.84 10.09 17.42
CA LEU B 232 39.54 10.36 16.17
C LEU B 232 38.81 9.58 15.07
N ASP B 233 38.41 10.26 13.99
CA ASP B 233 37.69 9.62 12.89
C ASP B 233 38.34 9.99 11.54
N LEU B 234 39.12 9.05 10.98
CA LEU B 234 39.77 9.23 9.68
C LEU B 234 39.10 8.34 8.62
N SER B 235 37.78 8.10 8.73
CA SER B 235 37.05 7.24 7.79
C SER B 235 36.90 7.85 6.38
N GLY B 236 36.49 7.05 5.40
CA GLY B 236 36.26 7.52 4.04
C GLY B 236 37.41 8.22 3.35
N ASN B 237 38.65 7.84 3.67
CA ASN B 237 39.87 8.38 3.05
C ASN B 237 40.48 7.16 2.37
N CYS B 238 40.47 7.13 1.03
CA CYS B 238 40.80 5.95 0.22
C CYS B 238 39.67 4.94 0.48
N PRO B 239 38.41 5.26 0.10
CA PRO B 239 37.29 4.38 0.45
C PRO B 239 37.12 3.10 -0.36
N ARG B 240 36.40 2.12 0.23
CA ARG B 240 36.04 0.89 -0.44
C ARG B 240 34.75 1.23 -1.17
N CYS B 241 34.78 1.23 -2.52
CA CYS B 241 33.66 1.67 -3.34
C CYS B 241 32.74 0.57 -3.88
N TYR B 242 32.94 -0.72 -3.52
CA TYR B 242 32.08 -1.77 -4.04
C TYR B 242 30.66 -1.60 -3.47
N ASN B 243 29.67 -1.44 -4.38
CA ASN B 243 28.25 -1.22 -4.06
C ASN B 243 28.01 0.02 -3.20
N ALA B 244 28.77 1.10 -3.44
CA ALA B 244 28.59 2.34 -2.70
C ALA B 244 27.35 3.06 -3.25
N PRO B 245 26.33 3.42 -2.43
CA PRO B 245 25.15 4.12 -2.98
C PRO B 245 25.36 5.64 -3.11
N PHE B 246 26.63 6.09 -3.29
CA PHE B 246 27.00 7.50 -3.46
C PHE B 246 28.24 7.59 -4.38
N PRO B 247 28.52 8.70 -5.10
CA PRO B 247 29.74 8.77 -5.92
C PRO B 247 30.99 8.50 -5.08
N CYS B 248 31.70 7.42 -5.40
CA CYS B 248 32.86 6.98 -4.62
C CYS B 248 34.08 6.84 -5.51
N THR B 249 35.15 7.58 -5.20
CA THR B 249 36.41 7.54 -5.95
C THR B 249 37.49 6.92 -5.03
N PRO B 250 37.96 5.67 -5.28
CA PRO B 250 39.01 5.11 -4.41
C PRO B 250 40.39 5.67 -4.70
N CYS B 251 41.35 5.44 -3.79
CA CYS B 251 42.73 5.89 -4.01
C CYS B 251 43.35 5.09 -5.13
N LYS B 252 44.26 5.72 -5.90
CA LYS B 252 44.92 5.08 -7.03
C LYS B 252 45.64 3.79 -6.64
N ASN B 253 45.73 2.83 -7.59
CA ASN B 253 46.39 1.53 -7.41
C ASN B 253 45.78 0.71 -6.26
N ASN B 254 44.49 0.95 -5.91
CA ASN B 254 43.80 0.29 -4.79
C ASN B 254 44.59 0.39 -3.47
N SER B 255 45.39 1.46 -3.28
CA SER B 255 46.21 1.60 -2.09
C SER B 255 45.37 2.06 -0.89
N PRO B 256 45.69 1.63 0.35
CA PRO B 256 44.91 2.08 1.51
C PRO B 256 45.37 3.45 2.03
N LEU B 257 44.70 3.97 3.09
CA LEU B 257 45.12 5.20 3.75
C LEU B 257 46.42 4.85 4.46
N GLN B 258 47.55 5.45 4.03
CA GLN B 258 48.86 5.10 4.59
C GLN B 258 49.02 5.73 5.96
N ILE B 259 48.99 4.93 7.03
CA ILE B 259 49.14 5.43 8.40
C ILE B 259 50.46 4.89 8.98
N PRO B 260 51.46 5.73 9.34
CA PRO B 260 52.68 5.19 9.96
C PRO B 260 52.40 4.39 11.22
N VAL B 261 53.27 3.45 11.55
CA VAL B 261 53.10 2.59 12.73
C VAL B 261 53.12 3.38 14.05
N ASN B 262 53.81 4.54 14.10
CA ASN B 262 53.91 5.37 15.30
C ASN B 262 53.05 6.65 15.22
N ALA B 263 52.01 6.67 14.39
CA ALA B 263 51.16 7.85 14.22
C ALA B 263 50.28 8.16 15.43
N PHE B 264 49.83 7.13 16.16
CA PHE B 264 48.95 7.31 17.32
C PHE B 264 49.70 7.20 18.66
N ASP B 265 51.02 7.44 18.71
CA ASP B 265 51.80 7.33 19.95
C ASP B 265 51.41 8.36 21.02
N ALA B 266 51.14 9.60 20.61
CA ALA B 266 50.76 10.64 21.57
C ALA B 266 49.28 10.58 22.00
N LEU B 267 48.46 9.71 21.38
CA LEU B 267 47.04 9.62 21.70
C LEU B 267 46.80 8.63 22.85
N THR B 268 47.33 8.94 24.04
CA THR B 268 47.21 8.08 25.22
C THR B 268 45.79 8.06 25.81
N GLU B 269 44.99 9.12 25.62
CA GLU B 269 43.63 9.17 26.16
C GLU B 269 42.59 8.84 25.08
N LEU B 270 42.96 8.11 24.00
CA LEU B 270 42.02 7.81 22.93
C LEU B 270 41.04 6.71 23.35
N LYS B 271 39.74 6.97 23.17
CA LYS B 271 38.67 6.04 23.48
C LYS B 271 38.01 5.52 22.20
N VAL B 272 37.78 6.38 21.20
CA VAL B 272 37.14 5.97 19.94
C VAL B 272 38.07 6.22 18.76
N LEU B 273 38.34 5.17 17.95
CA LEU B 273 39.14 5.26 16.74
C LEU B 273 38.30 4.66 15.62
N ARG B 274 37.88 5.48 14.64
CA ARG B 274 37.05 5.01 13.54
C ARG B 274 37.82 5.03 12.24
N LEU B 275 38.17 3.84 11.72
CA LEU B 275 38.88 3.66 10.46
C LEU B 275 37.98 2.90 9.50
N HIS B 276 36.76 3.41 9.30
CA HIS B 276 35.76 2.83 8.42
C HIS B 276 36.07 3.24 6.97
N SER B 277 35.92 2.32 6.01
CA SER B 277 36.13 2.60 4.60
C SER B 277 37.46 3.30 4.28
N ASN B 278 38.57 2.65 4.63
CA ASN B 278 39.94 3.14 4.35
C ASN B 278 40.75 2.13 3.50
N SER B 279 40.09 1.08 2.93
CA SER B 279 40.71 0.04 2.10
C SER B 279 41.95 -0.60 2.75
N LEU B 280 41.95 -0.71 4.08
CA LEU B 280 43.08 -1.27 4.82
C LEU B 280 43.15 -2.76 4.56
N GLN B 281 44.36 -3.27 4.28
CA GLN B 281 44.60 -4.70 4.06
C GLN B 281 45.19 -5.34 5.32
N HIS B 282 46.01 -4.59 6.10
CA HIS B 282 46.63 -5.05 7.34
C HIS B 282 46.36 -4.03 8.46
N VAL B 283 46.31 -4.50 9.73
CA VAL B 283 46.16 -3.63 10.90
C VAL B 283 47.42 -3.92 11.76
N PRO B 284 48.48 -3.10 11.71
CA PRO B 284 49.70 -3.44 12.47
C PRO B 284 49.51 -3.37 13.99
N PRO B 285 49.95 -4.38 14.79
CA PRO B 285 49.80 -4.26 16.25
C PRO B 285 50.47 -3.03 16.86
N ARG B 286 51.55 -2.54 16.22
CA ARG B 286 52.31 -1.38 16.68
C ARG B 286 51.46 -0.09 16.79
N TRP B 287 50.35 0.04 16.01
CA TRP B 287 49.47 1.21 16.11
C TRP B 287 48.95 1.43 17.54
N PHE B 288 48.57 0.35 18.23
CA PHE B 288 47.99 0.40 19.58
C PHE B 288 49.02 0.13 20.68
N LYS B 289 50.26 0.61 20.52
CA LYS B 289 51.30 0.40 21.53
C LYS B 289 51.04 1.28 22.76
N ASN B 290 50.83 2.60 22.55
CA ASN B 290 50.55 3.55 23.63
C ASN B 290 49.03 3.81 23.82
N ILE B 291 48.15 3.00 23.22
CA ILE B 291 46.70 3.18 23.36
C ILE B 291 46.15 2.01 24.15
N ASN B 292 46.14 2.13 25.48
CA ASN B 292 45.64 1.07 26.35
C ASN B 292 44.15 1.25 26.71
N ASN B 293 43.63 2.50 26.70
CA ASN B 293 42.25 2.78 27.07
C ASN B 293 41.28 2.84 25.86
N LEU B 294 41.60 2.21 24.71
CA LEU B 294 40.70 2.27 23.55
C LEU B 294 39.46 1.43 23.83
N GLN B 295 38.28 2.05 23.70
CA GLN B 295 36.98 1.43 23.96
C GLN B 295 36.18 1.08 22.70
N GLU B 296 36.28 1.89 21.63
CA GLU B 296 35.55 1.64 20.38
C GLU B 296 36.53 1.65 19.20
N LEU B 297 36.43 0.66 18.31
CA LEU B 297 37.29 0.55 17.13
C LEU B 297 36.45 0.05 15.97
N ASP B 298 36.20 0.93 14.97
CA ASP B 298 35.43 0.59 13.79
C ASP B 298 36.36 0.35 12.62
N LEU B 299 36.52 -0.92 12.20
CA LEU B 299 37.35 -1.30 11.05
C LEU B 299 36.46 -1.88 9.94
N SER B 300 35.25 -1.32 9.74
CA SER B 300 34.34 -1.79 8.72
C SER B 300 34.68 -1.22 7.33
N GLN B 301 34.22 -1.89 6.26
CA GLN B 301 34.44 -1.51 4.86
C GLN B 301 35.91 -1.38 4.47
N ASN B 302 36.70 -2.38 4.83
CA ASN B 302 38.13 -2.46 4.48
C ASN B 302 38.37 -3.81 3.76
N PHE B 303 39.62 -4.20 3.49
CA PHE B 303 39.92 -5.49 2.86
C PHE B 303 40.70 -6.31 3.89
N LEU B 304 40.08 -6.54 5.05
CA LEU B 304 40.69 -7.25 6.19
C LEU B 304 40.16 -8.68 6.38
N ALA B 305 39.76 -9.39 5.30
CA ALA B 305 39.27 -10.76 5.43
C ALA B 305 40.38 -11.71 5.92
N LYS B 306 41.59 -11.64 5.33
CA LYS B 306 42.71 -12.48 5.75
C LYS B 306 43.24 -12.03 7.12
N GLU B 307 43.20 -10.71 7.41
CA GLU B 307 43.66 -10.19 8.70
C GLU B 307 42.76 -10.69 9.85
N ILE B 308 41.45 -10.93 9.63
CA ILE B 308 40.58 -11.46 10.69
C ILE B 308 41.11 -12.82 11.22
N GLY B 309 41.73 -13.62 10.34
CA GLY B 309 42.30 -14.90 10.70
C GLY B 309 43.60 -14.86 11.49
N ASP B 310 44.33 -13.72 11.49
CA ASP B 310 45.60 -13.57 12.20
C ASP B 310 45.43 -12.56 13.37
N ALA B 311 44.98 -11.33 13.06
CA ALA B 311 44.67 -10.23 13.96
C ALA B 311 45.50 -10.17 15.27
N LYS B 312 46.84 -10.08 15.14
CA LYS B 312 47.71 -9.99 16.32
C LYS B 312 47.52 -8.67 17.11
N PHE B 313 46.94 -7.63 16.48
CA PHE B 313 46.68 -6.35 17.14
C PHE B 313 45.66 -6.43 18.29
N LEU B 314 44.84 -7.49 18.34
CA LEU B 314 43.81 -7.62 19.39
C LEU B 314 44.42 -7.91 20.78
N HIS B 315 45.69 -8.38 20.85
CA HIS B 315 46.38 -8.61 22.12
C HIS B 315 46.70 -7.28 22.83
N PHE B 316 46.84 -6.18 22.07
CA PHE B 316 47.12 -4.83 22.61
C PHE B 316 45.82 -4.05 22.93
N LEU B 317 44.64 -4.71 22.95
CA LEU B 317 43.36 -4.05 23.21
C LEU B 317 42.52 -4.78 24.29
N PRO B 318 42.98 -4.83 25.57
CA PRO B 318 42.18 -5.53 26.60
C PRO B 318 40.96 -4.76 27.12
N ASN B 319 40.93 -3.42 27.01
CA ASN B 319 39.81 -2.61 27.49
C ASN B 319 38.83 -2.22 26.37
N LEU B 320 38.84 -2.92 25.22
CA LEU B 320 37.95 -2.61 24.11
C LEU B 320 36.54 -3.13 24.38
N ILE B 321 35.53 -2.26 24.24
CA ILE B 321 34.12 -2.58 24.48
C ILE B 321 33.44 -2.94 23.16
N GLN B 322 33.63 -2.14 22.11
CA GLN B 322 32.98 -2.35 20.81
C GLN B 322 34.00 -2.55 19.69
N LEU B 323 33.87 -3.66 18.94
CA LEU B 323 34.74 -3.97 17.81
C LEU B 323 33.86 -4.26 16.59
N ASP B 324 34.12 -3.56 15.48
CA ASP B 324 33.35 -3.73 14.25
C ASP B 324 34.31 -4.10 13.12
N LEU B 325 34.08 -5.25 12.48
CA LEU B 325 34.88 -5.73 11.36
C LEU B 325 33.91 -6.16 10.26
N SER B 326 32.93 -5.29 9.94
CA SER B 326 31.91 -5.59 8.94
C SER B 326 32.34 -5.23 7.52
N PHE B 327 31.78 -5.96 6.54
CA PHE B 327 32.03 -5.79 5.11
C PHE B 327 33.51 -5.69 4.76
N ASN B 328 34.26 -6.74 5.13
CA ASN B 328 35.68 -6.90 4.83
C ASN B 328 35.94 -8.05 3.83
N PHE B 329 34.86 -8.62 3.21
CA PHE B 329 34.97 -9.75 2.28
C PHE B 329 35.82 -9.46 1.04
N GLU B 330 36.40 -10.51 0.45
CA GLU B 330 37.15 -10.37 -0.80
C GLU B 330 36.06 -10.34 -1.87
N LEU B 331 36.02 -9.28 -2.68
CA LEU B 331 34.96 -9.03 -3.67
C LEU B 331 34.43 -10.26 -4.45
N GLN B 332 35.30 -11.22 -4.85
CA GLN B 332 34.85 -12.38 -5.63
C GLN B 332 35.22 -13.74 -5.01
N VAL B 333 35.06 -13.90 -3.69
CA VAL B 333 35.35 -15.17 -3.00
C VAL B 333 34.20 -15.46 -2.03
N TYR B 334 33.54 -16.61 -2.17
CA TYR B 334 32.49 -17.04 -1.26
C TYR B 334 33.13 -18.11 -0.38
N ARG B 335 33.75 -17.69 0.74
CA ARG B 335 34.45 -18.58 1.67
C ARG B 335 33.58 -19.73 2.15
N ALA B 336 34.21 -20.86 2.50
CA ALA B 336 33.49 -22.02 3.00
C ALA B 336 33.16 -21.89 4.49
N SER B 337 34.02 -21.21 5.26
CA SER B 337 33.85 -21.06 6.70
C SER B 337 34.49 -19.76 7.23
N MET B 338 34.09 -19.33 8.44
CA MET B 338 34.66 -18.13 9.07
C MET B 338 35.85 -18.51 9.92
N ASN B 339 37.01 -17.90 9.66
CA ASN B 339 38.24 -18.16 10.41
C ASN B 339 38.54 -16.97 11.33
N LEU B 340 38.15 -17.07 12.61
CA LEU B 340 38.43 -16.04 13.60
C LEU B 340 39.72 -16.42 14.31
N SER B 341 40.65 -15.46 14.45
CA SER B 341 41.91 -15.74 15.13
C SER B 341 41.70 -16.02 16.61
N GLN B 342 42.62 -16.80 17.21
CA GLN B 342 42.56 -17.06 18.65
C GLN B 342 42.84 -15.78 19.49
N ALA B 343 43.40 -14.72 18.87
CA ALA B 343 43.66 -13.44 19.55
C ALA B 343 42.36 -12.76 20.02
N PHE B 344 41.19 -13.11 19.42
CA PHE B 344 39.90 -12.56 19.87
C PHE B 344 39.62 -12.94 21.35
N SER B 345 40.23 -14.03 21.87
CA SER B 345 40.08 -14.44 23.27
C SER B 345 40.74 -13.45 24.24
N SER B 346 41.73 -12.66 23.78
CA SER B 346 42.40 -11.66 24.61
C SER B 346 41.59 -10.35 24.77
N LEU B 347 40.35 -10.28 24.24
CA LEU B 347 39.51 -9.09 24.34
C LEU B 347 38.58 -9.22 25.57
N LYS B 348 39.19 -9.25 26.77
CA LYS B 348 38.49 -9.43 28.05
C LYS B 348 37.27 -8.54 28.30
N SER B 349 37.33 -7.24 27.94
CA SER B 349 36.22 -6.30 28.20
C SER B 349 35.25 -6.12 27.02
N LEU B 350 35.24 -6.99 26.00
CA LEU B 350 34.37 -6.81 24.83
C LEU B 350 32.91 -7.11 25.12
N LYS B 351 32.02 -6.18 24.74
CA LYS B 351 30.57 -6.29 24.90
C LYS B 351 29.87 -6.44 23.55
N ILE B 352 30.31 -5.70 22.52
CA ILE B 352 29.69 -5.76 21.19
C ILE B 352 30.74 -6.16 20.16
N LEU B 353 30.43 -7.20 19.34
CA LEU B 353 31.30 -7.66 18.26
C LEU B 353 30.42 -7.81 17.03
N ARG B 354 30.71 -7.02 15.98
CA ARG B 354 29.95 -7.08 14.75
C ARG B 354 30.86 -7.48 13.60
N ILE B 355 30.54 -8.56 12.89
CA ILE B 355 31.31 -9.03 11.75
C ILE B 355 30.31 -9.37 10.64
N ARG B 356 29.58 -8.35 10.17
CA ARG B 356 28.67 -8.50 9.04
C ARG B 356 29.52 -8.56 7.75
N GLY B 357 28.93 -8.92 6.62
CA GLY B 357 29.63 -8.94 5.34
C GLY B 357 30.99 -9.61 5.29
N TYR B 358 31.21 -10.66 6.08
CA TYR B 358 32.41 -11.48 6.01
C TYR B 358 32.25 -12.43 4.81
N VAL B 359 31.01 -12.96 4.58
CA VAL B 359 30.59 -13.82 3.46
C VAL B 359 31.22 -15.20 3.55
N PHE B 360 30.47 -16.16 4.11
CA PHE B 360 30.90 -17.55 4.26
C PHE B 360 29.69 -18.51 4.22
N LYS B 361 29.91 -19.72 3.69
CA LYS B 361 28.86 -20.71 3.47
C LYS B 361 28.38 -21.46 4.71
N GLU B 362 29.27 -21.82 5.65
CA GLU B 362 28.87 -22.62 6.80
C GLU B 362 29.49 -22.15 8.11
N LEU B 363 28.64 -21.93 9.14
CA LEU B 363 29.08 -21.55 10.47
C LEU B 363 29.08 -22.81 11.31
N LYS B 364 30.20 -23.10 11.99
CA LYS B 364 30.36 -24.27 12.86
C LYS B 364 30.68 -23.81 14.29
N SER B 365 30.32 -24.62 15.29
CA SER B 365 30.50 -24.29 16.70
C SER B 365 31.95 -23.96 17.08
N PHE B 366 32.93 -24.75 16.60
CA PHE B 366 34.34 -24.54 16.94
C PHE B 366 34.92 -23.24 16.36
N GLN B 367 34.35 -22.72 15.26
CA GLN B 367 34.84 -21.48 14.66
C GLN B 367 34.63 -20.26 15.58
N LEU B 368 33.66 -20.33 16.52
CA LEU B 368 33.40 -19.27 17.50
C LEU B 368 34.06 -19.55 18.86
N SER B 369 35.01 -20.53 18.96
CA SER B 369 35.67 -20.86 20.21
C SER B 369 36.50 -19.69 20.81
N PRO B 370 37.19 -18.81 20.02
CA PRO B 370 37.87 -17.67 20.64
C PRO B 370 36.94 -16.72 21.42
N LEU B 371 35.61 -16.81 21.19
CA LEU B 371 34.63 -15.96 21.88
C LEU B 371 33.96 -16.64 23.08
N HIS B 372 34.32 -17.90 23.41
CA HIS B 372 33.69 -18.64 24.50
C HIS B 372 33.91 -18.02 25.90
N ASN B 373 35.17 -17.69 26.25
CA ASN B 373 35.48 -17.13 27.58
C ASN B 373 35.47 -15.60 27.64
N LEU B 374 34.79 -14.91 26.72
CA LEU B 374 34.67 -13.45 26.78
C LEU B 374 33.43 -13.21 27.64
N GLN B 375 33.63 -13.09 28.96
CA GLN B 375 32.55 -13.00 29.93
C GLN B 375 31.62 -11.78 29.79
N ASN B 376 32.12 -10.65 29.27
CA ASN B 376 31.28 -9.45 29.11
C ASN B 376 30.60 -9.37 27.73
N LEU B 377 30.70 -10.41 26.88
CA LEU B 377 30.10 -10.36 25.55
C LEU B 377 28.57 -10.34 25.64
N GLU B 378 27.95 -9.36 24.98
CA GLU B 378 26.51 -9.12 24.95
C GLU B 378 25.94 -9.26 23.54
N VAL B 379 26.57 -8.64 22.53
CA VAL B 379 26.08 -8.69 21.15
C VAL B 379 27.09 -9.36 20.21
N LEU B 380 26.66 -10.40 19.49
CA LEU B 380 27.46 -11.06 18.45
C LEU B 380 26.61 -10.92 17.20
N ASP B 381 27.05 -10.06 16.26
CA ASP B 381 26.29 -9.82 15.04
C ASP B 381 27.01 -10.35 13.83
N LEU B 382 26.49 -11.46 13.25
CA LEU B 382 27.02 -12.07 12.05
C LEU B 382 25.97 -12.01 10.93
N GLY B 383 25.37 -10.84 10.76
CA GLY B 383 24.37 -10.61 9.72
C GLY B 383 24.98 -10.41 8.35
N THR B 384 24.13 -10.41 7.30
CA THR B 384 24.54 -10.20 5.90
C THR B 384 25.80 -10.99 5.51
N ASN B 385 25.81 -12.31 5.78
CA ASN B 385 26.95 -13.19 5.48
C ASN B 385 26.63 -14.29 4.48
N PHE B 386 25.34 -14.52 4.13
CA PHE B 386 24.92 -15.56 3.20
C PHE B 386 25.33 -16.95 3.75
N ILE B 387 25.11 -17.18 5.05
CA ILE B 387 25.43 -18.45 5.72
C ILE B 387 24.32 -19.41 5.32
N LYS B 388 24.65 -20.54 4.68
CA LYS B 388 23.66 -21.52 4.25
C LYS B 388 23.38 -22.58 5.33
N ILE B 389 24.41 -23.01 6.09
CA ILE B 389 24.28 -24.05 7.10
C ILE B 389 24.78 -23.56 8.47
N ALA B 390 23.97 -23.71 9.54
CA ALA B 390 24.34 -23.32 10.90
C ALA B 390 23.47 -24.07 11.93
N ASN B 391 24.09 -24.95 12.75
CA ASN B 391 23.35 -25.66 13.80
C ASN B 391 23.04 -24.63 14.89
N LEU B 392 21.76 -24.28 15.07
CA LEU B 392 21.37 -23.26 16.05
C LEU B 392 21.69 -23.64 17.50
N SER B 393 21.81 -24.94 17.81
CA SER B 393 22.16 -25.38 19.16
C SER B 393 23.59 -24.97 19.58
N MET B 394 24.43 -24.46 18.65
CA MET B 394 25.79 -24.00 19.00
C MET B 394 25.75 -22.81 19.96
N PHE B 395 24.67 -22.00 19.93
CA PHE B 395 24.54 -20.84 20.80
C PHE B 395 24.17 -21.21 22.25
N LYS B 396 24.17 -22.51 22.62
CA LYS B 396 23.96 -22.92 24.02
C LYS B 396 25.13 -22.44 24.90
N GLN B 397 26.35 -22.25 24.32
CA GLN B 397 27.52 -21.72 25.03
C GLN B 397 27.56 -20.17 24.98
N PHE B 398 26.43 -19.49 24.67
CA PHE B 398 26.33 -18.05 24.59
C PHE B 398 25.01 -17.60 25.27
N LYS B 399 24.71 -18.19 26.44
CA LYS B 399 23.50 -17.85 27.22
C LYS B 399 23.59 -16.44 27.80
N ARG B 400 24.80 -15.99 28.17
CA ARG B 400 25.04 -14.65 28.73
C ARG B 400 24.74 -13.52 27.74
N LEU B 401 24.69 -13.81 26.42
CA LEU B 401 24.48 -12.78 25.40
C LEU B 401 23.06 -12.23 25.38
N LYS B 402 22.92 -10.93 25.13
CA LYS B 402 21.64 -10.24 25.02
C LYS B 402 21.06 -10.43 23.61
N VAL B 403 21.89 -10.25 22.56
CA VAL B 403 21.45 -10.37 21.16
C VAL B 403 22.45 -11.21 20.35
N ILE B 404 21.94 -12.19 19.58
CA ILE B 404 22.72 -12.99 18.63
C ILE B 404 22.06 -12.69 17.31
N ASP B 405 22.67 -11.82 16.48
CA ASP B 405 22.07 -11.40 15.23
C ASP B 405 22.57 -12.17 14.01
N LEU B 406 21.70 -13.00 13.41
CA LEU B 406 21.99 -13.75 12.17
C LEU B 406 21.02 -13.30 11.06
N SER B 407 20.63 -12.01 11.04
CA SER B 407 19.69 -11.49 10.05
C SER B 407 20.31 -11.43 8.66
N VAL B 408 19.47 -11.51 7.61
CA VAL B 408 19.88 -11.45 6.21
C VAL B 408 20.91 -12.54 5.91
N ASN B 409 20.48 -13.82 5.91
CA ASN B 409 21.35 -14.97 5.65
C ASN B 409 20.57 -16.07 4.85
N LYS B 410 21.23 -17.17 4.45
CA LYS B 410 20.61 -18.25 3.68
C LYS B 410 20.41 -19.56 4.49
N ILE B 411 20.39 -19.49 5.84
CA ILE B 411 20.23 -20.69 6.69
C ILE B 411 18.90 -21.40 6.36
N SER B 412 18.95 -22.72 6.08
CA SER B 412 17.78 -23.52 5.72
C SER B 412 17.90 -24.96 6.28
N PRO B 413 16.80 -25.72 6.49
CA PRO B 413 16.95 -27.09 7.02
C PRO B 413 17.47 -28.07 5.97
N LEU B 441 20.10 1.42 6.31
CA LEU B 441 21.34 1.92 5.72
C LEU B 441 22.23 2.48 6.84
N TYR B 442 23.31 1.75 7.20
CA TYR B 442 24.25 2.10 8.26
C TYR B 442 25.72 1.99 7.79
N TYR B 443 26.15 0.81 7.31
CA TYR B 443 27.51 0.60 6.83
C TYR B 443 27.76 1.14 5.42
N PHE B 444 26.70 1.32 4.63
CA PHE B 444 26.85 1.78 3.26
C PHE B 444 26.47 3.25 3.04
N ARG B 445 25.78 3.91 3.99
CA ARG B 445 25.46 5.33 3.81
C ARG B 445 26.72 6.19 3.91
N TYR B 446 26.78 7.28 3.12
CA TYR B 446 27.93 8.18 3.04
C TYR B 446 28.37 8.75 4.39
N ASP B 447 27.41 9.30 5.15
CA ASP B 447 27.69 9.89 6.46
C ASP B 447 26.53 9.55 7.38
N LYS B 448 26.74 8.60 8.30
CA LYS B 448 25.68 8.19 9.23
C LYS B 448 25.38 9.24 10.32
N TYR B 449 26.30 10.21 10.54
CA TYR B 449 26.10 11.30 11.50
C TYR B 449 25.75 12.59 10.75
N ALA B 450 25.03 12.52 9.61
CA ALA B 450 24.68 13.69 8.83
C ALA B 450 23.55 14.45 9.51
N ARG B 451 23.73 15.76 9.70
CA ARG B 451 22.74 16.60 10.37
C ARG B 451 21.65 17.04 9.40
N SER B 452 20.38 16.95 9.81
CA SER B 452 19.23 17.35 9.00
C SER B 452 18.74 18.74 9.43
N CYS B 453 18.04 19.44 8.53
CA CYS B 453 17.51 20.77 8.83
C CYS B 453 16.41 20.68 9.89
N SER B 468 10.61 -3.75 18.73
CA SER B 468 11.79 -4.49 19.18
C SER B 468 11.48 -5.37 20.40
N CYS B 469 12.28 -6.43 20.61
CA CYS B 469 12.09 -7.40 21.69
C CYS B 469 13.34 -7.61 22.56
N TYR B 470 14.37 -6.76 22.47
CA TYR B 470 15.59 -6.96 23.25
C TYR B 470 15.38 -6.79 24.75
N LYS B 471 14.37 -6.00 25.16
CA LYS B 471 14.05 -5.79 26.58
C LYS B 471 13.58 -7.08 27.28
N TYR B 472 13.00 -8.03 26.52
CA TYR B 472 12.54 -9.31 27.07
C TYR B 472 13.70 -10.19 27.54
N GLY B 473 14.84 -10.11 26.87
CA GLY B 473 16.04 -10.86 27.26
C GLY B 473 16.84 -11.39 26.10
N GLN B 474 17.30 -12.65 26.21
CA GLN B 474 18.13 -13.30 25.19
C GLN B 474 17.39 -13.38 23.86
N THR B 475 17.88 -12.65 22.85
CA THR B 475 17.27 -12.59 21.52
C THR B 475 18.13 -13.34 20.50
N LEU B 476 17.50 -14.17 19.66
CA LEU B 476 18.16 -14.89 18.57
C LEU B 476 17.44 -14.45 17.31
N ASP B 477 18.05 -13.53 16.54
CA ASP B 477 17.43 -13.00 15.34
C ASP B 477 17.78 -13.80 14.10
N LEU B 478 16.80 -14.55 13.55
CA LEU B 478 16.95 -15.31 12.31
C LEU B 478 16.09 -14.69 11.20
N SER B 479 15.93 -13.35 11.21
CA SER B 479 15.10 -12.68 10.22
C SER B 479 15.74 -12.60 8.85
N LYS B 480 14.89 -12.51 7.82
CA LYS B 480 15.28 -12.46 6.42
C LYS B 480 16.21 -13.62 6.05
N ASN B 481 15.71 -14.84 6.28
CA ASN B 481 16.43 -16.09 6.06
C ASN B 481 15.62 -17.07 5.19
N SER B 482 16.26 -18.16 4.71
CA SER B 482 15.61 -19.15 3.85
C SER B 482 15.07 -20.37 4.61
N ILE B 483 14.58 -20.19 5.85
CA ILE B 483 14.04 -21.32 6.63
C ILE B 483 12.63 -21.60 6.11
N PHE B 484 12.40 -22.79 5.54
CA PHE B 484 11.10 -23.19 4.99
C PHE B 484 10.35 -24.18 5.87
N PHE B 485 11.07 -24.97 6.69
CA PHE B 485 10.46 -25.97 7.57
C PHE B 485 11.14 -25.91 8.94
N ILE B 486 10.36 -26.10 10.02
CA ILE B 486 10.88 -26.07 11.39
C ILE B 486 10.39 -27.28 12.20
N LYS B 487 11.20 -27.72 13.16
CA LYS B 487 10.91 -28.84 14.05
C LYS B 487 11.57 -28.61 15.42
N SER B 488 11.12 -29.36 16.44
CA SER B 488 11.65 -29.22 17.81
C SER B 488 13.18 -29.33 17.89
N SER B 489 13.78 -30.30 17.18
CA SER B 489 15.24 -30.50 17.21
C SER B 489 16.05 -29.30 16.70
N ASP B 490 15.46 -28.41 15.89
CA ASP B 490 16.18 -27.23 15.37
C ASP B 490 16.50 -26.25 16.51
N PHE B 491 15.59 -26.11 17.49
CA PHE B 491 15.77 -25.22 18.63
C PHE B 491 16.20 -25.99 19.90
N GLN B 492 16.91 -27.12 19.75
CA GLN B 492 17.34 -27.91 20.90
C GLN B 492 18.46 -27.15 21.64
N HIS B 493 18.51 -27.30 22.97
CA HIS B 493 19.49 -26.64 23.84
C HIS B 493 19.38 -25.10 23.86
N LEU B 494 18.24 -24.52 23.42
CA LEU B 494 18.05 -23.08 23.43
C LEU B 494 16.81 -22.72 24.27
N SER B 495 16.60 -23.41 25.40
CA SER B 495 15.48 -23.13 26.28
C SER B 495 15.59 -21.75 26.96
N PHE B 496 16.81 -21.24 27.13
CA PHE B 496 17.08 -19.93 27.72
C PHE B 496 16.56 -18.72 26.93
N LEU B 497 16.22 -18.88 25.63
CA LEU B 497 15.81 -17.73 24.82
C LEU B 497 14.52 -17.08 25.28
N LYS B 498 14.49 -15.74 25.31
CA LYS B 498 13.33 -14.94 25.67
C LYS B 498 12.65 -14.33 24.43
N CYS B 499 13.38 -14.16 23.31
CA CYS B 499 12.80 -13.68 22.05
C CYS B 499 13.46 -14.39 20.88
N LEU B 500 12.66 -14.72 19.87
CA LEU B 500 13.13 -15.37 18.64
C LEU B 500 12.44 -14.65 17.48
N ASN B 501 13.23 -14.01 16.61
CA ASN B 501 12.67 -13.30 15.47
C ASN B 501 12.84 -14.11 14.19
N LEU B 502 11.79 -14.85 13.78
CA LEU B 502 11.77 -15.61 12.53
C LEU B 502 11.07 -14.79 11.41
N SER B 503 11.08 -13.45 11.49
CA SER B 503 10.40 -12.61 10.48
C SER B 503 11.08 -12.72 9.13
N GLY B 504 10.29 -12.66 8.06
CA GLY B 504 10.82 -12.70 6.70
C GLY B 504 11.46 -14.01 6.33
N ASN B 505 10.79 -15.13 6.63
CA ASN B 505 11.27 -16.47 6.31
C ASN B 505 10.28 -17.16 5.32
N LEU B 506 10.55 -18.41 4.91
CA LEU B 506 9.73 -19.15 3.94
C LEU B 506 8.89 -20.25 4.63
N ILE B 507 8.47 -20.05 5.89
CA ILE B 507 7.75 -21.09 6.63
C ILE B 507 6.28 -21.19 6.16
N SER B 508 5.95 -22.25 5.38
CA SER B 508 4.60 -22.51 4.85
C SER B 508 4.12 -23.84 5.44
N GLN B 509 4.14 -23.94 6.77
CA GLN B 509 3.82 -25.15 7.51
C GLN B 509 2.52 -25.04 8.32
N THR B 510 1.84 -26.18 8.53
CA THR B 510 0.65 -26.28 9.36
C THR B 510 1.15 -26.57 10.77
N LEU B 511 1.34 -25.52 11.59
CA LEU B 511 1.88 -25.69 12.94
C LEU B 511 0.84 -26.39 13.83
N ASN B 512 1.27 -27.43 14.57
CA ASN B 512 0.39 -28.23 15.42
C ASN B 512 0.77 -28.24 16.91
N GLY B 513 1.70 -27.38 17.33
CA GLY B 513 2.12 -27.32 18.72
C GLY B 513 3.27 -28.25 19.07
N SER B 514 4.19 -28.49 18.12
CA SER B 514 5.36 -29.34 18.35
C SER B 514 6.64 -28.83 17.65
N GLU B 515 6.63 -27.61 17.08
CA GLU B 515 7.78 -27.05 16.36
C GLU B 515 8.73 -26.25 17.26
N PHE B 516 8.28 -25.82 18.44
CA PHE B 516 9.07 -25.02 19.38
C PHE B 516 9.03 -25.62 20.79
N GLN B 517 8.97 -26.96 20.93
CA GLN B 517 8.91 -27.60 22.24
C GLN B 517 10.06 -27.19 23.20
N PRO B 518 11.36 -27.09 22.77
CA PRO B 518 12.40 -26.67 23.73
C PRO B 518 12.33 -25.20 24.16
N LEU B 519 11.64 -24.33 23.40
CA LEU B 519 11.55 -22.91 23.73
C LEU B 519 10.52 -22.64 24.84
N ALA B 520 10.82 -23.07 26.07
CA ALA B 520 9.94 -22.92 27.22
C ALA B 520 9.91 -21.50 27.83
N GLU B 521 11.06 -20.81 27.86
CA GLU B 521 11.13 -19.46 28.45
C GLU B 521 10.82 -18.34 27.44
N LEU B 522 10.38 -18.65 26.21
CA LEU B 522 10.15 -17.63 25.20
C LEU B 522 8.96 -16.74 25.51
N ARG B 523 9.19 -15.41 25.51
CA ARG B 523 8.18 -14.39 25.77
C ARG B 523 7.75 -13.65 24.50
N TYR B 524 8.59 -13.62 23.44
CA TYR B 524 8.27 -12.91 22.20
C TYR B 524 8.67 -13.76 20.99
N LEU B 525 7.75 -13.94 20.04
CA LEU B 525 8.02 -14.66 18.80
C LEU B 525 7.54 -13.80 17.65
N ASP B 526 8.47 -13.33 16.80
CA ASP B 526 8.09 -12.52 15.65
C ASP B 526 8.07 -13.45 14.43
N PHE B 527 6.87 -13.90 14.04
CA PHE B 527 6.64 -14.78 12.91
C PHE B 527 6.06 -14.00 11.70
N SER B 528 6.36 -12.69 11.58
CA SER B 528 5.84 -11.88 10.49
C SER B 528 6.51 -12.19 9.14
N ASN B 529 5.83 -11.84 8.04
CA ASN B 529 6.31 -12.07 6.66
C ASN B 529 6.70 -13.53 6.44
N ASN B 530 5.75 -14.44 6.74
CA ASN B 530 5.86 -15.89 6.57
C ASN B 530 4.54 -16.38 5.88
N ARG B 531 4.31 -17.70 5.79
CA ARG B 531 3.09 -18.24 5.21
C ARG B 531 2.44 -19.16 6.23
N LEU B 532 2.03 -18.59 7.37
CA LEU B 532 1.40 -19.34 8.45
C LEU B 532 0.10 -19.98 7.97
N ASP B 533 -0.08 -21.28 8.25
CA ASP B 533 -1.27 -22.02 7.87
C ASP B 533 -1.95 -22.48 9.16
N LEU B 534 -3.05 -21.80 9.57
CA LEU B 534 -3.79 -22.17 10.77
C LEU B 534 -4.81 -23.27 10.50
N LEU B 535 -4.33 -24.47 10.15
CA LEU B 535 -5.19 -25.62 9.95
C LEU B 535 -5.60 -26.14 11.33
N HIS B 536 -4.64 -26.25 12.26
CA HIS B 536 -4.89 -26.75 13.61
C HIS B 536 -4.98 -25.59 14.59
N SER B 537 -5.95 -25.61 15.51
CA SER B 537 -6.07 -24.59 16.55
C SER B 537 -4.98 -24.76 17.65
N THR B 538 -4.17 -25.83 17.61
CA THR B 538 -3.10 -26.07 18.57
C THR B 538 -1.78 -25.37 18.17
N ALA B 539 -1.79 -24.47 17.16
CA ALA B 539 -0.58 -23.78 16.74
C ALA B 539 -0.07 -22.86 17.85
N PHE B 540 1.25 -22.86 18.07
CA PHE B 540 1.94 -22.04 19.09
C PHE B 540 1.62 -22.44 20.56
N GLU B 541 0.78 -23.47 20.83
CA GLU B 541 0.44 -23.84 22.22
C GLU B 541 1.63 -24.32 23.07
N GLU B 542 2.69 -24.88 22.46
CA GLU B 542 3.88 -25.32 23.19
C GLU B 542 4.65 -24.14 23.83
N LEU B 543 4.52 -22.92 23.28
CA LEU B 543 5.16 -21.74 23.81
C LEU B 543 4.27 -21.23 24.95
N ARG B 544 4.41 -21.84 26.14
CA ARG B 544 3.55 -21.56 27.28
C ARG B 544 3.80 -20.22 27.98
N LYS B 545 5.03 -19.69 27.97
CA LYS B 545 5.30 -18.38 28.59
C LYS B 545 5.27 -17.24 27.55
N LEU B 546 4.59 -17.42 26.40
CA LEU B 546 4.57 -16.41 25.34
C LEU B 546 3.67 -15.24 25.69
N GLU B 547 4.24 -14.04 25.76
CA GLU B 547 3.53 -12.80 26.08
C GLU B 547 3.18 -12.02 24.81
N VAL B 548 4.04 -12.04 23.78
CA VAL B 548 3.77 -11.31 22.53
C VAL B 548 3.97 -12.22 21.33
N LEU B 549 3.00 -12.25 20.39
CA LEU B 549 3.07 -13.04 19.17
C LEU B 549 2.74 -12.13 17.99
N ASP B 550 3.65 -12.06 17.00
CA ASP B 550 3.43 -11.28 15.79
C ASP B 550 3.29 -12.25 14.63
N ILE B 551 2.10 -12.32 14.03
CA ILE B 551 1.85 -13.17 12.85
C ILE B 551 1.33 -12.27 11.70
N SER B 552 1.85 -11.03 11.60
CA SER B 552 1.46 -10.07 10.57
C SER B 552 2.09 -10.41 9.23
N SER B 553 1.46 -9.99 8.13
CA SER B 553 1.91 -10.23 6.77
C SER B 553 2.12 -11.73 6.47
N ASN B 554 1.15 -12.56 6.88
CA ASN B 554 1.09 -13.99 6.61
C ASN B 554 -0.22 -14.20 5.83
N SER B 555 -0.43 -13.40 4.76
CA SER B 555 -1.66 -13.40 3.98
C SER B 555 -1.83 -14.55 2.99
N HIS B 556 -0.74 -15.21 2.58
CA HIS B 556 -0.76 -16.27 1.57
C HIS B 556 -1.99 -17.22 1.60
N TYR B 557 -2.20 -17.97 2.69
CA TYR B 557 -3.31 -18.93 2.76
C TYR B 557 -4.67 -18.25 2.95
N PHE B 558 -4.72 -17.04 3.50
CA PHE B 558 -6.00 -16.31 3.65
C PHE B 558 -6.50 -15.75 2.31
N GLN B 559 -5.64 -15.64 1.28
CA GLN B 559 -6.03 -15.11 -0.03
C GLN B 559 -6.78 -16.11 -0.90
N SER B 560 -6.53 -17.44 -0.73
CA SER B 560 -7.19 -18.47 -1.53
C SER B 560 -8.42 -19.04 -0.81
N GLU B 561 -9.55 -19.12 -1.52
CA GLU B 561 -10.82 -19.60 -0.98
C GLU B 561 -10.84 -21.07 -0.54
N GLY B 562 -11.77 -21.41 0.36
CA GLY B 562 -11.98 -22.77 0.82
C GLY B 562 -10.97 -23.35 1.78
N ILE B 563 -9.93 -22.59 2.14
CA ILE B 563 -8.88 -23.08 3.05
C ILE B 563 -9.33 -22.86 4.50
N THR B 564 -9.22 -23.89 5.34
CA THR B 564 -9.60 -23.80 6.77
C THR B 564 -8.64 -22.88 7.53
N HIS B 565 -9.18 -21.94 8.33
CA HIS B 565 -8.38 -21.04 9.15
C HIS B 565 -8.96 -21.05 10.58
N MET B 566 -8.16 -21.46 11.56
CA MET B 566 -8.59 -21.54 12.95
C MET B 566 -8.05 -20.35 13.73
N LEU B 567 -8.83 -19.27 13.83
CA LEU B 567 -8.41 -18.09 14.58
C LEU B 567 -8.59 -18.27 16.12
N ASN B 568 -9.26 -19.37 16.57
CA ASN B 568 -9.44 -19.66 18.00
C ASN B 568 -8.18 -20.25 18.67
N PHE B 569 -7.01 -20.22 17.99
CA PHE B 569 -5.76 -20.75 18.53
C PHE B 569 -5.27 -20.02 19.80
N THR B 570 -5.81 -18.82 20.09
CA THR B 570 -5.40 -18.00 21.23
C THR B 570 -5.81 -18.56 22.59
N LYS B 571 -6.83 -19.43 22.67
CA LYS B 571 -7.31 -19.98 23.93
C LYS B 571 -6.23 -20.77 24.68
N ASN B 572 -5.38 -21.52 23.95
CA ASN B 572 -4.33 -22.31 24.59
C ASN B 572 -3.16 -21.47 25.14
N LEU B 573 -2.99 -20.23 24.67
CA LEU B 573 -1.91 -19.35 25.15
C LEU B 573 -2.46 -18.59 26.37
N LYS B 574 -2.07 -19.03 27.57
CA LYS B 574 -2.62 -18.52 28.83
C LYS B 574 -1.99 -17.22 29.37
N VAL B 575 -0.82 -16.79 28.89
CA VAL B 575 -0.21 -15.53 29.36
C VAL B 575 0.06 -14.56 28.18
N LEU B 576 -0.63 -14.71 27.05
CA LEU B 576 -0.45 -13.83 25.89
C LEU B 576 -1.08 -12.49 26.20
N GLN B 577 -0.31 -11.40 26.09
CA GLN B 577 -0.72 -10.03 26.37
C GLN B 577 -0.99 -9.25 25.08
N LYS B 578 -0.19 -9.48 24.02
CA LYS B 578 -0.32 -8.75 22.76
C LYS B 578 -0.22 -9.70 21.57
N LEU B 579 -1.14 -9.56 20.60
CA LEU B 579 -1.17 -10.35 19.38
C LEU B 579 -1.35 -9.41 18.21
N MET B 580 -0.53 -9.57 17.17
CA MET B 580 -0.62 -8.75 15.97
C MET B 580 -0.85 -9.68 14.79
N MET B 581 -1.92 -9.45 14.04
CA MET B 581 -2.23 -10.22 12.84
C MET B 581 -2.62 -9.21 11.75
N ASN B 582 -1.73 -8.22 11.54
CA ASN B 582 -1.92 -7.15 10.58
C ASN B 582 -1.62 -7.61 9.16
N ASP B 583 -2.21 -6.95 8.17
CA ASP B 583 -1.97 -7.20 6.75
C ASP B 583 -2.00 -8.70 6.36
N ASN B 584 -2.97 -9.44 6.89
CA ASN B 584 -3.17 -10.87 6.58
C ASN B 584 -4.30 -11.11 5.57
N ASP B 585 -5.07 -10.06 5.17
CA ASP B 585 -6.16 -10.17 4.21
C ASP B 585 -7.18 -11.24 4.64
N ILE B 586 -7.53 -11.27 5.94
CA ILE B 586 -8.44 -12.27 6.48
C ILE B 586 -9.88 -11.92 6.08
N SER B 587 -10.46 -12.71 5.17
CA SER B 587 -11.84 -12.54 4.71
C SER B 587 -12.76 -13.72 5.15
N SER B 588 -12.19 -14.83 5.65
CA SER B 588 -12.96 -15.99 6.09
C SER B 588 -12.29 -16.66 7.30
N SER B 589 -13.08 -17.40 8.08
CA SER B 589 -12.60 -18.10 9.28
C SER B 589 -13.49 -19.29 9.58
N THR B 590 -12.91 -20.44 9.94
CA THR B 590 -13.68 -21.62 10.29
C THR B 590 -14.32 -21.42 11.68
N SER B 591 -13.54 -20.86 12.63
CA SER B 591 -14.02 -20.57 13.98
C SER B 591 -14.72 -19.21 14.03
N ARG B 592 -15.86 -19.13 14.72
CA ARG B 592 -16.61 -17.87 14.85
C ARG B 592 -16.17 -17.00 16.03
N THR B 593 -15.44 -17.56 17.02
CA THR B 593 -15.00 -16.80 18.19
C THR B 593 -13.52 -16.98 18.50
N MET B 594 -12.85 -15.89 18.90
CA MET B 594 -11.46 -15.90 19.37
C MET B 594 -11.56 -15.76 20.88
N GLU B 595 -11.03 -16.72 21.64
CA GLU B 595 -11.12 -16.70 23.09
C GLU B 595 -9.74 -16.52 23.73
N SER B 596 -9.68 -15.75 24.83
CA SER B 596 -8.45 -15.53 25.59
C SER B 596 -8.75 -14.85 26.93
N GLU B 597 -8.25 -15.40 28.03
CA GLU B 597 -8.45 -14.81 29.36
C GLU B 597 -7.30 -13.86 29.77
N SER B 598 -6.34 -13.57 28.86
CA SER B 598 -5.19 -12.72 29.17
C SER B 598 -4.88 -11.65 28.13
N LEU B 599 -5.27 -11.82 26.86
CA LEU B 599 -4.94 -10.87 25.80
C LEU B 599 -5.47 -9.47 26.09
N ARG B 600 -4.57 -8.48 26.12
CA ARG B 600 -4.89 -7.07 26.37
C ARG B 600 -4.84 -6.21 25.11
N THR B 601 -4.08 -6.62 24.07
CA THR B 601 -3.95 -5.84 22.84
C THR B 601 -4.03 -6.75 21.62
N LEU B 602 -4.91 -6.42 20.65
CA LEU B 602 -5.03 -7.18 19.40
C LEU B 602 -5.01 -6.21 18.25
N GLU B 603 -4.07 -6.39 17.31
CA GLU B 603 -4.00 -5.55 16.12
C GLU B 603 -4.48 -6.38 14.94
N PHE B 604 -5.67 -6.05 14.40
CA PHE B 604 -6.27 -6.74 13.26
C PHE B 604 -6.37 -5.77 12.05
N ARG B 605 -5.33 -4.95 11.85
CA ARG B 605 -5.29 -3.98 10.74
C ARG B 605 -5.02 -4.72 9.41
N GLY B 606 -5.40 -4.13 8.28
CA GLY B 606 -5.14 -4.69 6.96
C GLY B 606 -5.78 -6.04 6.68
N ASN B 607 -7.01 -6.25 7.13
CA ASN B 607 -7.77 -7.48 6.91
C ASN B 607 -9.11 -7.15 6.21
N HIS B 608 -10.03 -8.12 6.03
CA HIS B 608 -11.31 -7.87 5.39
C HIS B 608 -12.48 -8.18 6.32
N LEU B 609 -12.59 -7.40 7.42
CA LEU B 609 -13.74 -7.55 8.33
C LEU B 609 -15.05 -7.13 7.65
N ASP B 610 -15.00 -6.34 6.56
CA ASP B 610 -16.21 -5.99 5.80
C ASP B 610 -16.82 -7.25 5.14
N VAL B 611 -15.99 -8.27 4.80
CA VAL B 611 -16.46 -9.52 4.21
C VAL B 611 -16.98 -10.44 5.33
N LEU B 612 -16.24 -10.56 6.46
CA LEU B 612 -16.69 -11.38 7.59
C LEU B 612 -18.00 -10.83 8.18
N TRP B 613 -18.09 -9.51 8.36
CA TRP B 613 -19.29 -8.84 8.87
C TRP B 613 -20.14 -8.33 7.69
N ARG B 614 -20.43 -9.19 6.71
CA ARG B 614 -21.28 -8.83 5.58
C ARG B 614 -22.70 -8.66 6.13
N ASP B 615 -23.44 -7.61 5.70
CA ASP B 615 -24.79 -7.38 6.24
C ASP B 615 -25.70 -8.57 5.98
N GLY B 616 -26.30 -9.10 7.03
CA GLY B 616 -27.12 -10.32 6.95
C GLY B 616 -26.41 -11.53 7.51
N ASP B 617 -25.06 -11.50 7.59
CA ASP B 617 -24.23 -12.57 8.13
C ASP B 617 -23.86 -12.20 9.59
N ASN B 618 -24.64 -12.70 10.55
CA ASN B 618 -24.45 -12.43 11.98
C ASN B 618 -23.49 -13.41 12.69
N ARG B 619 -22.74 -14.22 11.92
CA ARG B 619 -21.90 -15.27 12.50
C ARG B 619 -20.61 -14.79 13.17
N TYR B 620 -19.94 -13.77 12.60
CA TYR B 620 -18.66 -13.30 13.14
C TYR B 620 -18.75 -11.96 13.87
N LEU B 621 -19.96 -11.54 14.31
CA LEU B 621 -20.12 -10.28 15.03
C LEU B 621 -19.59 -10.34 16.48
N GLN B 622 -19.39 -11.55 17.03
CA GLN B 622 -18.88 -11.74 18.38
C GLN B 622 -17.48 -12.41 18.30
N LEU B 623 -16.66 -12.02 17.30
CA LEU B 623 -15.33 -12.58 17.05
C LEU B 623 -14.35 -12.18 18.14
N PHE B 624 -14.38 -10.91 18.58
CA PHE B 624 -13.48 -10.38 19.61
C PHE B 624 -14.13 -10.30 21.00
N LYS B 625 -15.39 -10.75 21.19
CA LYS B 625 -16.10 -10.63 22.47
C LYS B 625 -15.51 -11.46 23.61
N ASN B 626 -15.14 -12.72 23.35
CA ASN B 626 -14.62 -13.58 24.41
C ASN B 626 -13.14 -13.32 24.76
N LEU B 627 -12.55 -12.23 24.25
CA LEU B 627 -11.21 -11.79 24.64
C LEU B 627 -11.56 -10.85 25.79
N LEU B 628 -11.82 -11.42 26.97
CA LEU B 628 -12.36 -10.71 28.13
C LEU B 628 -11.48 -9.58 28.69
N LYS B 629 -10.15 -9.75 28.68
CA LYS B 629 -9.26 -8.70 29.18
C LYS B 629 -8.71 -7.80 28.05
N LEU B 630 -9.40 -7.73 26.89
CA LEU B 630 -8.93 -6.93 25.76
C LEU B 630 -9.20 -5.45 26.00
N GLU B 631 -8.14 -4.64 26.01
CA GLU B 631 -8.19 -3.20 26.24
C GLU B 631 -7.91 -2.39 24.98
N GLU B 632 -7.19 -2.95 23.99
CA GLU B 632 -6.86 -2.25 22.75
C GLU B 632 -7.16 -3.13 21.55
N LEU B 633 -7.96 -2.61 20.59
CA LEU B 633 -8.29 -3.33 19.36
C LEU B 633 -8.14 -2.37 18.20
N ASP B 634 -7.21 -2.65 17.29
CA ASP B 634 -6.98 -1.83 16.11
C ASP B 634 -7.59 -2.54 14.90
N ILE B 635 -8.78 -2.11 14.47
CA ILE B 635 -9.45 -2.71 13.30
C ILE B 635 -9.53 -1.66 12.17
N SER B 636 -8.41 -0.95 11.96
CA SER B 636 -8.28 0.03 10.89
C SER B 636 -7.87 -0.66 9.58
N LYS B 637 -8.07 0.01 8.43
CA LYS B 637 -7.75 -0.53 7.11
C LYS B 637 -8.41 -1.90 6.87
N ASN B 638 -9.73 -1.98 7.13
CA ASN B 638 -10.50 -3.21 6.94
C ASN B 638 -11.67 -3.04 5.93
N SER B 639 -11.62 -1.99 5.07
CA SER B 639 -12.65 -1.68 4.07
C SER B 639 -14.06 -1.58 4.65
N LEU B 640 -14.18 -1.16 5.92
CA LEU B 640 -15.47 -1.04 6.59
C LEU B 640 -16.13 0.29 6.25
N SER B 641 -16.91 0.34 5.16
CA SER B 641 -17.64 1.54 4.76
C SER B 641 -18.75 1.88 5.78
N PHE B 642 -19.27 0.85 6.49
CA PHE B 642 -20.28 0.98 7.54
C PHE B 642 -20.03 -0.14 8.59
N LEU B 643 -20.53 0.03 9.81
CA LEU B 643 -20.41 -1.00 10.84
C LEU B 643 -21.79 -1.62 11.06
N PRO B 644 -22.03 -2.92 10.74
CA PRO B 644 -23.39 -3.47 10.96
C PRO B 644 -23.82 -3.47 12.42
N SER B 645 -25.14 -3.59 12.64
CA SER B 645 -25.69 -3.64 13.99
C SER B 645 -25.25 -4.96 14.65
N GLY B 646 -24.70 -4.86 15.85
CA GLY B 646 -24.20 -6.01 16.60
C GLY B 646 -22.70 -6.03 16.78
N VAL B 647 -21.95 -5.16 16.07
CA VAL B 647 -20.49 -5.08 16.21
C VAL B 647 -20.18 -4.48 17.59
N PHE B 648 -20.87 -3.39 17.97
CA PHE B 648 -20.67 -2.73 19.26
C PHE B 648 -21.10 -3.63 20.41
N ASP B 649 -22.25 -4.31 20.29
CA ASP B 649 -22.71 -5.23 21.33
C ASP B 649 -21.77 -6.43 21.47
N GLY B 650 -21.20 -6.90 20.35
CA GLY B 650 -20.26 -8.02 20.34
C GLY B 650 -18.82 -7.67 20.65
N MET B 651 -18.55 -6.45 21.17
CA MET B 651 -17.19 -6.05 21.53
C MET B 651 -16.87 -6.55 22.97
N PRO B 652 -15.58 -6.73 23.35
CA PRO B 652 -15.29 -7.18 24.72
C PRO B 652 -15.65 -6.15 25.80
N PRO B 653 -15.88 -6.53 27.08
CA PRO B 653 -16.32 -5.54 28.07
C PRO B 653 -15.32 -4.47 28.50
N ASN B 654 -14.02 -4.81 28.65
CA ASN B 654 -13.01 -3.85 29.11
C ASN B 654 -12.26 -3.16 27.95
N LEU B 655 -12.93 -2.91 26.81
CA LEU B 655 -12.27 -2.27 25.66
C LEU B 655 -12.05 -0.77 25.91
N LYS B 656 -10.79 -0.36 26.11
CA LYS B 656 -10.44 1.05 26.37
C LYS B 656 -10.23 1.85 25.08
N ASN B 657 -9.33 1.40 24.17
CA ASN B 657 -9.08 2.14 22.92
C ASN B 657 -9.34 1.29 21.67
N LEU B 658 -10.13 1.86 20.73
CA LEU B 658 -10.57 1.23 19.49
C LEU B 658 -10.24 2.14 18.32
N SER B 659 -9.67 1.58 17.24
CA SER B 659 -9.35 2.35 16.05
C SER B 659 -10.08 1.81 14.82
N LEU B 660 -10.90 2.66 14.20
CA LEU B 660 -11.62 2.39 12.96
C LEU B 660 -11.08 3.34 11.86
N ALA B 661 -9.76 3.61 11.86
CA ALA B 661 -9.13 4.53 10.94
C ALA B 661 -8.95 3.94 9.53
N LYS B 662 -8.80 4.81 8.51
CA LYS B 662 -8.56 4.40 7.11
C LYS B 662 -9.48 3.26 6.64
N ASN B 663 -10.79 3.38 6.93
CA ASN B 663 -11.79 2.38 6.56
C ASN B 663 -12.76 2.84 5.46
N GLY B 664 -12.83 4.15 5.19
CA GLY B 664 -13.76 4.69 4.23
C GLY B 664 -15.17 4.71 4.78
N LEU B 665 -15.31 4.95 6.09
CA LEU B 665 -16.61 4.98 6.77
C LEU B 665 -17.42 6.17 6.29
N LYS B 666 -18.56 5.90 5.65
CA LYS B 666 -19.46 6.95 5.17
C LYS B 666 -20.50 7.34 6.25
N SER B 667 -20.83 6.41 7.16
CA SER B 667 -21.80 6.63 8.24
C SER B 667 -21.37 5.92 9.52
N PHE B 668 -21.85 6.42 10.67
CA PHE B 668 -21.51 5.85 11.97
C PHE B 668 -22.62 6.16 12.97
N ILE B 669 -23.29 5.14 13.51
CA ILE B 669 -24.36 5.36 14.49
C ILE B 669 -23.66 5.63 15.82
N TRP B 670 -23.46 6.91 16.14
CA TRP B 670 -22.77 7.33 17.36
C TRP B 670 -23.43 6.86 18.65
N GLU B 671 -24.77 6.69 18.63
CA GLU B 671 -25.52 6.22 19.81
C GLU B 671 -25.10 4.81 20.24
N LYS B 672 -24.56 3.99 19.32
CA LYS B 672 -24.13 2.63 19.63
C LYS B 672 -22.87 2.57 20.52
N LEU B 673 -22.20 3.71 20.79
CA LEU B 673 -21.02 3.73 21.67
C LEU B 673 -21.38 3.45 23.15
N ARG B 674 -22.68 3.44 23.51
CA ARG B 674 -23.15 3.17 24.87
C ARG B 674 -22.78 1.73 25.30
N TYR B 675 -22.74 0.78 24.35
CA TYR B 675 -22.36 -0.60 24.63
C TYR B 675 -20.91 -0.67 25.12
N LEU B 676 -20.03 0.13 24.52
CA LEU B 676 -18.62 0.17 24.91
C LEU B 676 -18.50 1.06 26.17
N LYS B 677 -18.81 0.48 27.34
CA LYS B 677 -18.84 1.23 28.61
C LYS B 677 -17.48 1.70 29.14
N ASN B 678 -16.37 1.06 28.78
CA ASN B 678 -15.03 1.47 29.25
C ASN B 678 -14.21 2.15 28.13
N LEU B 679 -14.88 2.79 27.15
CA LEU B 679 -14.17 3.43 26.04
C LEU B 679 -13.56 4.78 26.42
N GLU B 680 -12.25 4.92 26.20
CA GLU B 680 -11.50 6.15 26.49
C GLU B 680 -11.05 6.79 25.16
N THR B 681 -10.46 6.02 24.22
CA THR B 681 -10.02 6.58 22.93
C THR B 681 -10.80 5.95 21.78
N LEU B 682 -11.25 6.77 20.83
CA LEU B 682 -11.97 6.32 19.64
C LEU B 682 -11.31 7.02 18.46
N ASP B 683 -10.60 6.26 17.62
CA ASP B 683 -9.90 6.84 16.48
C ASP B 683 -10.64 6.56 15.17
N LEU B 684 -11.31 7.58 14.62
CA LEU B 684 -12.05 7.50 13.35
C LEU B 684 -11.38 8.38 12.29
N SER B 685 -10.05 8.44 12.29
CA SER B 685 -9.32 9.26 11.32
C SER B 685 -9.32 8.67 9.90
N HIS B 686 -9.12 9.53 8.89
CA HIS B 686 -9.05 9.16 7.48
C HIS B 686 -10.25 8.33 7.03
N ASN B 687 -11.45 8.90 7.21
CA ASN B 687 -12.71 8.28 6.83
C ASN B 687 -13.57 9.31 6.03
N GLN B 688 -14.79 8.95 5.59
CA GLN B 688 -15.65 9.86 4.83
C GLN B 688 -16.88 10.26 5.66
N LEU B 689 -16.71 10.50 6.98
CA LEU B 689 -17.82 10.88 7.85
C LEU B 689 -18.16 12.33 7.61
N THR B 690 -19.45 12.66 7.45
CA THR B 690 -19.91 14.02 7.16
C THR B 690 -20.47 14.74 8.39
N THR B 691 -21.03 14.00 9.38
CA THR B 691 -21.65 14.61 10.56
C THR B 691 -21.06 14.08 11.89
N VAL B 692 -21.25 14.87 12.96
CA VAL B 692 -20.86 14.57 14.34
C VAL B 692 -22.18 14.28 15.14
N PRO B 693 -22.17 13.62 16.33
CA PRO B 693 -23.46 13.37 17.02
C PRO B 693 -24.17 14.62 17.49
N GLU B 694 -25.50 14.55 17.68
CA GLU B 694 -26.29 15.68 18.15
C GLU B 694 -25.89 16.04 19.58
N ARG B 695 -25.66 15.01 20.43
CA ARG B 695 -25.18 15.19 21.81
C ARG B 695 -24.17 14.08 22.09
N LEU B 696 -22.87 14.41 22.14
CA LEU B 696 -21.81 13.44 22.41
C LEU B 696 -21.95 12.83 23.81
N SER B 697 -22.44 13.60 24.80
CA SER B 697 -22.66 13.10 26.16
C SER B 697 -23.67 11.96 26.18
N ASN B 698 -24.76 12.06 25.39
CA ASN B 698 -25.78 11.02 25.29
C ASN B 698 -25.26 9.73 24.55
N CYS B 699 -24.07 9.80 23.91
CA CYS B 699 -23.46 8.68 23.18
C CYS B 699 -22.50 7.88 24.06
N SER B 700 -21.64 8.55 24.84
CA SER B 700 -20.66 7.85 25.69
C SER B 700 -20.36 8.67 26.94
N ARG B 701 -20.40 8.02 28.11
CA ARG B 701 -20.11 8.65 29.40
C ARG B 701 -18.61 8.62 29.76
N SER B 702 -17.82 7.75 29.12
CA SER B 702 -16.39 7.56 29.44
C SER B 702 -15.41 8.11 28.40
N LEU B 703 -15.85 8.37 27.15
CA LEU B 703 -14.97 8.82 26.06
C LEU B 703 -14.13 10.06 26.42
N LYS B 704 -12.79 9.88 26.51
CA LYS B 704 -11.85 10.94 26.83
C LYS B 704 -11.20 11.56 25.57
N ASN B 705 -10.73 10.72 24.64
CA ASN B 705 -10.04 11.18 23.43
C ASN B 705 -10.81 10.77 22.17
N LEU B 706 -11.21 11.74 21.35
CA LEU B 706 -11.94 11.50 20.11
C LEU B 706 -11.13 12.06 18.96
N ILE B 707 -10.69 11.20 18.03
CA ILE B 707 -9.91 11.64 16.87
C ILE B 707 -10.78 11.54 15.62
N LEU B 708 -11.17 12.68 15.04
CA LEU B 708 -11.98 12.77 13.82
C LEU B 708 -11.21 13.48 12.69
N LYS B 709 -9.85 13.43 12.69
CA LYS B 709 -9.07 14.09 11.65
C LYS B 709 -9.24 13.43 10.28
N ASN B 710 -9.11 14.25 9.21
CA ASN B 710 -9.22 13.80 7.82
C ASN B 710 -10.57 13.14 7.51
N ASN B 711 -11.65 13.92 7.62
CA ASN B 711 -13.02 13.49 7.35
C ASN B 711 -13.75 14.59 6.52
N GLN B 712 -15.02 14.36 6.11
CA GLN B 712 -15.78 15.33 5.32
C GLN B 712 -16.77 16.13 6.19
N ILE B 713 -16.42 16.41 7.46
CA ILE B 713 -17.33 17.14 8.36
C ILE B 713 -17.35 18.61 7.95
N ARG B 714 -18.52 19.12 7.52
CA ARG B 714 -18.69 20.51 7.10
C ARG B 714 -19.25 21.41 8.21
N SER B 715 -19.98 20.84 9.17
CA SER B 715 -20.54 21.61 10.28
C SER B 715 -20.76 20.72 11.50
N LEU B 716 -20.75 21.32 12.70
CA LEU B 716 -21.00 20.59 13.93
C LEU B 716 -22.48 20.77 14.31
N THR B 717 -23.05 19.80 15.01
CA THR B 717 -24.45 19.87 15.43
C THR B 717 -24.66 20.97 16.47
N LYS B 718 -25.89 21.51 16.54
CA LYS B 718 -26.26 22.62 17.43
C LYS B 718 -25.69 22.52 18.85
N TYR B 719 -25.81 21.35 19.51
CA TYR B 719 -25.32 21.14 20.88
C TYR B 719 -24.37 19.92 20.94
N PHE B 720 -23.36 19.88 20.05
CA PHE B 720 -22.42 18.76 19.96
C PHE B 720 -21.71 18.40 21.30
N LEU B 721 -20.77 19.23 21.81
CA LEU B 721 -20.04 18.91 23.04
C LEU B 721 -20.74 19.45 24.29
N GLN B 722 -22.09 19.49 24.31
CA GLN B 722 -22.83 20.00 25.46
C GLN B 722 -22.85 18.94 26.54
N ASP B 723 -22.38 19.29 27.75
CA ASP B 723 -22.30 18.40 28.92
C ASP B 723 -21.36 17.19 28.73
N ALA B 724 -20.38 17.26 27.81
CA ALA B 724 -19.41 16.19 27.60
C ALA B 724 -18.16 16.53 28.43
N PHE B 725 -18.34 16.61 29.75
CA PHE B 725 -17.28 17.00 30.68
C PHE B 725 -16.11 16.01 30.80
N GLN B 726 -16.32 14.73 30.48
CA GLN B 726 -15.26 13.73 30.54
C GLN B 726 -14.22 13.86 29.40
N LEU B 727 -14.52 14.63 28.35
CA LEU B 727 -13.64 14.76 27.18
C LEU B 727 -12.39 15.59 27.50
N ARG B 728 -11.20 15.06 27.18
CA ARG B 728 -9.90 15.69 27.41
C ARG B 728 -9.07 15.89 26.13
N TYR B 729 -9.49 15.35 24.96
CA TYR B 729 -8.73 15.50 23.72
C TYR B 729 -9.67 15.33 22.52
N LEU B 730 -9.71 16.33 21.62
CA LEU B 730 -10.56 16.29 20.43
C LEU B 730 -9.79 16.78 19.22
N ASP B 731 -9.80 15.98 18.14
CA ASP B 731 -9.12 16.33 16.90
C ASP B 731 -10.14 16.47 15.78
N LEU B 732 -10.34 17.69 15.28
CA LEU B 732 -11.22 17.96 14.14
C LEU B 732 -10.41 18.59 12.98
N SER B 733 -9.10 18.28 12.89
CA SER B 733 -8.23 18.84 11.85
C SER B 733 -8.46 18.17 10.51
N SER B 734 -8.06 18.84 9.42
CA SER B 734 -8.20 18.35 8.05
C SER B 734 -9.64 17.94 7.73
N ASN B 735 -10.59 18.82 8.09
CA ASN B 735 -12.02 18.66 7.83
C ASN B 735 -12.49 19.91 7.02
N LYS B 736 -13.79 20.00 6.68
CA LYS B 736 -14.31 21.12 5.90
C LYS B 736 -15.27 21.97 6.74
N ILE B 737 -14.95 22.18 8.03
CA ILE B 737 -15.80 22.95 8.94
C ILE B 737 -15.66 24.44 8.65
N GLN B 738 -16.80 25.14 8.43
CA GLN B 738 -16.82 26.57 8.16
C GLN B 738 -17.10 27.41 9.41
N MET B 739 -18.10 27.01 10.22
CA MET B 739 -18.51 27.75 11.41
C MET B 739 -18.53 26.87 12.66
N ILE B 740 -18.21 27.47 13.81
CA ILE B 740 -18.24 26.81 15.12
C ILE B 740 -18.85 27.83 16.09
N GLN B 741 -20.02 27.53 16.66
CA GLN B 741 -20.71 28.43 17.59
C GLN B 741 -20.58 27.94 19.04
N LYS B 742 -20.87 28.83 20.01
CA LYS B 742 -20.77 28.54 21.45
C LYS B 742 -21.72 27.40 21.90
N THR B 743 -22.86 27.20 21.22
CA THR B 743 -23.79 26.13 21.59
C THR B 743 -23.17 24.76 21.29
N SER B 744 -22.47 24.64 20.16
CA SER B 744 -21.80 23.38 19.78
C SER B 744 -20.52 23.14 20.58
N PHE B 745 -19.83 24.22 20.97
CA PHE B 745 -18.55 24.19 21.67
C PHE B 745 -18.66 25.01 22.98
N PRO B 746 -19.32 24.51 24.05
CA PRO B 746 -19.41 25.31 25.29
C PRO B 746 -18.08 25.46 25.98
N GLU B 747 -17.85 26.62 26.62
CA GLU B 747 -16.58 26.93 27.28
C GLU B 747 -16.29 26.05 28.51
N ASN B 748 -17.32 25.67 29.28
CA ASN B 748 -17.12 24.79 30.45
C ASN B 748 -16.52 23.43 30.08
N VAL B 749 -16.80 22.93 28.85
CA VAL B 749 -16.28 21.67 28.35
C VAL B 749 -14.91 21.89 27.68
N LEU B 750 -14.73 23.00 26.95
CA LEU B 750 -13.47 23.30 26.26
C LEU B 750 -12.31 23.55 27.21
N ASN B 751 -12.54 24.26 28.33
CA ASN B 751 -11.46 24.61 29.26
C ASN B 751 -10.76 23.39 29.90
N ASN B 752 -11.46 22.26 30.03
CA ASN B 752 -10.87 21.04 30.59
C ASN B 752 -10.04 20.24 29.55
N LEU B 753 -10.00 20.66 28.27
CA LEU B 753 -9.27 19.90 27.25
C LEU B 753 -7.75 20.08 27.33
N LYS B 754 -7.01 18.96 27.23
CA LYS B 754 -5.54 18.98 27.22
C LYS B 754 -5.06 19.50 25.86
N MET B 755 -5.74 19.13 24.77
CA MET B 755 -5.42 19.59 23.42
C MET B 755 -6.67 19.54 22.53
N LEU B 756 -6.79 20.51 21.61
CA LEU B 756 -7.90 20.61 20.67
C LEU B 756 -7.29 21.01 19.33
N LEU B 757 -7.38 20.14 18.31
CA LEU B 757 -6.79 20.41 17.00
C LEU B 757 -7.87 20.83 16.01
N LEU B 758 -7.73 22.05 15.46
CA LEU B 758 -8.69 22.63 14.51
C LEU B 758 -8.02 23.07 13.19
N HIS B 759 -6.76 22.69 12.93
CA HIS B 759 -6.04 23.13 11.73
C HIS B 759 -6.54 22.50 10.44
N HIS B 760 -6.23 23.15 9.30
CA HIS B 760 -6.58 22.70 7.95
C HIS B 760 -8.09 22.50 7.77
N ASN B 761 -8.87 23.53 8.15
CA ASN B 761 -10.34 23.55 8.01
C ASN B 761 -10.74 24.69 7.04
N ARG B 762 -12.01 24.72 6.60
CA ARG B 762 -12.49 25.72 5.65
C ARG B 762 -13.21 26.87 6.38
N PHE B 763 -12.55 27.49 7.38
CA PHE B 763 -13.17 28.53 8.20
C PHE B 763 -13.54 29.81 7.47
N LEU B 764 -14.83 30.19 7.51
CA LEU B 764 -15.32 31.41 6.91
C LEU B 764 -15.31 32.46 8.02
N CYS B 765 -14.54 33.54 7.85
CA CYS B 765 -14.37 34.56 8.88
C CYS B 765 -15.21 35.82 8.65
N THR B 766 -16.54 35.68 8.81
CA THR B 766 -17.51 36.76 8.70
C THR B 766 -17.92 37.21 10.14
N CYS B 767 -18.87 38.17 10.28
CA CYS B 767 -19.32 38.61 11.60
C CYS B 767 -20.06 37.50 12.37
N ASP B 768 -20.55 36.45 11.69
CA ASP B 768 -21.18 35.32 12.37
C ASP B 768 -20.15 34.49 13.17
N ALA B 769 -18.88 34.49 12.75
CA ALA B 769 -17.80 33.78 13.45
C ALA B 769 -17.11 34.69 14.46
N VAL B 770 -17.85 35.62 15.09
CA VAL B 770 -17.29 36.59 16.05
C VAL B 770 -16.85 35.87 17.34
N TRP B 771 -17.60 34.85 17.81
CA TRP B 771 -17.26 34.12 19.02
C TRP B 771 -16.06 33.19 18.82
N PHE B 772 -16.03 32.42 17.72
CA PHE B 772 -14.95 31.48 17.46
C PHE B 772 -13.58 32.16 17.39
N VAL B 773 -13.50 33.30 16.69
CA VAL B 773 -12.24 34.03 16.54
C VAL B 773 -11.79 34.54 17.92
N TRP B 774 -12.71 35.14 18.70
CA TRP B 774 -12.37 35.65 20.03
C TRP B 774 -11.91 34.54 20.99
N TRP B 775 -12.63 33.40 21.05
CA TRP B 775 -12.24 32.31 21.95
C TRP B 775 -10.86 31.77 21.57
N VAL B 776 -10.63 31.49 20.28
CA VAL B 776 -9.34 30.97 19.79
C VAL B 776 -8.20 31.96 20.14
N GLN B 777 -8.45 33.27 20.03
CA GLN B 777 -7.43 34.28 20.36
C GLN B 777 -7.13 34.36 21.86
N HIS B 778 -8.16 34.30 22.73
CA HIS B 778 -8.00 34.46 24.17
C HIS B 778 -8.14 33.15 24.98
N THR B 779 -7.59 32.01 24.49
CA THR B 779 -7.68 30.74 25.25
C THR B 779 -6.32 30.15 25.59
N GLU B 780 -6.22 29.57 26.80
CA GLU B 780 -5.02 28.88 27.24
C GLU B 780 -5.02 27.39 26.77
N VAL B 781 -6.09 26.91 26.10
CA VAL B 781 -6.19 25.54 25.61
C VAL B 781 -5.21 25.35 24.47
N THR B 782 -4.46 24.25 24.50
CA THR B 782 -3.44 23.96 23.51
C THR B 782 -4.06 23.63 22.15
N ILE B 783 -3.91 24.53 21.17
CA ILE B 783 -4.42 24.32 19.81
C ILE B 783 -3.16 24.37 18.93
N PRO B 784 -2.61 23.23 18.44
CA PRO B 784 -1.38 23.31 17.64
C PRO B 784 -1.60 23.95 16.27
N TYR B 785 -0.51 24.52 15.72
CA TYR B 785 -0.49 25.17 14.41
C TYR B 785 -1.43 26.38 14.29
N LEU B 786 -1.62 27.17 15.36
CA LEU B 786 -2.53 28.33 15.33
C LEU B 786 -2.12 29.41 14.33
N ALA B 787 -0.85 29.83 14.38
CA ALA B 787 -0.33 30.90 13.53
C ALA B 787 0.39 30.36 12.29
N THR B 788 -0.13 29.27 11.69
CA THR B 788 0.44 28.69 10.47
C THR B 788 -0.58 27.86 9.64
N ASP B 789 -1.56 27.18 10.28
CA ASP B 789 -2.54 26.37 9.54
C ASP B 789 -3.99 26.47 10.10
N VAL B 790 -4.34 27.52 10.85
CA VAL B 790 -5.72 27.78 11.31
C VAL B 790 -6.04 29.08 10.56
N THR B 791 -6.47 28.92 9.29
CA THR B 791 -6.66 30.02 8.33
C THR B 791 -8.11 30.26 7.87
N CYS B 792 -8.41 31.53 7.54
CA CYS B 792 -9.69 31.96 6.98
C CYS B 792 -9.65 31.70 5.49
N VAL B 793 -10.58 30.89 4.96
CA VAL B 793 -10.67 30.68 3.50
C VAL B 793 -11.39 31.86 2.81
N GLY B 794 -12.22 32.60 3.54
CA GLY B 794 -12.93 33.76 3.03
C GLY B 794 -13.55 34.61 4.14
N PRO B 795 -14.24 35.74 3.84
CA PRO B 795 -14.49 36.36 2.52
C PRO B 795 -13.29 37.13 1.99
N GLY B 796 -13.31 37.45 0.69
CA GLY B 796 -12.28 38.17 -0.06
C GLY B 796 -11.04 38.68 0.66
N ALA B 797 -11.20 39.71 1.49
CA ALA B 797 -10.09 40.35 2.22
C ALA B 797 -9.33 39.40 3.16
N HIS B 798 -10.05 38.55 3.91
CA HIS B 798 -9.45 37.62 4.88
C HIS B 798 -8.97 36.29 4.27
N LYS B 799 -9.03 36.10 2.93
CA LYS B 799 -8.58 34.86 2.32
C LYS B 799 -7.08 34.67 2.54
N GLY B 800 -6.71 33.55 3.16
CA GLY B 800 -5.32 33.22 3.46
C GLY B 800 -4.77 33.81 4.74
N GLN B 801 -5.59 34.57 5.50
CA GLN B 801 -5.16 35.20 6.75
C GLN B 801 -5.43 34.28 7.94
N SER B 802 -4.55 34.29 8.96
CA SER B 802 -4.72 33.48 10.16
C SER B 802 -5.84 34.06 11.04
N VAL B 803 -6.59 33.19 11.75
CA VAL B 803 -7.67 33.66 12.62
C VAL B 803 -7.10 34.35 13.89
N ILE B 804 -5.86 34.00 14.32
CA ILE B 804 -5.23 34.58 15.50
C ILE B 804 -4.92 36.08 15.29
N SER B 805 -4.60 36.50 14.05
CA SER B 805 -4.28 37.89 13.72
C SER B 805 -5.47 38.62 13.06
N LEU B 806 -6.70 38.21 13.37
CA LEU B 806 -7.88 38.82 12.75
C LEU B 806 -8.46 39.92 13.66
N ASP B 807 -8.98 41.00 13.06
CA ASP B 807 -9.55 42.13 13.79
C ASP B 807 -10.97 42.40 13.30
N LEU B 808 -11.98 41.83 13.98
CA LEU B 808 -13.38 41.99 13.61
C LEU B 808 -14.03 43.13 14.42
N TYR B 809 -13.35 44.29 14.50
CA TYR B 809 -13.91 45.45 15.20
C TYR B 809 -15.10 46.05 14.43
N THR B 810 -15.15 45.86 13.09
CA THR B 810 -16.25 46.34 12.24
C THR B 810 -17.58 45.67 12.61
N CYS B 811 -17.54 44.42 13.14
CA CYS B 811 -18.73 43.71 13.57
C CYS B 811 -19.31 44.22 14.92
N GLU B 812 -18.78 45.34 15.47
CA GLU B 812 -19.25 45.89 16.74
C GLU B 812 -19.03 47.41 16.77
N LEU B 813 -19.92 48.15 16.09
CA LEU B 813 -19.86 49.61 16.02
C LEU B 813 -21.18 50.21 16.53
#